data_7ZBQ
#
_entry.id   7ZBQ
#
_entity_poly.entity_id   1
_entity_poly.type   'polypeptide(L)'
_entity_poly.pdbx_seq_one_letter_code
;MSTTSTNLQKKSFTLYRADNRSFEEMQSKFPEGFKAWTPLDTKMARQFASIFIGQKDTSNLPKETVKNISTWGAKPKLKD
LSNYIKYTKDKSTVWVSTAINTEAGGQSSGAPLHKIDMDLYEFAIDGQKLNPLPEGRTKNMVPSLLLDTPQIETSSIIAL
NHGPVNDAEISFLTTIPLKNVKPHKRGTLEVLFQ
;
_entity_poly.pdbx_strand_id   A
#
# COMPACT_ATOMS: atom_id res chain seq x y z
N THR A 6 16.64 15.53 5.98
CA THR A 6 15.66 14.46 5.89
C THR A 6 15.98 13.40 6.93
N ASN A 7 15.01 12.55 7.26
CA ASN A 7 15.19 11.54 8.28
C ASN A 7 14.67 10.19 7.83
N LEU A 8 15.55 9.21 7.80
CA LEU A 8 15.15 7.84 7.51
C LEU A 8 14.66 7.18 8.80
N GLN A 9 13.36 7.26 9.03
CA GLN A 9 12.78 6.79 10.27
C GLN A 9 11.46 6.08 10.01
N LYS A 10 11.27 4.94 10.69
CA LYS A 10 10.03 4.19 10.60
C LYS A 10 8.92 4.91 11.34
N LYS A 11 7.84 5.15 10.64
CA LYS A 11 6.67 5.76 11.23
C LYS A 11 5.70 4.66 11.64
N SER A 12 5.20 4.74 12.85
CA SER A 12 4.27 3.75 13.35
C SER A 12 2.88 3.97 12.75
N PHE A 13 2.51 3.10 11.82
CA PHE A 13 1.24 3.20 11.14
C PHE A 13 0.23 2.21 11.69
N THR A 14 -0.88 2.73 12.15
CA THR A 14 -2.00 1.89 12.52
C THR A 14 -3.08 2.01 11.46
N LEU A 15 -3.21 0.98 10.64
CA LEU A 15 -4.14 1.00 9.53
C LEU A 15 -5.35 0.15 9.84
N TYR A 16 -6.47 0.47 9.22
CA TYR A 16 -7.68 -0.29 9.41
C TYR A 16 -8.23 -0.79 8.10
N ARG A 17 -8.26 -2.10 7.96
CA ARG A 17 -8.79 -2.75 6.78
C ARG A 17 -10.28 -3.02 6.96
N ALA A 18 -11.10 -2.34 6.18
CA ALA A 18 -12.54 -2.55 6.21
C ALA A 18 -12.93 -3.66 5.25
N ASP A 19 -13.08 -4.85 5.79
CA ASP A 19 -13.42 -6.03 5.00
C ASP A 19 -13.81 -7.14 5.95
N ASN A 20 -14.95 -7.78 5.72
CA ASN A 20 -15.43 -8.75 6.67
C ASN A 20 -14.57 -10.01 6.60
N ARG A 21 -13.95 -10.31 7.74
CA ARG A 21 -13.09 -11.47 7.90
C ARG A 21 -13.13 -11.87 9.37
N SER A 22 -13.08 -13.15 9.65
CA SER A 22 -12.97 -13.59 11.04
C SER A 22 -11.49 -13.66 11.41
N PHE A 23 -11.16 -13.35 12.66
CA PHE A 23 -9.77 -13.33 13.08
C PHE A 23 -9.17 -14.73 13.01
N GLU A 24 -9.92 -15.70 13.49
CA GLU A 24 -9.49 -17.10 13.45
C GLU A 24 -9.45 -17.59 12.02
N GLU A 25 -10.30 -17.00 11.18
CA GLU A 25 -10.31 -17.30 9.76
C GLU A 25 -9.05 -16.77 9.11
N MET A 26 -8.58 -15.62 9.57
CA MET A 26 -7.33 -15.06 9.09
C MET A 26 -6.16 -15.93 9.52
N GLN A 27 -6.32 -16.60 10.65
CA GLN A 27 -5.30 -17.51 11.15
C GLN A 27 -5.26 -18.80 10.34
N SER A 28 -6.43 -19.25 9.92
CA SER A 28 -6.56 -20.53 9.22
C SER A 28 -6.48 -20.36 7.70
N LYS A 29 -7.37 -19.55 7.15
CA LYS A 29 -7.53 -19.45 5.71
C LYS A 29 -6.44 -18.58 5.09
N PHE A 30 -5.92 -17.64 5.86
CA PHE A 30 -4.94 -16.70 5.34
C PHE A 30 -3.73 -16.63 6.27
N PRO A 31 -3.03 -17.76 6.51
CA PRO A 31 -1.95 -17.81 7.51
C PRO A 31 -0.76 -16.92 7.14
N GLU A 32 -0.69 -16.56 5.86
CA GLU A 32 0.37 -15.69 5.38
C GLU A 32 0.04 -14.23 5.67
N GLY A 33 -1.18 -13.83 5.30
CA GLY A 33 -1.59 -12.46 5.48
C GLY A 33 -2.87 -12.16 4.71
N PHE A 34 -3.31 -10.91 4.72
CA PHE A 34 -4.49 -10.50 3.97
C PHE A 34 -4.24 -10.66 2.47
N LYS A 35 -5.17 -11.31 1.80
CA LYS A 35 -5.06 -11.52 0.37
C LYS A 35 -6.10 -10.66 -0.35
N ALA A 36 -5.68 -9.99 -1.41
CA ALA A 36 -6.59 -9.22 -2.24
C ALA A 36 -7.34 -10.16 -3.18
N TRP A 37 -8.23 -9.63 -4.01
CA TRP A 37 -8.96 -10.46 -4.96
C TRP A 37 -7.96 -11.14 -5.88
N THR A 38 -7.04 -10.36 -6.40
CA THR A 38 -5.89 -10.89 -7.13
C THR A 38 -4.62 -10.48 -6.38
N PRO A 39 -4.17 -11.33 -5.44
CA PRO A 39 -3.05 -11.01 -4.56
C PRO A 39 -1.70 -11.06 -5.25
N LEU A 40 -0.70 -10.45 -4.64
CA LEU A 40 0.63 -10.43 -5.20
C LEU A 40 1.65 -10.75 -4.13
N ASP A 41 2.77 -11.31 -4.56
CA ASP A 41 3.81 -11.77 -3.65
C ASP A 41 4.76 -10.63 -3.27
N THR A 42 5.57 -10.84 -2.25
CA THR A 42 6.56 -9.86 -1.81
C THR A 42 7.39 -9.35 -3.00
N LYS A 43 7.76 -10.27 -3.87
CA LYS A 43 8.55 -9.93 -5.05
C LYS A 43 7.78 -8.97 -5.95
N MET A 44 6.50 -9.27 -6.15
CA MET A 44 5.67 -8.48 -7.04
C MET A 44 5.47 -7.07 -6.50
N ALA A 45 5.54 -6.93 -5.19
CA ALA A 45 5.40 -5.65 -4.54
C ALA A 45 6.55 -4.72 -4.93
N ARG A 46 7.77 -5.22 -4.83
CA ARG A 46 8.95 -4.43 -5.17
C ARG A 46 9.06 -4.25 -6.68
N GLN A 47 8.47 -5.19 -7.42
CA GLN A 47 8.40 -5.08 -8.88
C GLN A 47 7.46 -3.94 -9.26
N PHE A 48 6.45 -3.73 -8.43
CA PHE A 48 5.45 -2.70 -8.67
C PHE A 48 6.04 -1.31 -8.39
N ALA A 49 6.43 -1.08 -7.14
CA ALA A 49 6.86 0.25 -6.71
C ALA A 49 8.17 0.68 -7.37
N SER A 50 8.92 -0.27 -7.90
CA SER A 50 10.20 0.03 -8.54
C SER A 50 10.04 0.99 -9.72
N ILE A 51 8.83 1.03 -10.29
CA ILE A 51 8.56 1.86 -11.46
C ILE A 51 8.83 3.33 -11.19
N PHE A 52 8.63 3.76 -9.95
CA PHE A 52 8.72 5.17 -9.61
C PHE A 52 10.17 5.65 -9.64
N ILE A 53 11.11 4.74 -9.43
CA ILE A 53 12.52 5.10 -9.42
C ILE A 53 13.20 4.70 -10.73
N GLY A 54 12.39 4.38 -11.74
CA GLY A 54 12.92 4.11 -13.05
C GLY A 54 13.20 2.64 -13.31
N GLN A 55 12.28 1.79 -12.88
CA GLN A 55 12.38 0.37 -13.16
C GLN A 55 11.08 -0.11 -13.82
N LYS A 56 11.18 -1.11 -14.67
CA LYS A 56 10.01 -1.63 -15.36
C LYS A 56 9.97 -3.14 -15.24
N ASP A 57 10.24 -3.63 -14.04
CA ASP A 57 10.34 -5.06 -13.77
C ASP A 57 8.98 -5.59 -13.31
N THR A 58 7.92 -5.04 -13.89
CA THR A 58 6.55 -5.39 -13.51
C THR A 58 6.11 -6.72 -14.11
N SER A 59 6.97 -7.72 -14.01
CA SER A 59 6.68 -9.03 -14.56
C SER A 59 5.78 -9.83 -13.62
N ASN A 60 4.86 -10.60 -14.21
CA ASN A 60 3.95 -11.48 -13.47
C ASN A 60 2.81 -10.69 -12.82
N LEU A 61 2.96 -9.38 -12.71
CA LEU A 61 1.90 -8.52 -12.20
C LEU A 61 0.70 -8.56 -13.14
N PRO A 62 -0.53 -8.43 -12.58
CA PRO A 62 -1.78 -8.48 -13.36
C PRO A 62 -1.75 -7.57 -14.58
N LYS A 63 -2.32 -8.07 -15.67
CA LYS A 63 -2.37 -7.37 -16.94
C LYS A 63 -3.10 -6.04 -16.79
N GLU A 64 -4.13 -6.03 -15.95
CA GLU A 64 -4.89 -4.81 -15.67
C GLU A 64 -4.00 -3.77 -14.98
N THR A 65 -3.13 -4.24 -14.11
CA THR A 65 -2.25 -3.37 -13.37
C THR A 65 -1.16 -2.79 -14.27
N VAL A 66 -0.48 -3.67 -15.00
CA VAL A 66 0.58 -3.24 -15.90
C VAL A 66 0.04 -2.36 -17.03
N LYS A 67 -1.20 -2.64 -17.43
CA LYS A 67 -1.90 -1.80 -18.39
C LYS A 67 -1.88 -0.35 -17.95
N ASN A 68 -2.23 -0.13 -16.69
CA ASN A 68 -2.24 1.21 -16.12
C ASN A 68 -0.82 1.74 -15.94
N ILE A 69 0.06 0.88 -15.45
CA ILE A 69 1.45 1.26 -15.18
C ILE A 69 2.14 1.78 -16.43
N SER A 70 1.95 1.07 -17.54
CA SER A 70 2.61 1.43 -18.79
C SER A 70 2.01 2.70 -19.39
N THR A 71 0.76 2.98 -19.07
CA THR A 71 0.07 4.13 -19.64
C THR A 71 0.32 5.40 -18.82
N TRP A 72 1.00 5.25 -17.68
CA TRP A 72 1.47 6.41 -16.94
C TRP A 72 2.71 6.98 -17.60
N GLY A 73 3.34 6.16 -18.44
CA GLY A 73 4.53 6.57 -19.14
C GLY A 73 5.76 5.89 -18.60
N ALA A 74 6.92 6.45 -18.89
CA ALA A 74 8.18 5.91 -18.41
C ALA A 74 8.63 6.64 -17.16
N LYS A 75 7.80 7.56 -16.69
CA LYS A 75 8.11 8.36 -15.51
C LYS A 75 6.91 8.41 -14.56
N PRO A 76 6.58 7.28 -13.92
CA PRO A 76 5.46 7.19 -12.99
C PRO A 76 5.84 7.68 -11.60
N LYS A 77 4.92 8.39 -10.95
CA LYS A 77 5.13 8.87 -9.60
C LYS A 77 4.04 8.36 -8.67
N LEU A 78 4.11 8.71 -7.40
CA LEU A 78 3.13 8.24 -6.42
C LEU A 78 1.73 8.69 -6.83
N LYS A 79 1.66 9.91 -7.35
CA LYS A 79 0.39 10.51 -7.77
C LYS A 79 -0.32 9.64 -8.81
N ASP A 80 0.45 9.07 -9.72
CA ASP A 80 -0.11 8.30 -10.82
C ASP A 80 -0.79 7.05 -10.30
N LEU A 81 -0.15 6.39 -9.36
CA LEU A 81 -0.72 5.22 -8.71
C LEU A 81 -1.83 5.63 -7.75
N SER A 82 -1.65 6.78 -7.11
CA SER A 82 -2.65 7.33 -6.20
C SER A 82 -3.97 7.54 -6.95
N ASN A 83 -3.88 8.12 -8.14
CA ASN A 83 -5.05 8.32 -8.98
C ASN A 83 -5.68 6.97 -9.33
N TYR A 84 -4.84 6.06 -9.79
CA TYR A 84 -5.28 4.70 -10.14
C TYR A 84 -6.06 4.07 -9.00
N ILE A 85 -5.50 4.10 -7.81
CA ILE A 85 -6.12 3.49 -6.64
C ILE A 85 -7.36 4.26 -6.20
N LYS A 86 -7.31 5.58 -6.34
CA LYS A 86 -8.42 6.43 -5.91
C LYS A 86 -9.67 6.16 -6.74
N TYR A 87 -9.47 5.91 -8.03
CA TYR A 87 -10.59 5.73 -8.95
C TYR A 87 -10.89 4.26 -9.20
N THR A 88 -10.09 3.37 -8.62
CA THR A 88 -10.26 1.94 -8.85
C THR A 88 -10.35 1.16 -7.54
N LYS A 89 -11.51 0.55 -7.30
CA LYS A 89 -11.72 -0.32 -6.14
C LYS A 89 -12.28 -1.67 -6.59
N ASP A 90 -11.96 -2.06 -7.81
CA ASP A 90 -12.51 -3.27 -8.41
C ASP A 90 -11.74 -4.53 -7.99
N LYS A 91 -12.02 -5.63 -8.67
CA LYS A 91 -11.41 -6.91 -8.34
C LYS A 91 -9.94 -6.93 -8.73
N SER A 92 -9.65 -6.53 -9.97
CA SER A 92 -8.30 -6.55 -10.49
C SER A 92 -7.51 -5.33 -10.01
N THR A 93 -7.46 -5.15 -8.71
CA THR A 93 -6.76 -4.03 -8.11
C THR A 93 -5.36 -4.41 -7.64
N VAL A 94 -5.26 -5.61 -7.04
CA VAL A 94 -4.00 -6.19 -6.55
C VAL A 94 -3.62 -5.64 -5.17
N TRP A 95 -4.05 -4.43 -4.87
CA TRP A 95 -3.69 -3.78 -3.61
C TRP A 95 -4.73 -4.04 -2.52
N VAL A 96 -4.28 -3.95 -1.28
CA VAL A 96 -5.16 -4.06 -0.13
C VAL A 96 -5.32 -2.68 0.50
N SER A 97 -6.44 -2.03 0.22
CA SER A 97 -6.66 -0.67 0.67
C SER A 97 -7.01 -0.64 2.17
N THR A 98 -6.26 0.17 2.91
CA THR A 98 -6.52 0.38 4.31
C THR A 98 -6.52 1.88 4.61
N ALA A 99 -6.90 2.26 5.80
CA ALA A 99 -6.90 3.67 6.18
C ALA A 99 -6.19 3.88 7.49
N ILE A 100 -5.63 5.07 7.68
CA ILE A 100 -4.94 5.42 8.92
C ILE A 100 -5.96 5.81 9.99
N ASN A 101 -7.21 5.52 9.70
CA ASN A 101 -8.32 5.76 10.61
C ASN A 101 -9.46 4.82 10.26
N THR A 102 -10.48 4.77 11.08
CA THR A 102 -11.60 3.88 10.85
C THR A 102 -12.68 4.58 10.03
N GLU A 103 -12.31 5.69 9.42
CA GLU A 103 -13.27 6.51 8.70
C GLU A 103 -13.15 6.25 7.20
N ALA A 104 -11.94 6.41 6.67
CA ALA A 104 -11.70 6.29 5.24
C ALA A 104 -11.56 4.83 4.82
N GLY A 105 -11.78 3.92 5.76
CA GLY A 105 -11.69 2.51 5.46
C GLY A 105 -12.78 2.04 4.51
N GLY A 106 -13.96 2.65 4.62
CA GLY A 106 -15.07 2.27 3.79
C GLY A 106 -15.72 0.97 4.24
N GLN A 107 -16.43 1.02 5.36
CA GLN A 107 -17.09 -0.17 5.90
C GLN A 107 -18.38 -0.43 5.15
N SER A 108 -18.45 -1.58 4.50
CA SER A 108 -19.64 -2.00 3.78
C SER A 108 -20.68 -2.51 4.76
N SER A 109 -21.49 -1.59 5.30
CA SER A 109 -22.55 -1.93 6.25
C SER A 109 -21.98 -2.60 7.49
N GLY A 110 -21.16 -1.86 8.22
CA GLY A 110 -20.58 -2.39 9.44
C GLY A 110 -19.61 -3.53 9.18
N ALA A 111 -18.89 -3.44 8.06
CA ALA A 111 -17.87 -4.42 7.73
C ALA A 111 -16.75 -4.35 8.75
N PRO A 112 -16.41 -5.50 9.35
CA PRO A 112 -15.39 -5.58 10.41
C PRO A 112 -14.06 -4.93 10.00
N LEU A 113 -13.59 -4.05 10.87
CA LEU A 113 -12.32 -3.39 10.67
C LEU A 113 -11.22 -4.21 11.32
N HIS A 114 -10.05 -4.20 10.70
CA HIS A 114 -8.92 -4.92 11.23
C HIS A 114 -7.79 -3.95 11.52
N LYS A 115 -7.17 -4.09 12.68
CA LYS A 115 -6.12 -3.17 13.08
C LYS A 115 -4.76 -3.66 12.59
N ILE A 116 -4.28 -3.08 11.51
CA ILE A 116 -2.95 -3.38 11.02
C ILE A 116 -1.96 -2.45 11.68
N ASP A 117 -0.95 -3.02 12.31
CA ASP A 117 0.01 -2.23 13.08
C ASP A 117 1.42 -2.45 12.55
N MET A 118 1.98 -1.42 11.93
CA MET A 118 3.31 -1.54 11.31
C MET A 118 4.17 -0.32 11.60
N ASP A 119 5.46 -0.47 11.36
CA ASP A 119 6.40 0.64 11.40
C ASP A 119 7.04 0.80 10.04
N LEU A 120 6.56 1.77 9.29
CA LEU A 120 6.91 1.91 7.88
C LEU A 120 7.56 3.26 7.62
N TYR A 121 8.54 3.25 6.74
CA TYR A 121 9.19 4.49 6.33
C TYR A 121 8.29 5.26 5.38
N GLU A 122 8.22 6.55 5.56
CA GLU A 122 7.43 7.41 4.70
C GLU A 122 8.33 8.01 3.62
N PHE A 123 8.10 7.62 2.36
CA PHE A 123 8.95 8.08 1.27
C PHE A 123 8.19 8.88 0.24
N ALA A 124 8.95 9.62 -0.56
CA ALA A 124 8.43 10.34 -1.69
C ALA A 124 9.38 10.17 -2.87
N ILE A 125 8.89 10.39 -4.07
CA ILE A 125 9.70 10.24 -5.26
C ILE A 125 9.98 11.59 -5.88
N ASP A 126 11.25 11.95 -5.94
CA ASP A 126 11.66 13.22 -6.54
C ASP A 126 12.71 12.97 -7.61
N GLY A 127 12.35 13.20 -8.86
CA GLY A 127 13.25 12.91 -9.96
C GLY A 127 13.57 11.43 -10.02
N GLN A 128 12.58 10.62 -9.67
CA GLN A 128 12.70 9.16 -9.61
C GLN A 128 13.73 8.75 -8.55
N LYS A 129 13.83 9.55 -7.50
CA LYS A 129 14.67 9.22 -6.36
C LYS A 129 13.80 9.02 -5.13
N LEU A 130 14.17 8.04 -4.31
CA LEU A 130 13.40 7.69 -3.13
C LEU A 130 13.86 8.52 -1.94
N ASN A 131 13.08 9.53 -1.58
CA ASN A 131 13.44 10.44 -0.49
C ASN A 131 12.43 10.32 0.65
N PRO A 132 12.89 10.21 1.90
CA PRO A 132 11.99 10.12 3.05
C PRO A 132 11.22 11.41 3.29
N LEU A 133 10.03 11.29 3.87
CA LEU A 133 9.19 12.45 4.20
C LEU A 133 9.07 12.66 5.70
N PRO A 134 10.06 13.27 6.35
CA PRO A 134 9.99 13.56 7.78
C PRO A 134 9.10 14.76 8.08
N GLU A 135 8.77 15.49 7.02
CA GLU A 135 7.99 16.73 7.15
C GLU A 135 6.50 16.46 7.28
N GLY A 136 6.02 15.40 6.65
CA GLY A 136 4.59 15.10 6.67
C GLY A 136 4.26 13.78 6.01
N ARG A 137 2.97 13.48 5.94
CA ARG A 137 2.50 12.20 5.40
C ARG A 137 2.27 12.31 3.89
N THR A 138 2.01 13.52 3.42
CA THR A 138 1.76 13.76 2.01
C THR A 138 1.70 15.25 1.74
N LYS A 139 2.03 15.67 0.53
CA LYS A 139 1.98 17.06 0.17
C LYS A 139 1.10 17.25 -1.07
N ASN A 140 -0.19 17.45 -0.83
CA ASN A 140 -1.22 17.59 -1.87
C ASN A 140 -1.07 16.57 -3.01
N MET A 141 -0.35 16.92 -4.07
CA MET A 141 -0.21 16.04 -5.23
C MET A 141 0.97 15.08 -5.08
N VAL A 142 1.59 15.10 -3.91
CA VAL A 142 2.70 14.20 -3.63
C VAL A 142 2.35 13.24 -2.49
N PRO A 143 1.79 12.07 -2.83
CA PRO A 143 1.54 10.98 -1.86
C PRO A 143 2.84 10.35 -1.39
N SER A 144 2.74 9.49 -0.39
CA SER A 144 3.92 8.86 0.18
C SER A 144 3.97 7.37 -0.11
N LEU A 145 5.17 6.88 -0.34
CA LEU A 145 5.39 5.46 -0.52
C LEU A 145 5.89 4.87 0.78
N LEU A 146 5.14 3.92 1.32
CA LEU A 146 5.48 3.33 2.60
C LEU A 146 6.25 2.04 2.41
N LEU A 147 7.43 1.99 2.99
CA LEU A 147 8.29 0.82 2.88
C LEU A 147 8.71 0.35 4.27
N ASP A 148 8.77 -0.95 4.46
CA ASP A 148 9.26 -1.52 5.70
C ASP A 148 10.78 -1.46 5.73
N THR A 149 11.37 -1.48 4.55
CA THR A 149 12.81 -1.40 4.41
C THR A 149 13.15 -0.18 3.53
N PRO A 150 14.20 0.58 3.92
CA PRO A 150 14.56 1.86 3.28
C PRO A 150 14.63 1.83 1.75
N GLN A 151 14.77 0.67 1.14
CA GLN A 151 14.81 0.58 -0.32
C GLN A 151 13.69 -0.32 -0.84
N ILE A 152 13.15 0.01 -1.99
CA ILE A 152 12.02 -0.72 -2.56
C ILE A 152 12.32 -2.20 -2.72
N GLU A 153 13.39 -2.51 -3.46
CA GLU A 153 13.73 -3.89 -3.78
C GLU A 153 14.27 -4.66 -2.59
N THR A 154 14.34 -4.02 -1.43
CA THR A 154 14.77 -4.71 -0.22
C THR A 154 13.65 -4.79 0.81
N SER A 155 12.53 -4.14 0.50
CA SER A 155 11.39 -4.08 1.41
C SER A 155 10.44 -5.24 1.16
N SER A 156 9.89 -5.78 2.24
CA SER A 156 8.91 -6.86 2.13
C SER A 156 7.50 -6.32 2.25
N ILE A 157 7.37 -5.09 2.71
CA ILE A 157 6.08 -4.43 2.81
C ILE A 157 6.11 -3.12 2.05
N ILE A 158 5.25 -3.00 1.05
CA ILE A 158 5.18 -1.78 0.26
C ILE A 158 3.74 -1.31 0.15
N ALA A 159 3.50 -0.04 0.43
CA ALA A 159 2.16 0.51 0.36
C ALA A 159 2.17 1.92 -0.21
N LEU A 160 1.13 2.24 -0.96
CA LEU A 160 0.99 3.58 -1.52
C LEU A 160 0.00 4.38 -0.68
N ASN A 161 0.53 5.30 0.09
CA ASN A 161 -0.28 6.09 1.00
C ASN A 161 -0.67 7.41 0.38
N HIS A 162 -1.96 7.68 0.32
CA HIS A 162 -2.43 8.96 -0.16
C HIS A 162 -3.68 9.38 0.61
N GLY A 163 -3.72 10.64 0.99
CA GLY A 163 -4.92 11.18 1.60
C GLY A 163 -4.74 12.64 1.96
N PRO A 164 -5.61 13.15 2.84
CA PRO A 164 -5.30 14.34 3.64
C PRO A 164 -4.30 13.99 4.74
N VAL A 165 -4.20 14.82 5.78
CA VAL A 165 -3.21 14.58 6.83
C VAL A 165 -3.58 13.41 7.73
N ASN A 166 -4.84 13.33 8.13
CA ASN A 166 -5.28 12.32 9.10
C ASN A 166 -6.21 11.31 8.46
N ASP A 167 -6.55 11.54 7.20
CA ASP A 167 -7.45 10.65 6.48
C ASP A 167 -6.70 9.94 5.37
N ALA A 168 -5.44 9.64 5.65
CA ALA A 168 -4.57 8.96 4.71
C ALA A 168 -5.06 7.55 4.39
N GLU A 169 -5.15 7.24 3.11
CA GLU A 169 -5.53 5.92 2.66
C GLU A 169 -4.28 5.15 2.24
N ILE A 170 -3.95 4.14 3.01
CA ILE A 170 -2.75 3.34 2.77
C ILE A 170 -3.12 2.10 1.96
N SER A 171 -2.74 2.10 0.69
CA SER A 171 -3.04 0.98 -0.18
C SER A 171 -1.84 0.06 -0.29
N PHE A 172 -1.88 -1.06 0.43
CA PHE A 172 -0.77 -2.00 0.44
C PHE A 172 -0.62 -2.68 -0.91
N LEU A 173 0.56 -2.59 -1.48
CA LEU A 173 0.88 -3.27 -2.73
C LEU A 173 1.53 -4.61 -2.40
N THR A 174 1.20 -5.12 -1.24
CA THR A 174 1.78 -6.35 -0.74
C THR A 174 0.77 -7.08 0.13
N THR A 175 0.85 -8.40 0.16
CA THR A 175 0.05 -9.19 1.07
C THR A 175 0.39 -8.80 2.50
N ILE A 176 -0.57 -8.18 3.19
CA ILE A 176 -0.36 -7.71 4.56
C ILE A 176 -0.04 -8.87 5.49
N PRO A 177 1.19 -8.91 6.04
CA PRO A 177 1.62 -10.00 6.93
C PRO A 177 0.66 -10.25 8.08
N LEU A 178 0.39 -11.53 8.31
CA LEU A 178 -0.55 -11.96 9.34
C LEU A 178 0.03 -11.69 10.73
N LYS A 179 1.29 -11.29 10.77
CA LYS A 179 1.95 -10.94 12.03
C LYS A 179 1.57 -9.52 12.45
N ASN A 180 1.09 -8.72 11.51
CA ASN A 180 0.80 -7.32 11.78
C ASN A 180 -0.69 -7.08 12.00
N VAL A 181 -1.50 -8.11 11.83
CA VAL A 181 -2.93 -7.97 12.04
C VAL A 181 -3.27 -8.12 13.51
N LYS A 182 -3.87 -7.08 14.07
CA LYS A 182 -4.27 -7.09 15.46
C LYS A 182 -5.77 -6.92 15.56
N PRO A 183 -6.39 -7.53 16.58
CA PRO A 183 -7.84 -7.55 16.75
C PRO A 183 -8.44 -6.16 16.96
N HIS A 184 -9.64 -5.98 16.44
CA HIS A 184 -10.39 -4.74 16.61
C HIS A 184 -11.74 -5.07 17.23
N LYS A 185 -12.41 -4.06 17.79
CA LYS A 185 -13.73 -4.23 18.39
C LYS A 185 -14.68 -5.01 17.49
N THR A 6 17.45 14.35 4.85
CA THR A 6 16.19 13.64 5.01
C THR A 6 16.37 12.44 5.96
N ASN A 7 15.84 12.59 7.16
CA ASN A 7 15.98 11.56 8.19
C ASN A 7 15.28 10.28 7.79
N LEU A 8 16.01 9.18 7.84
CA LEU A 8 15.50 7.88 7.48
C LEU A 8 14.90 7.20 8.70
N GLN A 9 13.60 7.31 8.85
CA GLN A 9 12.92 6.74 10.00
C GLN A 9 11.55 6.20 9.58
N LYS A 10 11.00 5.34 10.42
CA LYS A 10 9.69 4.75 10.14
C LYS A 10 8.60 5.49 10.87
N LYS A 11 7.45 5.57 10.23
CA LYS A 11 6.28 6.18 10.83
C LYS A 11 5.34 5.10 11.34
N SER A 12 4.87 5.27 12.56
CA SER A 12 3.97 4.31 13.16
C SER A 12 2.57 4.44 12.59
N PHE A 13 2.23 3.52 11.69
CA PHE A 13 0.94 3.52 11.04
C PHE A 13 0.00 2.49 11.66
N THR A 14 -1.18 2.96 12.05
CA THR A 14 -2.24 2.08 12.45
C THR A 14 -3.34 2.12 11.40
N LEU A 15 -3.44 1.06 10.61
CA LEU A 15 -4.39 1.04 9.51
C LEU A 15 -5.57 0.15 9.85
N TYR A 16 -6.72 0.50 9.32
CA TYR A 16 -7.92 -0.28 9.54
C TYR A 16 -8.45 -0.82 8.23
N ARG A 17 -8.46 -2.14 8.12
CA ARG A 17 -9.00 -2.81 6.95
C ARG A 17 -10.43 -3.25 7.22
N ALA A 18 -11.39 -2.51 6.68
CA ALA A 18 -12.78 -2.89 6.79
C ALA A 18 -13.11 -3.93 5.74
N ASP A 19 -13.07 -5.18 6.15
CA ASP A 19 -13.25 -6.32 5.26
C ASP A 19 -13.65 -7.52 6.08
N ASN A 20 -14.74 -8.20 5.73
CA ASN A 20 -15.24 -9.25 6.59
C ASN A 20 -14.33 -10.46 6.54
N ARG A 21 -13.75 -10.75 7.69
CA ARG A 21 -12.88 -11.90 7.90
C ARG A 21 -12.94 -12.24 9.38
N SER A 22 -12.87 -13.50 9.73
CA SER A 22 -12.74 -13.85 11.14
C SER A 22 -11.27 -13.89 11.51
N PHE A 23 -10.94 -13.53 12.74
CA PHE A 23 -9.55 -13.51 13.16
C PHE A 23 -8.98 -14.92 13.17
N GLU A 24 -9.76 -15.85 13.69
CA GLU A 24 -9.42 -17.27 13.66
C GLU A 24 -9.29 -17.76 12.22
N GLU A 25 -10.11 -17.19 11.34
CA GLU A 25 -10.09 -17.52 9.93
C GLU A 25 -8.78 -17.03 9.30
N MET A 26 -8.34 -15.86 9.73
CA MET A 26 -7.08 -15.30 9.25
C MET A 26 -5.91 -16.15 9.75
N GLN A 27 -6.12 -16.90 10.81
CA GLN A 27 -5.07 -17.73 11.37
C GLN A 27 -4.96 -19.05 10.61
N SER A 28 -6.07 -19.51 10.05
CA SER A 28 -6.11 -20.80 9.39
C SER A 28 -6.16 -20.67 7.87
N LYS A 29 -7.06 -19.84 7.37
CA LYS A 29 -7.30 -19.73 5.94
C LYS A 29 -6.30 -18.79 5.28
N PHE A 30 -5.84 -17.79 6.02
CA PHE A 30 -4.93 -16.79 5.49
C PHE A 30 -3.73 -16.57 6.41
N PRO A 31 -2.97 -17.63 6.76
CA PRO A 31 -1.87 -17.53 7.72
C PRO A 31 -0.74 -16.63 7.21
N GLU A 32 -0.78 -16.33 5.92
CA GLU A 32 0.19 -15.44 5.30
C GLU A 32 -0.21 -13.99 5.56
N GLY A 33 -1.43 -13.65 5.18
CA GLY A 33 -1.91 -12.29 5.37
C GLY A 33 -3.18 -12.02 4.59
N PHE A 34 -3.63 -10.75 4.62
CA PHE A 34 -4.78 -10.33 3.84
C PHE A 34 -4.47 -10.43 2.36
N LYS A 35 -5.38 -11.03 1.61
CA LYS A 35 -5.19 -11.22 0.19
C LYS A 35 -6.35 -10.57 -0.57
N ALA A 36 -6.01 -9.86 -1.63
CA ALA A 36 -7.03 -9.24 -2.48
C ALA A 36 -7.57 -10.24 -3.49
N TRP A 37 -8.40 -9.79 -4.41
CA TRP A 37 -8.90 -10.65 -5.47
C TRP A 37 -7.73 -11.20 -6.28
N THR A 38 -6.79 -10.32 -6.58
CA THR A 38 -5.53 -10.72 -7.17
C THR A 38 -4.39 -10.07 -6.37
N PRO A 39 -3.89 -10.78 -5.34
CA PRO A 39 -2.93 -10.22 -4.40
C PRO A 39 -1.50 -10.23 -4.93
N LEU A 40 -0.74 -9.21 -4.55
CA LEU A 40 0.67 -9.13 -4.90
C LEU A 40 1.52 -9.83 -3.86
N ASP A 41 2.48 -10.60 -4.33
CA ASP A 41 3.47 -11.24 -3.46
C ASP A 41 4.55 -10.23 -3.11
N THR A 42 5.33 -10.50 -2.07
CA THR A 42 6.40 -9.59 -1.65
C THR A 42 7.32 -9.24 -2.82
N LYS A 43 7.60 -10.24 -3.66
CA LYS A 43 8.44 -10.02 -4.84
C LYS A 43 7.74 -9.08 -5.83
N MET A 44 6.44 -9.28 -6.00
CA MET A 44 5.68 -8.51 -6.96
C MET A 44 5.50 -7.08 -6.48
N ALA A 45 5.42 -6.92 -5.17
CA ALA A 45 5.26 -5.61 -4.56
C ALA A 45 6.43 -4.69 -4.93
N ARG A 46 7.63 -5.21 -4.78
CA ARG A 46 8.83 -4.44 -5.07
C ARG A 46 8.99 -4.23 -6.57
N GLN A 47 8.43 -5.13 -7.36
CA GLN A 47 8.46 -4.98 -8.81
C GLN A 47 7.53 -3.84 -9.22
N PHE A 48 6.39 -3.76 -8.57
CA PHE A 48 5.42 -2.70 -8.83
C PHE A 48 6.00 -1.34 -8.44
N ALA A 49 6.46 -1.23 -7.20
CA ALA A 49 6.92 0.04 -6.66
C ALA A 49 8.23 0.50 -7.31
N SER A 50 8.97 -0.42 -7.92
CA SER A 50 10.26 -0.10 -8.53
C SER A 50 10.09 0.90 -9.67
N ILE A 51 8.90 0.94 -10.26
CA ILE A 51 8.63 1.79 -11.42
C ILE A 51 8.84 3.26 -11.11
N PHE A 52 8.66 3.63 -9.84
CA PHE A 52 8.71 5.02 -9.44
C PHE A 52 10.14 5.53 -9.35
N ILE A 53 11.09 4.63 -9.12
CA ILE A 53 12.48 5.03 -8.94
C ILE A 53 13.31 4.80 -10.20
N GLY A 54 12.64 4.57 -11.32
CA GLY A 54 13.34 4.45 -12.58
C GLY A 54 13.54 3.03 -13.01
N GLN A 55 12.85 2.10 -12.38
CA GLN A 55 12.89 0.71 -12.79
C GLN A 55 11.62 0.36 -13.52
N LYS A 56 11.66 -0.69 -14.33
CA LYS A 56 10.51 -1.09 -15.11
C LYS A 56 10.32 -2.58 -15.04
N ASP A 57 10.38 -3.11 -13.83
CA ASP A 57 10.20 -4.54 -13.58
C ASP A 57 8.72 -4.91 -13.59
N THR A 58 8.04 -4.56 -14.68
CA THR A 58 6.62 -4.83 -14.81
C THR A 58 6.35 -6.23 -15.34
N SER A 59 7.17 -7.18 -14.91
CA SER A 59 7.00 -8.57 -15.27
C SER A 59 6.35 -9.31 -14.12
N ASN A 60 5.60 -10.37 -14.43
CA ASN A 60 4.95 -11.22 -13.42
C ASN A 60 3.70 -10.53 -12.84
N LEU A 61 3.60 -9.23 -13.05
CA LEU A 61 2.46 -8.46 -12.57
C LEU A 61 1.24 -8.68 -13.47
N PRO A 62 0.03 -8.65 -12.88
CA PRO A 62 -1.23 -8.80 -13.63
C PRO A 62 -1.36 -7.79 -14.78
N LYS A 63 -2.06 -8.22 -15.82
CA LYS A 63 -2.20 -7.43 -17.04
C LYS A 63 -2.95 -6.14 -16.77
N GLU A 64 -3.85 -6.16 -15.80
CA GLU A 64 -4.57 -4.96 -15.38
C GLU A 64 -3.62 -3.96 -14.77
N THR A 65 -2.70 -4.45 -13.94
CA THR A 65 -1.77 -3.60 -13.24
C THR A 65 -0.79 -2.94 -14.21
N VAL A 66 -0.16 -3.74 -15.05
CA VAL A 66 0.86 -3.24 -15.96
C VAL A 66 0.25 -2.31 -17.01
N LYS A 67 -1.00 -2.57 -17.39
CA LYS A 67 -1.71 -1.72 -18.33
C LYS A 67 -1.81 -0.30 -17.79
N ASN A 68 -2.21 -0.18 -16.53
CA ASN A 68 -2.38 1.12 -15.90
C ASN A 68 -1.02 1.76 -15.66
N ILE A 69 -0.02 0.96 -15.33
CA ILE A 69 1.34 1.46 -15.17
C ILE A 69 1.82 2.11 -16.47
N SER A 70 1.50 1.47 -17.58
CA SER A 70 1.96 1.93 -18.88
C SER A 70 1.21 3.18 -19.34
N THR A 71 0.05 3.44 -18.75
CA THR A 71 -0.78 4.56 -19.18
C THR A 71 -0.47 5.83 -18.37
N TRP A 72 0.21 5.67 -17.24
CA TRP A 72 0.59 6.82 -16.43
C TRP A 72 1.69 7.60 -17.12
N GLY A 73 2.58 6.89 -17.79
CA GLY A 73 3.64 7.53 -18.54
C GLY A 73 4.92 6.73 -18.49
N ALA A 74 5.99 7.30 -19.03
CA ALA A 74 7.29 6.65 -19.02
C ALA A 74 7.93 6.75 -17.64
N LYS A 75 7.55 7.80 -16.92
CA LYS A 75 8.11 8.04 -15.59
C LYS A 75 6.98 8.14 -14.56
N PRO A 76 6.54 6.98 -14.03
CA PRO A 76 5.44 6.91 -13.07
C PRO A 76 5.85 7.40 -11.68
N LYS A 77 4.95 8.12 -11.02
CA LYS A 77 5.20 8.63 -9.68
C LYS A 77 4.06 8.25 -8.74
N LEU A 78 4.15 8.68 -7.49
CA LEU A 78 3.17 8.29 -6.48
C LEU A 78 1.78 8.76 -6.88
N LYS A 79 1.70 10.01 -7.33
CA LYS A 79 0.42 10.62 -7.65
C LYS A 79 -0.34 9.83 -8.72
N ASP A 80 0.39 9.23 -9.64
CA ASP A 80 -0.21 8.48 -10.72
C ASP A 80 -0.96 7.28 -10.19
N LEU A 81 -0.30 6.53 -9.31
CA LEU A 81 -0.92 5.38 -8.69
C LEU A 81 -1.99 5.82 -7.69
N SER A 82 -1.73 6.93 -7.01
CA SER A 82 -2.66 7.47 -6.02
C SER A 82 -4.02 7.78 -6.64
N ASN A 83 -4.01 8.52 -7.76
CA ASN A 83 -5.25 8.89 -8.44
C ASN A 83 -5.97 7.65 -8.96
N TYR A 84 -5.20 6.65 -9.34
CA TYR A 84 -5.77 5.39 -9.80
C TYR A 84 -6.48 4.69 -8.65
N ILE A 85 -5.80 4.56 -7.52
CA ILE A 85 -6.36 3.89 -6.34
C ILE A 85 -7.52 4.69 -5.75
N LYS A 86 -7.39 6.00 -5.80
CA LYS A 86 -8.34 6.91 -5.18
C LYS A 86 -9.76 6.72 -5.72
N TYR A 87 -9.86 6.29 -6.97
CA TYR A 87 -11.17 6.16 -7.61
C TYR A 87 -11.45 4.73 -8.06
N THR A 88 -10.41 3.92 -8.16
CA THR A 88 -10.58 2.53 -8.57
C THR A 88 -10.59 1.60 -7.36
N LYS A 89 -11.77 1.09 -7.02
CA LYS A 89 -11.92 0.13 -5.93
C LYS A 89 -12.43 -1.19 -6.47
N ASP A 90 -11.99 -1.54 -7.67
CA ASP A 90 -12.39 -2.78 -8.32
C ASP A 90 -11.71 -3.97 -7.66
N LYS A 91 -12.11 -5.18 -8.03
CA LYS A 91 -11.45 -6.38 -7.52
C LYS A 91 -10.11 -6.58 -8.20
N SER A 92 -10.02 -6.14 -9.46
CA SER A 92 -8.79 -6.26 -10.23
C SER A 92 -7.87 -5.07 -9.96
N THR A 93 -7.81 -4.67 -8.71
CA THR A 93 -6.98 -3.55 -8.29
C THR A 93 -5.56 -4.01 -7.96
N VAL A 94 -5.46 -5.19 -7.33
CA VAL A 94 -4.20 -5.87 -7.02
C VAL A 94 -3.66 -5.48 -5.63
N TRP A 95 -4.17 -4.38 -5.09
CA TRP A 95 -3.71 -3.91 -3.78
C TRP A 95 -4.74 -4.22 -2.70
N VAL A 96 -4.34 -3.99 -1.46
CA VAL A 96 -5.24 -4.11 -0.32
C VAL A 96 -5.41 -2.74 0.33
N SER A 97 -6.58 -2.15 0.13
CA SER A 97 -6.84 -0.80 0.61
C SER A 97 -7.12 -0.76 2.11
N THR A 98 -6.35 0.03 2.83
CA THR A 98 -6.60 0.26 4.24
C THR A 98 -6.61 1.76 4.50
N ALA A 99 -6.96 2.15 5.71
CA ALA A 99 -7.02 3.56 6.05
C ALA A 99 -6.49 3.79 7.45
N ILE A 100 -5.90 4.96 7.66
CA ILE A 100 -5.39 5.33 8.97
C ILE A 100 -6.55 5.66 9.92
N ASN A 101 -7.73 5.74 9.33
CA ASN A 101 -8.96 6.02 10.07
C ASN A 101 -10.00 4.96 9.76
N THR A 102 -10.86 4.72 10.72
CA THR A 102 -11.89 3.70 10.60
C THR A 102 -12.98 4.13 9.63
N GLU A 103 -13.07 5.43 9.41
CA GLU A 103 -14.16 6.01 8.64
C GLU A 103 -13.89 5.89 7.14
N ALA A 104 -12.63 5.71 6.79
CA ALA A 104 -12.25 5.56 5.39
C ALA A 104 -12.08 4.09 5.04
N GLY A 105 -12.46 3.22 5.97
CA GLY A 105 -12.36 1.80 5.75
C GLY A 105 -13.42 1.28 4.81
N GLY A 106 -14.64 1.79 4.97
CA GLY A 106 -15.73 1.38 4.11
C GLY A 106 -16.53 0.23 4.69
N GLN A 107 -17.28 0.51 5.75
CA GLN A 107 -18.12 -0.51 6.37
C GLN A 107 -19.45 -0.60 5.64
N SER A 108 -19.68 -1.73 4.97
CA SER A 108 -20.89 -1.91 4.19
C SER A 108 -22.01 -2.52 5.04
N SER A 109 -21.97 -3.83 5.22
CA SER A 109 -23.00 -4.53 5.99
C SER A 109 -22.57 -4.64 7.44
N GLY A 110 -21.40 -5.24 7.65
CA GLY A 110 -20.86 -5.40 8.97
C GLY A 110 -19.37 -5.65 8.90
N ALA A 111 -18.67 -4.74 8.24
CA ALA A 111 -17.25 -4.91 7.98
C ALA A 111 -16.42 -4.73 9.25
N PRO A 112 -15.73 -5.78 9.68
CA PRO A 112 -14.83 -5.73 10.83
C PRO A 112 -13.60 -4.90 10.54
N LEU A 113 -13.27 -4.02 11.47
CA LEU A 113 -12.12 -3.15 11.32
C LEU A 113 -10.88 -3.81 11.88
N HIS A 114 -10.12 -4.42 10.98
CA HIS A 114 -8.89 -5.09 11.37
C HIS A 114 -7.79 -4.06 11.55
N LYS A 115 -7.13 -4.09 12.69
CA LYS A 115 -6.10 -3.09 13.00
C LYS A 115 -4.73 -3.58 12.54
N ILE A 116 -4.25 -3.00 11.46
CA ILE A 116 -2.91 -3.30 10.98
C ILE A 116 -1.92 -2.35 11.65
N ASP A 117 -0.90 -2.91 12.26
CA ASP A 117 0.09 -2.11 12.96
C ASP A 117 1.46 -2.30 12.33
N MET A 118 2.01 -1.23 11.76
CA MET A 118 3.31 -1.29 11.12
C MET A 118 4.11 -0.02 11.36
N ASP A 119 5.42 -0.17 11.37
CA ASP A 119 6.33 0.96 11.31
C ASP A 119 6.93 1.01 9.92
N LEU A 120 6.49 1.96 9.12
CA LEU A 120 6.84 1.99 7.71
C LEU A 120 7.60 3.25 7.36
N TYR A 121 8.63 3.11 6.55
CA TYR A 121 9.39 4.24 6.06
C TYR A 121 8.56 4.99 5.02
N GLU A 122 8.48 6.30 5.17
CA GLU A 122 7.78 7.11 4.20
C GLU A 122 8.77 7.69 3.20
N PHE A 123 8.45 7.59 1.93
CA PHE A 123 9.34 8.07 0.88
C PHE A 123 8.61 8.90 -0.17
N ALA A 124 9.31 9.87 -0.70
CA ALA A 124 8.83 10.67 -1.81
C ALA A 124 9.70 10.42 -3.03
N ILE A 125 9.10 10.44 -4.19
CA ILE A 125 9.83 10.24 -5.42
C ILE A 125 10.10 11.57 -6.10
N ASP A 126 11.37 11.93 -6.19
CA ASP A 126 11.76 13.18 -6.82
C ASP A 126 12.76 12.89 -7.94
N GLY A 127 12.31 13.03 -9.18
CA GLY A 127 13.14 12.69 -10.31
C GLY A 127 13.46 11.21 -10.35
N GLN A 128 12.49 10.41 -9.90
CA GLN A 128 12.63 8.96 -9.78
C GLN A 128 13.73 8.62 -8.78
N LYS A 129 13.75 9.36 -7.69
CA LYS A 129 14.69 9.11 -6.60
C LYS A 129 13.92 8.92 -5.31
N LEU A 130 14.37 7.97 -4.50
CA LEU A 130 13.70 7.63 -3.25
C LEU A 130 14.21 8.52 -2.11
N ASN A 131 13.38 9.46 -1.66
CA ASN A 131 13.76 10.39 -0.60
C ASN A 131 12.79 10.27 0.58
N PRO A 132 13.30 10.09 1.81
CA PRO A 132 12.46 9.92 3.00
C PRO A 132 11.55 11.12 3.30
N LEU A 133 10.33 10.82 3.74
CA LEU A 133 9.38 11.82 4.18
C LEU A 133 8.93 11.57 5.62
N PRO A 134 9.81 11.81 6.61
CA PRO A 134 9.45 11.59 8.02
C PRO A 134 8.37 12.55 8.50
N GLU A 135 8.14 13.59 7.70
CA GLU A 135 7.17 14.62 8.03
C GLU A 135 6.07 14.68 6.98
N GLY A 136 6.04 13.72 6.08
CA GLY A 136 5.15 13.82 4.95
C GLY A 136 4.37 12.56 4.66
N ARG A 137 3.15 12.49 5.17
CA ARG A 137 2.21 11.44 4.81
C ARG A 137 1.76 11.65 3.37
N THR A 138 1.80 12.90 2.95
CA THR A 138 1.48 13.29 1.59
C THR A 138 1.56 14.81 1.48
N LYS A 139 2.12 15.31 0.40
CA LYS A 139 2.26 16.74 0.23
C LYS A 139 1.72 17.19 -1.12
N ASN A 140 0.43 17.51 -1.13
CA ASN A 140 -0.27 18.04 -2.30
C ASN A 140 -0.33 17.02 -3.43
N MET A 141 0.73 16.94 -4.23
CA MET A 141 0.78 16.03 -5.36
C MET A 141 1.81 14.94 -5.13
N VAL A 142 2.43 14.96 -3.96
CA VAL A 142 3.46 13.98 -3.64
C VAL A 142 3.09 13.18 -2.39
N PRO A 143 2.29 12.12 -2.56
CA PRO A 143 1.99 11.17 -1.48
C PRO A 143 3.22 10.34 -1.12
N SER A 144 3.23 9.73 0.06
CA SER A 144 4.39 8.97 0.50
C SER A 144 4.27 7.50 0.15
N LEU A 145 5.40 6.92 -0.23
CA LEU A 145 5.50 5.49 -0.46
C LEU A 145 5.98 4.81 0.81
N LEU A 146 5.21 3.85 1.29
CA LEU A 146 5.52 3.20 2.55
C LEU A 146 6.27 1.90 2.32
N LEU A 147 7.43 1.79 2.92
CA LEU A 147 8.26 0.59 2.81
C LEU A 147 8.64 0.11 4.21
N ASP A 148 8.67 -1.21 4.42
CA ASP A 148 9.11 -1.75 5.69
C ASP A 148 10.64 -1.80 5.71
N THR A 149 11.21 -1.58 4.55
CA THR A 149 12.65 -1.58 4.37
C THR A 149 13.04 -0.33 3.59
N PRO A 150 14.13 0.36 3.98
CA PRO A 150 14.51 1.65 3.38
C PRO A 150 14.84 1.60 1.88
N GLN A 151 14.68 0.44 1.26
CA GLN A 151 14.86 0.32 -0.18
C GLN A 151 13.81 -0.63 -0.77
N ILE A 152 13.26 -0.27 -1.92
CA ILE A 152 12.10 -0.97 -2.48
C ILE A 152 12.37 -2.46 -2.74
N GLU A 153 13.39 -2.73 -3.55
CA GLU A 153 13.67 -4.08 -4.05
C GLU A 153 14.10 -5.05 -2.95
N THR A 154 14.15 -4.59 -1.72
CA THR A 154 14.50 -5.45 -0.60
C THR A 154 13.45 -5.34 0.50
N SER A 155 12.36 -4.64 0.21
CA SER A 155 11.29 -4.44 1.16
C SER A 155 10.24 -5.55 1.01
N SER A 156 9.67 -5.99 2.12
CA SER A 156 8.70 -7.06 2.11
C SER A 156 7.28 -6.51 2.24
N ILE A 157 7.15 -5.31 2.80
CA ILE A 157 5.84 -4.66 2.88
C ILE A 157 5.90 -3.31 2.19
N ILE A 158 5.13 -3.17 1.12
CA ILE A 158 5.09 -1.93 0.36
C ILE A 158 3.66 -1.43 0.24
N ALA A 159 3.45 -0.16 0.53
CA ALA A 159 2.13 0.43 0.47
C ALA A 159 2.17 1.83 -0.13
N LEU A 160 1.12 2.18 -0.85
CA LEU A 160 1.00 3.50 -1.43
C LEU A 160 0.03 4.32 -0.58
N ASN A 161 0.56 5.32 0.10
CA ASN A 161 -0.22 6.12 1.02
C ASN A 161 -0.63 7.44 0.40
N HIS A 162 -1.92 7.77 0.48
CA HIS A 162 -2.40 9.08 0.06
C HIS A 162 -3.69 9.42 0.81
N GLY A 163 -3.81 10.65 1.25
CA GLY A 163 -5.05 11.10 1.82
C GLY A 163 -4.95 12.55 2.24
N PRO A 164 -5.87 13.03 3.08
CA PRO A 164 -5.60 14.17 3.94
C PRO A 164 -4.54 13.78 4.97
N VAL A 165 -3.83 14.75 5.51
CA VAL A 165 -2.67 14.48 6.37
C VAL A 165 -3.07 13.82 7.69
N ASN A 166 -4.37 13.74 7.94
CA ASN A 166 -4.89 13.09 9.13
C ASN A 166 -5.80 11.93 8.75
N ASP A 167 -6.07 11.79 7.46
CA ASP A 167 -7.04 10.82 6.97
C ASP A 167 -6.41 10.00 5.84
N ALA A 168 -5.13 9.74 5.98
CA ALA A 168 -4.35 9.02 4.98
C ALA A 168 -4.96 7.64 4.64
N GLU A 169 -5.08 7.39 3.34
CA GLU A 169 -5.54 6.10 2.83
C GLU A 169 -4.34 5.29 2.35
N ILE A 170 -4.03 4.23 3.07
CA ILE A 170 -2.85 3.42 2.79
C ILE A 170 -3.24 2.18 1.99
N SER A 171 -2.79 2.12 0.76
CA SER A 171 -3.10 0.99 -0.11
C SER A 171 -1.89 0.07 -0.23
N PHE A 172 -1.95 -1.07 0.43
CA PHE A 172 -0.84 -2.01 0.44
C PHE A 172 -0.71 -2.71 -0.90
N LEU A 173 0.47 -2.64 -1.48
CA LEU A 173 0.77 -3.33 -2.73
C LEU A 173 1.36 -4.69 -2.40
N THR A 174 1.03 -5.19 -1.23
CA THR A 174 1.57 -6.44 -0.74
C THR A 174 0.53 -7.18 0.08
N THR A 175 0.63 -8.50 0.12
CA THR A 175 -0.18 -9.30 1.02
C THR A 175 0.12 -8.93 2.46
N ILE A 176 -0.78 -8.17 3.09
CA ILE A 176 -0.58 -7.67 4.45
C ILE A 176 -0.36 -8.81 5.43
N PRO A 177 0.86 -8.91 6.00
CA PRO A 177 1.22 -10.01 6.88
C PRO A 177 0.23 -10.21 8.03
N LEU A 178 -0.11 -11.47 8.24
CA LEU A 178 -1.06 -11.89 9.27
C LEU A 178 -0.50 -11.56 10.66
N LYS A 179 0.82 -11.41 10.74
CA LYS A 179 1.47 -11.07 11.99
C LYS A 179 1.22 -9.61 12.37
N ASN A 180 0.90 -8.78 11.39
CA ASN A 180 0.77 -7.34 11.61
C ASN A 180 -0.66 -6.92 11.88
N VAL A 181 -1.60 -7.83 11.69
CA VAL A 181 -3.00 -7.52 11.91
C VAL A 181 -3.42 -7.92 13.33
N LYS A 182 -3.89 -6.93 14.07
CA LYS A 182 -4.33 -7.14 15.44
C LYS A 182 -5.85 -6.94 15.53
N PRO A 183 -6.49 -7.58 16.53
CA PRO A 183 -7.94 -7.51 16.72
C PRO A 183 -8.40 -6.12 17.15
N HIS A 184 -9.55 -5.71 16.63
CA HIS A 184 -10.13 -4.41 16.94
C HIS A 184 -11.64 -4.50 16.82
N LYS A 185 -12.35 -3.63 17.53
CA LYS A 185 -13.82 -3.59 17.47
C LYS A 185 -14.31 -3.35 16.05
N THR A 6 17.26 15.43 5.43
CA THR A 6 16.22 14.45 5.65
C THR A 6 16.77 13.21 6.34
N ASN A 7 16.16 12.85 7.46
CA ASN A 7 16.54 11.63 8.16
C ASN A 7 15.69 10.46 7.68
N LEU A 8 16.13 9.26 8.01
CA LEU A 8 15.43 8.05 7.60
C LEU A 8 14.78 7.42 8.84
N GLN A 9 13.48 7.67 9.01
CA GLN A 9 12.77 7.19 10.19
C GLN A 9 11.47 6.49 9.81
N LYS A 10 11.10 5.49 10.61
CA LYS A 10 9.84 4.80 10.44
C LYS A 10 8.75 5.47 11.25
N LYS A 11 7.52 5.30 10.80
CA LYS A 11 6.37 5.77 11.54
C LYS A 11 5.42 4.61 11.81
N SER A 12 4.88 4.57 13.02
CA SER A 12 3.93 3.54 13.39
C SER A 12 2.56 3.88 12.80
N PHE A 13 2.23 3.21 11.71
CA PHE A 13 0.97 3.45 11.02
C PHE A 13 -0.10 2.52 11.54
N THR A 14 -1.20 3.10 11.98
CA THR A 14 -2.36 2.34 12.36
C THR A 14 -3.36 2.33 11.21
N LEU A 15 -3.44 1.21 10.51
CA LEU A 15 -4.32 1.12 9.36
C LEU A 15 -5.53 0.26 9.68
N TYR A 16 -6.62 0.53 9.00
CA TYR A 16 -7.84 -0.22 9.18
C TYR A 16 -8.29 -0.82 7.85
N ARG A 17 -8.43 -2.13 7.83
CA ARG A 17 -8.97 -2.82 6.69
C ARG A 17 -10.41 -3.23 6.98
N ALA A 18 -11.35 -2.62 6.28
CA ALA A 18 -12.75 -2.97 6.45
C ALA A 18 -13.12 -4.07 5.48
N ASP A 19 -13.07 -5.28 5.98
CA ASP A 19 -13.32 -6.47 5.18
C ASP A 19 -13.68 -7.60 6.12
N ASN A 20 -14.84 -8.23 5.91
CA ASN A 20 -15.31 -9.17 6.92
C ASN A 20 -14.46 -10.43 6.90
N ARG A 21 -13.82 -10.66 8.05
CA ARG A 21 -12.98 -11.83 8.28
C ARG A 21 -13.00 -12.12 9.76
N SER A 22 -13.08 -13.37 10.15
CA SER A 22 -12.98 -13.71 11.56
C SER A 22 -11.50 -13.92 11.92
N PHE A 23 -11.10 -13.59 13.15
CA PHE A 23 -9.67 -13.60 13.47
C PHE A 23 -9.09 -15.01 13.38
N GLU A 24 -9.80 -15.98 13.95
CA GLU A 24 -9.36 -17.37 13.92
C GLU A 24 -9.41 -17.88 12.48
N GLU A 25 -10.36 -17.36 11.72
CA GLU A 25 -10.45 -17.61 10.28
C GLU A 25 -9.20 -17.07 9.58
N MET A 26 -8.77 -15.88 9.99
CA MET A 26 -7.53 -15.29 9.48
C MET A 26 -6.36 -16.21 9.75
N GLN A 27 -6.35 -16.78 10.95
CA GLN A 27 -5.28 -17.69 11.35
C GLN A 27 -5.30 -18.98 10.53
N SER A 28 -6.47 -19.29 9.98
CA SER A 28 -6.65 -20.54 9.25
C SER A 28 -6.47 -20.34 7.75
N LYS A 29 -7.22 -19.39 7.19
CA LYS A 29 -7.26 -19.21 5.74
C LYS A 29 -6.18 -18.25 5.28
N PHE A 30 -5.63 -17.48 6.20
CA PHE A 30 -4.62 -16.48 5.87
C PHE A 30 -3.41 -16.62 6.80
N PRO A 31 -2.74 -17.78 6.79
CA PRO A 31 -1.65 -18.07 7.74
C PRO A 31 -0.43 -17.19 7.53
N GLU A 32 -0.28 -16.68 6.32
CA GLU A 32 0.82 -15.77 6.03
C GLU A 32 0.37 -14.33 6.19
N GLY A 33 -0.86 -14.04 5.76
CA GLY A 33 -1.38 -12.70 5.86
C GLY A 33 -2.66 -12.52 5.05
N PHE A 34 -3.23 -11.33 5.14
CA PHE A 34 -4.46 -11.01 4.42
C PHE A 34 -4.16 -10.84 2.92
N LYS A 35 -4.97 -11.49 2.11
CA LYS A 35 -4.76 -11.50 0.67
C LYS A 35 -5.91 -10.79 -0.04
N ALA A 36 -5.60 -10.19 -1.19
CA ALA A 36 -6.61 -9.54 -2.01
C ALA A 36 -7.32 -10.57 -2.88
N TRP A 37 -8.21 -10.12 -3.76
CA TRP A 37 -8.93 -11.02 -4.66
C TRP A 37 -7.94 -11.77 -5.54
N THR A 38 -7.03 -11.03 -6.14
CA THR A 38 -5.91 -11.61 -6.84
C THR A 38 -4.62 -11.26 -6.10
N PRO A 39 -4.19 -12.14 -5.20
CA PRO A 39 -3.01 -11.88 -4.35
C PRO A 39 -1.72 -11.89 -5.14
N LEU A 40 -0.90 -10.86 -4.92
CA LEU A 40 0.39 -10.76 -5.57
C LEU A 40 1.49 -10.99 -4.54
N ASP A 41 2.66 -11.41 -5.01
CA ASP A 41 3.77 -11.68 -4.13
C ASP A 41 4.60 -10.43 -3.92
N THR A 42 5.45 -10.42 -2.91
CA THR A 42 6.32 -9.30 -2.63
C THR A 42 7.12 -8.90 -3.87
N LYS A 43 7.53 -9.91 -4.66
CA LYS A 43 8.28 -9.68 -5.88
C LYS A 43 7.48 -8.78 -6.83
N MET A 44 6.19 -9.05 -6.92
CA MET A 44 5.32 -8.30 -7.82
C MET A 44 5.11 -6.89 -7.30
N ALA A 45 5.05 -6.78 -5.97
CA ALA A 45 4.84 -5.49 -5.32
C ALA A 45 6.04 -4.58 -5.49
N ARG A 46 7.23 -5.13 -5.30
CA ARG A 46 8.45 -4.34 -5.42
C ARG A 46 8.67 -3.90 -6.85
N GLN A 47 8.28 -4.75 -7.81
CA GLN A 47 8.38 -4.38 -9.22
C GLN A 47 7.45 -3.21 -9.52
N PHE A 48 6.27 -3.25 -8.92
CA PHE A 48 5.29 -2.18 -9.06
C PHE A 48 5.88 -0.86 -8.54
N ALA A 49 6.43 -0.88 -7.33
CA ALA A 49 6.97 0.32 -6.71
C ALA A 49 8.26 0.77 -7.37
N SER A 50 8.95 -0.14 -8.06
CA SER A 50 10.22 0.16 -8.71
C SER A 50 10.05 1.14 -9.86
N ILE A 51 8.85 1.21 -10.43
CA ILE A 51 8.62 2.08 -11.58
C ILE A 51 8.84 3.55 -11.24
N PHE A 52 8.68 3.88 -9.97
CA PHE A 52 8.76 5.27 -9.54
C PHE A 52 10.20 5.69 -9.32
N ILE A 53 11.10 4.72 -9.18
CA ILE A 53 12.51 5.03 -9.02
C ILE A 53 13.26 4.85 -10.34
N GLY A 54 12.50 4.90 -11.44
CA GLY A 54 13.11 4.93 -12.75
C GLY A 54 13.26 3.55 -13.37
N GLN A 55 12.56 2.57 -12.83
CA GLN A 55 12.61 1.23 -13.37
C GLN A 55 11.36 0.92 -14.18
N LYS A 56 11.50 0.03 -15.14
CA LYS A 56 10.40 -0.34 -16.01
C LYS A 56 10.17 -1.85 -15.94
N ASP A 57 10.52 -2.41 -14.79
CA ASP A 57 10.44 -3.86 -14.59
C ASP A 57 9.04 -4.29 -14.17
N THR A 58 8.06 -4.04 -15.02
CA THR A 58 6.70 -4.45 -14.77
C THR A 58 6.50 -5.91 -15.17
N SER A 59 7.41 -6.76 -14.72
CA SER A 59 7.37 -8.17 -15.04
C SER A 59 6.73 -8.96 -13.91
N ASN A 60 5.79 -9.83 -14.27
CA ASN A 60 5.05 -10.66 -13.31
C ASN A 60 4.03 -9.80 -12.55
N LEU A 61 3.31 -8.97 -13.30
CA LEU A 61 2.24 -8.15 -12.73
C LEU A 61 0.95 -8.37 -13.51
N PRO A 62 -0.21 -8.13 -12.86
CA PRO A 62 -1.53 -8.27 -13.51
C PRO A 62 -1.67 -7.37 -14.73
N LYS A 63 -2.41 -7.89 -15.72
CA LYS A 63 -2.58 -7.23 -17.01
C LYS A 63 -3.30 -5.90 -16.86
N GLU A 64 -4.24 -5.84 -15.92
CA GLU A 64 -5.00 -4.62 -15.67
C GLU A 64 -4.09 -3.56 -15.06
N THR A 65 -3.20 -4.01 -14.18
CA THR A 65 -2.30 -3.11 -13.50
C THR A 65 -1.25 -2.56 -14.45
N VAL A 66 -0.60 -3.44 -15.21
CA VAL A 66 0.46 -3.02 -16.12
C VAL A 66 -0.06 -2.12 -17.23
N LYS A 67 -1.31 -2.35 -17.63
CA LYS A 67 -1.94 -1.51 -18.65
C LYS A 67 -1.96 -0.05 -18.20
N ASN A 68 -2.33 0.15 -16.95
CA ASN A 68 -2.37 1.50 -16.39
C ASN A 68 -0.96 2.02 -16.14
N ILE A 69 -0.09 1.17 -15.63
CA ILE A 69 1.29 1.56 -15.32
C ILE A 69 2.01 2.06 -16.56
N SER A 70 1.89 1.33 -17.66
CA SER A 70 2.61 1.65 -18.88
C SER A 70 2.16 2.98 -19.48
N THR A 71 0.91 3.36 -19.24
CA THR A 71 0.37 4.58 -19.82
C THR A 71 0.71 5.80 -18.97
N TRP A 72 1.29 5.58 -17.80
CA TRP A 72 1.73 6.69 -16.96
C TRP A 72 3.01 7.28 -17.53
N GLY A 73 3.75 6.46 -18.27
CA GLY A 73 4.95 6.92 -18.93
C GLY A 73 6.17 6.15 -18.50
N ALA A 74 7.33 6.62 -18.92
CA ALA A 74 8.59 6.01 -18.53
C ALA A 74 8.99 6.48 -17.14
N LYS A 75 8.39 7.57 -16.71
CA LYS A 75 8.68 8.16 -15.41
C LYS A 75 7.39 8.36 -14.63
N PRO A 76 6.79 7.28 -14.10
CA PRO A 76 5.55 7.35 -13.32
C PRO A 76 5.77 8.02 -11.96
N LYS A 77 4.75 8.69 -11.47
CA LYS A 77 4.85 9.41 -10.21
C LYS A 77 3.85 8.86 -9.20
N LEU A 78 3.99 9.27 -7.93
CA LEU A 78 3.08 8.79 -6.88
C LEU A 78 1.65 9.21 -7.17
N LYS A 79 1.50 10.39 -7.77
CA LYS A 79 0.18 10.91 -8.12
C LYS A 79 -0.59 9.94 -9.03
N ASP A 80 0.13 9.27 -9.90
CA ASP A 80 -0.47 8.43 -10.93
C ASP A 80 -1.18 7.22 -10.32
N LEU A 81 -0.46 6.42 -9.54
CA LEU A 81 -1.07 5.21 -8.99
C LEU A 81 -2.05 5.54 -7.88
N SER A 82 -1.87 6.69 -7.24
CA SER A 82 -2.77 7.12 -6.18
C SER A 82 -4.17 7.36 -6.72
N ASN A 83 -4.25 8.02 -7.87
CA ASN A 83 -5.54 8.28 -8.51
C ASN A 83 -6.08 7.01 -9.15
N TYR A 84 -5.18 6.11 -9.50
CA TYR A 84 -5.57 4.81 -10.05
C TYR A 84 -6.19 3.94 -8.96
N ILE A 85 -5.46 3.77 -7.87
CA ILE A 85 -5.87 2.89 -6.79
C ILE A 85 -7.16 3.35 -6.12
N LYS A 86 -7.22 4.62 -5.75
CA LYS A 86 -8.34 5.13 -4.98
C LYS A 86 -9.64 5.08 -5.78
N TYR A 87 -9.52 5.14 -7.09
CA TYR A 87 -10.69 5.17 -7.96
C TYR A 87 -10.96 3.80 -8.56
N THR A 88 -10.19 2.80 -8.16
CA THR A 88 -10.36 1.45 -8.65
C THR A 88 -10.46 0.46 -7.50
N LYS A 89 -11.65 -0.06 -7.27
CA LYS A 89 -11.89 -0.95 -6.14
C LYS A 89 -12.53 -2.26 -6.61
N ASP A 90 -12.16 -2.68 -7.82
CA ASP A 90 -12.73 -3.89 -8.41
C ASP A 90 -11.92 -5.11 -8.02
N LYS A 91 -12.23 -6.25 -8.63
CA LYS A 91 -11.54 -7.50 -8.31
C LYS A 91 -10.10 -7.46 -8.82
N SER A 92 -9.92 -6.98 -10.04
CA SER A 92 -8.61 -6.90 -10.67
C SER A 92 -7.83 -5.68 -10.17
N THR A 93 -7.70 -5.57 -8.86
CA THR A 93 -6.96 -4.47 -8.26
C THR A 93 -5.59 -4.92 -7.77
N VAL A 94 -5.57 -6.08 -7.11
CA VAL A 94 -4.33 -6.72 -6.61
C VAL A 94 -3.90 -6.14 -5.25
N TRP A 95 -4.24 -4.89 -4.99
CA TRP A 95 -3.80 -4.23 -3.77
C TRP A 95 -4.84 -4.36 -2.65
N VAL A 96 -4.39 -4.10 -1.44
CA VAL A 96 -5.27 -4.11 -0.28
C VAL A 96 -5.39 -2.68 0.26
N SER A 97 -6.50 -2.03 -0.04
CA SER A 97 -6.74 -0.67 0.41
C SER A 97 -7.08 -0.64 1.90
N THR A 98 -6.33 0.15 2.65
CA THR A 98 -6.61 0.37 4.06
C THR A 98 -6.62 1.86 4.34
N ALA A 99 -6.96 2.25 5.55
CA ALA A 99 -7.00 3.67 5.90
C ALA A 99 -6.50 3.88 7.32
N ILE A 100 -5.92 5.04 7.55
CA ILE A 100 -5.44 5.41 8.89
C ILE A 100 -6.62 5.94 9.72
N ASN A 101 -7.80 5.87 9.10
CA ASN A 101 -9.01 6.39 9.69
C ASN A 101 -10.18 5.47 9.34
N THR A 102 -10.97 5.13 10.34
CA THR A 102 -12.07 4.18 10.17
C THR A 102 -13.21 4.77 9.36
N GLU A 103 -13.16 6.07 9.14
CA GLU A 103 -14.16 6.75 8.33
C GLU A 103 -13.89 6.50 6.85
N ALA A 104 -12.62 6.61 6.47
CA ALA A 104 -12.21 6.33 5.10
C ALA A 104 -12.33 4.84 4.81
N GLY A 105 -12.06 4.04 5.83
CA GLY A 105 -12.23 2.60 5.72
C GLY A 105 -13.63 2.20 6.12
N GLY A 106 -14.61 2.64 5.33
CA GLY A 106 -16.01 2.38 5.64
C GLY A 106 -16.32 0.91 5.70
N GLN A 107 -17.00 0.50 6.76
CA GLN A 107 -17.34 -0.90 6.97
C GLN A 107 -18.49 -1.31 6.06
N SER A 108 -18.19 -2.09 5.03
CA SER A 108 -19.19 -2.54 4.07
C SER A 108 -20.30 -3.34 4.75
N SER A 109 -21.47 -2.70 4.89
CA SER A 109 -22.66 -3.33 5.48
C SER A 109 -22.46 -3.61 6.97
N GLY A 110 -21.63 -4.58 7.29
CA GLY A 110 -21.34 -4.93 8.67
C GLY A 110 -20.02 -5.64 8.79
N ALA A 111 -19.05 -5.21 8.01
CA ALA A 111 -17.74 -5.85 7.98
C ALA A 111 -16.88 -5.40 9.16
N PRO A 112 -16.41 -6.36 9.98
CA PRO A 112 -15.50 -6.08 11.10
C PRO A 112 -14.19 -5.45 10.63
N LEU A 113 -13.65 -4.57 11.47
CA LEU A 113 -12.44 -3.84 11.13
C LEU A 113 -11.20 -4.59 11.58
N HIS A 114 -10.12 -4.39 10.86
CA HIS A 114 -8.84 -4.99 11.21
C HIS A 114 -7.80 -3.90 11.32
N LYS A 115 -7.12 -3.86 12.45
CA LYS A 115 -6.10 -2.85 12.68
C LYS A 115 -4.74 -3.38 12.28
N ILE A 116 -4.17 -2.82 11.24
CA ILE A 116 -2.84 -3.19 10.83
C ILE A 116 -1.83 -2.30 11.54
N ASP A 117 -0.88 -2.92 12.21
CA ASP A 117 0.14 -2.18 12.95
C ASP A 117 1.50 -2.40 12.31
N MET A 118 2.06 -1.34 11.75
CA MET A 118 3.35 -1.43 11.08
C MET A 118 4.20 -0.19 11.32
N ASP A 119 5.50 -0.39 11.43
CA ASP A 119 6.44 0.71 11.47
C ASP A 119 7.06 0.85 10.09
N LEU A 120 6.60 1.82 9.34
CA LEU A 120 6.97 1.93 7.95
C LEU A 120 7.73 3.22 7.68
N TYR A 121 8.74 3.13 6.82
CA TYR A 121 9.49 4.29 6.40
C TYR A 121 8.63 5.12 5.45
N GLU A 122 8.65 6.42 5.62
CA GLU A 122 7.89 7.31 4.77
C GLU A 122 8.79 7.84 3.66
N PHE A 123 8.45 7.52 2.42
CA PHE A 123 9.26 7.91 1.27
C PHE A 123 8.49 8.72 0.26
N ALA A 124 9.22 9.46 -0.54
CA ALA A 124 8.69 10.19 -1.67
C ALA A 124 9.61 9.96 -2.86
N ILE A 125 9.22 10.46 -4.02
CA ILE A 125 10.02 10.29 -5.22
C ILE A 125 10.38 11.63 -5.83
N ASP A 126 11.67 11.91 -5.93
CA ASP A 126 12.16 13.13 -6.56
C ASP A 126 13.10 12.79 -7.69
N GLY A 127 12.67 13.02 -8.91
CA GLY A 127 13.50 12.70 -10.06
C GLY A 127 13.76 11.22 -10.19
N GLN A 128 12.74 10.43 -9.86
CA GLN A 128 12.81 8.98 -9.88
C GLN A 128 13.83 8.46 -8.86
N LYS A 129 13.92 9.15 -7.73
CA LYS A 129 14.77 8.72 -6.64
C LYS A 129 13.93 8.57 -5.37
N LEU A 130 14.21 7.52 -4.63
CA LEU A 130 13.50 7.23 -3.39
C LEU A 130 14.06 8.08 -2.25
N ASN A 131 13.28 9.05 -1.81
CA ASN A 131 13.73 10.00 -0.79
C ASN A 131 12.79 9.99 0.41
N PRO A 132 13.32 9.81 1.62
CA PRO A 132 12.50 9.72 2.83
C PRO A 132 11.85 11.06 3.20
N LEU A 133 10.67 10.97 3.79
CA LEU A 133 9.92 12.14 4.23
C LEU A 133 9.79 12.18 5.75
N PRO A 134 10.84 12.61 6.47
CA PRO A 134 10.76 12.81 7.91
C PRO A 134 10.05 14.13 8.23
N GLU A 135 10.00 14.99 7.23
CA GLU A 135 9.44 16.32 7.38
C GLU A 135 7.93 16.32 7.11
N GLY A 136 7.51 15.44 6.21
CA GLY A 136 6.11 15.40 5.83
C GLY A 136 5.58 13.99 5.85
N ARG A 137 4.27 13.86 6.02
CA ARG A 137 3.63 12.56 6.06
C ARG A 137 2.95 12.25 4.73
N THR A 138 2.30 13.25 4.17
CA THR A 138 1.60 13.11 2.90
C THR A 138 1.46 14.47 2.24
N LYS A 139 1.69 14.53 0.93
CA LYS A 139 1.54 15.78 0.21
C LYS A 139 0.38 15.66 -0.78
N ASN A 140 -0.08 16.79 -1.31
CA ASN A 140 -1.25 16.82 -2.19
C ASN A 140 -1.04 15.98 -3.45
N MET A 141 -0.14 16.43 -4.32
CA MET A 141 0.12 15.75 -5.58
C MET A 141 1.28 14.78 -5.46
N VAL A 142 1.95 14.82 -4.31
CA VAL A 142 3.08 13.93 -4.08
C VAL A 142 2.81 13.05 -2.85
N PRO A 143 2.02 11.99 -3.01
CA PRO A 143 1.78 10.99 -1.95
C PRO A 143 3.07 10.28 -1.54
N SER A 144 3.01 9.58 -0.42
CA SER A 144 4.19 8.98 0.16
C SER A 144 4.17 7.46 0.01
N LEU A 145 5.34 6.88 -0.23
CA LEU A 145 5.49 5.44 -0.32
C LEU A 145 5.95 4.90 1.02
N LEU A 146 5.28 3.87 1.50
CA LEU A 146 5.60 3.29 2.80
C LEU A 146 6.29 1.95 2.61
N LEU A 147 7.49 1.83 3.16
CA LEU A 147 8.27 0.62 3.03
C LEU A 147 8.74 0.14 4.41
N ASP A 148 8.75 -1.16 4.61
CA ASP A 148 9.27 -1.74 5.86
C ASP A 148 10.79 -1.76 5.82
N THR A 149 11.34 -1.54 4.64
CA THR A 149 12.78 -1.53 4.42
C THR A 149 13.14 -0.30 3.58
N PRO A 150 14.25 0.39 3.90
CA PRO A 150 14.66 1.63 3.23
C PRO A 150 14.87 1.51 1.72
N GLN A 151 14.75 0.31 1.18
CA GLN A 151 14.87 0.10 -0.25
C GLN A 151 13.83 -0.92 -0.73
N ILE A 152 13.24 -0.61 -1.89
CA ILE A 152 12.11 -1.34 -2.44
C ILE A 152 12.45 -2.80 -2.75
N GLU A 153 13.61 -3.02 -3.36
CA GLU A 153 14.01 -4.36 -3.80
C GLU A 153 14.13 -5.33 -2.62
N THR A 154 14.28 -4.80 -1.42
CA THR A 154 14.48 -5.62 -0.25
C THR A 154 13.36 -5.41 0.78
N SER A 155 12.29 -4.75 0.35
CA SER A 155 11.14 -4.54 1.22
C SER A 155 10.18 -5.72 1.11
N SER A 156 9.75 -6.23 2.26
CA SER A 156 8.76 -7.30 2.31
C SER A 156 7.36 -6.71 2.37
N ILE A 157 7.25 -5.52 2.94
CA ILE A 157 5.99 -4.81 3.02
C ILE A 157 6.07 -3.51 2.23
N ILE A 158 5.14 -3.32 1.32
CA ILE A 158 5.11 -2.14 0.47
C ILE A 158 3.69 -1.59 0.39
N ALA A 159 3.55 -0.32 0.71
CA ALA A 159 2.24 0.33 0.68
C ALA A 159 2.35 1.75 0.16
N LEU A 160 1.35 2.17 -0.60
CA LEU A 160 1.32 3.53 -1.12
C LEU A 160 0.31 4.35 -0.32
N ASN A 161 0.79 5.40 0.32
CA ASN A 161 -0.06 6.22 1.18
C ASN A 161 -0.43 7.53 0.50
N HIS A 162 -1.73 7.77 0.38
CA HIS A 162 -2.22 9.04 -0.12
C HIS A 162 -3.50 9.42 0.62
N GLY A 163 -3.64 10.68 0.98
CA GLY A 163 -4.85 11.12 1.61
C GLY A 163 -4.84 12.60 1.92
N PRO A 164 -5.83 13.06 2.70
CA PRO A 164 -5.73 14.31 3.45
C PRO A 164 -4.69 14.18 4.57
N VAL A 165 -4.53 15.22 5.37
CA VAL A 165 -3.44 15.27 6.33
C VAL A 165 -3.51 14.15 7.38
N ASN A 166 -4.70 13.88 7.92
CA ASN A 166 -4.85 12.82 8.92
C ASN A 166 -5.93 11.83 8.52
N ASP A 167 -6.23 11.78 7.23
CA ASP A 167 -7.24 10.88 6.70
C ASP A 167 -6.62 10.04 5.59
N ALA A 168 -5.35 9.72 5.79
CA ALA A 168 -4.53 9.01 4.82
C ALA A 168 -5.11 7.65 4.45
N GLU A 169 -5.08 7.35 3.17
CA GLU A 169 -5.51 6.07 2.64
C GLU A 169 -4.28 5.28 2.19
N ILE A 170 -3.98 4.21 2.91
CA ILE A 170 -2.78 3.42 2.65
C ILE A 170 -3.13 2.18 1.84
N SER A 171 -2.58 2.07 0.66
CA SER A 171 -2.86 0.94 -0.22
C SER A 171 -1.68 -0.02 -0.22
N PHE A 172 -1.86 -1.18 0.40
CA PHE A 172 -0.81 -2.18 0.47
C PHE A 172 -0.69 -2.94 -0.84
N LEU A 173 0.52 -3.00 -1.37
CA LEU A 173 0.79 -3.76 -2.57
C LEU A 173 1.34 -5.13 -2.20
N THR A 174 1.55 -5.34 -0.91
CA THR A 174 2.04 -6.60 -0.40
C THR A 174 0.99 -7.29 0.46
N THR A 175 1.07 -8.61 0.53
CA THR A 175 0.21 -9.39 1.41
C THR A 175 0.45 -8.95 2.85
N ILE A 176 -0.59 -8.40 3.47
CA ILE A 176 -0.49 -7.90 4.84
C ILE A 176 -0.26 -9.05 5.81
N PRO A 177 0.94 -9.14 6.38
CA PRO A 177 1.31 -10.26 7.24
C PRO A 177 0.35 -10.46 8.41
N LEU A 178 0.09 -11.73 8.71
CA LEU A 178 -0.84 -12.12 9.77
C LEU A 178 -0.31 -11.69 11.13
N LYS A 179 0.97 -11.32 11.16
CA LYS A 179 1.62 -10.86 12.37
C LYS A 179 1.36 -9.37 12.60
N ASN A 180 0.84 -8.69 11.59
CA ASN A 180 0.62 -7.25 11.68
C ASN A 180 -0.87 -6.91 11.76
N VAL A 181 -1.71 -7.83 11.30
CA VAL A 181 -3.15 -7.59 11.30
C VAL A 181 -3.77 -7.95 12.66
N LYS A 182 -4.36 -6.95 13.30
CA LYS A 182 -4.97 -7.12 14.60
C LYS A 182 -6.49 -6.97 14.50
N PRO A 183 -7.24 -7.61 15.42
CA PRO A 183 -8.69 -7.51 15.44
C PRO A 183 -9.17 -6.19 16.05
N HIS A 184 -9.98 -5.44 15.31
CA HIS A 184 -10.47 -4.17 15.79
C HIS A 184 -11.99 -4.19 15.83
N LYS A 185 -12.55 -3.50 16.82
CA LYS A 185 -13.99 -3.40 16.99
C LYS A 185 -14.66 -2.83 15.76
N THR A 6 16.02 15.58 6.55
CA THR A 6 16.27 14.52 5.59
C THR A 6 16.66 13.23 6.31
N ASN A 7 15.92 12.89 7.34
CA ASN A 7 16.22 11.71 8.15
C ASN A 7 15.46 10.50 7.66
N LEU A 8 16.13 9.35 7.67
CA LEU A 8 15.52 8.09 7.28
C LEU A 8 14.83 7.45 8.48
N GLN A 9 13.53 7.71 8.61
CA GLN A 9 12.79 7.28 9.79
C GLN A 9 11.52 6.54 9.40
N LYS A 10 11.09 5.63 10.27
CA LYS A 10 9.85 4.91 10.08
C LYS A 10 8.69 5.68 10.71
N LYS A 11 7.51 5.44 10.21
CA LYS A 11 6.31 6.00 10.78
C LYS A 11 5.44 4.89 11.33
N SER A 12 4.93 5.09 12.52
CA SER A 12 4.07 4.10 13.16
C SER A 12 2.68 4.14 12.55
N PHE A 13 2.47 3.27 11.57
CA PHE A 13 1.20 3.24 10.85
C PHE A 13 0.23 2.23 11.44
N THR A 14 -0.95 2.71 11.76
CA THR A 14 -2.04 1.84 12.15
C THR A 14 -3.11 1.89 11.07
N LEU A 15 -3.19 0.83 10.29
CA LEU A 15 -4.07 0.78 9.14
C LEU A 15 -5.27 -0.10 9.43
N TYR A 16 -6.45 0.44 9.25
CA TYR A 16 -7.66 -0.30 9.50
C TYR A 16 -8.22 -0.89 8.21
N ARG A 17 -8.24 -2.21 8.16
CA ARG A 17 -8.83 -2.91 7.03
C ARG A 17 -10.27 -3.25 7.35
N ALA A 18 -11.19 -2.47 6.82
CA ALA A 18 -12.60 -2.73 7.01
C ALA A 18 -13.09 -3.73 5.97
N ASP A 19 -13.14 -4.98 6.38
CA ASP A 19 -13.58 -6.06 5.51
C ASP A 19 -14.02 -7.23 6.37
N ASN A 20 -15.15 -7.84 6.02
CA ASN A 20 -15.72 -8.84 6.91
C ASN A 20 -14.92 -10.13 6.83
N ARG A 21 -14.37 -10.49 7.98
CA ARG A 21 -13.59 -11.70 8.18
C ARG A 21 -13.75 -12.09 9.64
N SER A 22 -13.14 -13.18 10.06
CA SER A 22 -13.03 -13.46 11.48
C SER A 22 -11.56 -13.48 11.86
N PHE A 23 -11.23 -13.05 13.08
CA PHE A 23 -9.83 -12.97 13.48
C PHE A 23 -9.21 -14.36 13.54
N GLU A 24 -9.91 -15.28 14.19
CA GLU A 24 -9.45 -16.67 14.27
C GLU A 24 -9.36 -17.27 12.88
N GLU A 25 -10.27 -16.84 12.02
CA GLU A 25 -10.26 -17.23 10.61
C GLU A 25 -8.97 -16.76 9.94
N MET A 26 -8.59 -15.52 10.21
CA MET A 26 -7.35 -14.97 9.67
C MET A 26 -6.15 -15.79 10.14
N GLN A 27 -6.24 -16.27 11.38
CA GLN A 27 -5.16 -17.06 11.96
C GLN A 27 -5.04 -18.41 11.27
N SER A 28 -6.17 -18.94 10.83
CA SER A 28 -6.23 -20.29 10.29
C SER A 28 -6.17 -20.29 8.76
N LYS A 29 -7.04 -19.53 8.13
CA LYS A 29 -7.20 -19.60 6.68
C LYS A 29 -6.27 -18.63 5.97
N PHE A 30 -5.73 -17.67 6.71
CA PHE A 30 -4.88 -16.65 6.12
C PHE A 30 -3.56 -16.48 6.90
N PRO A 31 -2.78 -17.56 7.09
CA PRO A 31 -1.52 -17.47 7.84
C PRO A 31 -0.48 -16.63 7.12
N GLU A 32 -0.72 -16.42 5.83
CA GLU A 32 0.15 -15.59 5.02
C GLU A 32 -0.18 -14.11 5.25
N GLY A 33 -1.44 -13.76 5.02
CA GLY A 33 -1.87 -12.40 5.23
C GLY A 33 -3.20 -12.11 4.57
N PHE A 34 -3.63 -10.84 4.61
CA PHE A 34 -4.81 -10.41 3.87
C PHE A 34 -4.58 -10.55 2.38
N LYS A 35 -5.54 -11.15 1.70
CA LYS A 35 -5.42 -11.37 0.27
C LYS A 35 -6.54 -10.67 -0.47
N ALA A 36 -6.20 -10.01 -1.56
CA ALA A 36 -7.17 -9.32 -2.39
C ALA A 36 -7.83 -10.30 -3.36
N TRP A 37 -8.65 -9.78 -4.27
CA TRP A 37 -9.30 -10.62 -5.28
C TRP A 37 -8.24 -11.40 -6.05
N THR A 38 -7.23 -10.69 -6.50
CA THR A 38 -6.07 -11.30 -7.10
C THR A 38 -4.83 -10.85 -6.33
N PRO A 39 -4.40 -11.64 -5.33
CA PRO A 39 -3.30 -11.28 -4.44
C PRO A 39 -1.94 -11.38 -5.11
N LEU A 40 -1.07 -10.43 -4.81
CA LEU A 40 0.28 -10.44 -5.36
C LEU A 40 1.30 -10.68 -4.24
N ASP A 41 2.43 -11.24 -4.61
CA ASP A 41 3.45 -11.62 -3.65
C ASP A 41 4.46 -10.50 -3.43
N THR A 42 5.36 -10.70 -2.47
CA THR A 42 6.35 -9.69 -2.13
C THR A 42 7.18 -9.27 -3.34
N LYS A 43 7.53 -10.26 -4.16
CA LYS A 43 8.31 -10.01 -5.37
C LYS A 43 7.57 -9.06 -6.29
N MET A 44 6.28 -9.33 -6.48
CA MET A 44 5.45 -8.50 -7.34
C MET A 44 5.29 -7.11 -6.74
N ALA A 45 5.16 -7.08 -5.42
CA ALA A 45 5.00 -5.83 -4.68
C ALA A 45 6.15 -4.88 -4.94
N ARG A 46 7.37 -5.39 -4.78
CA ARG A 46 8.55 -4.58 -4.97
C ARG A 46 8.74 -4.22 -6.44
N GLN A 47 8.38 -5.15 -7.33
CA GLN A 47 8.49 -4.91 -8.77
C GLN A 47 7.60 -3.74 -9.20
N PHE A 48 6.40 -3.69 -8.65
CA PHE A 48 5.45 -2.63 -8.95
C PHE A 48 6.01 -1.27 -8.54
N ALA A 49 6.48 -1.16 -7.30
CA ALA A 49 6.94 0.10 -6.76
C ALA A 49 8.28 0.54 -7.39
N SER A 50 9.00 -0.40 -7.97
CA SER A 50 10.31 -0.11 -8.56
C SER A 50 10.19 0.89 -9.72
N ILE A 51 9.02 0.99 -10.32
CA ILE A 51 8.82 1.87 -11.47
C ILE A 51 9.02 3.34 -11.10
N PHE A 52 8.83 3.66 -9.83
CA PHE A 52 8.88 5.05 -9.38
C PHE A 52 10.32 5.49 -9.10
N ILE A 53 11.26 4.57 -9.20
CA ILE A 53 12.65 4.89 -8.94
C ILE A 53 13.53 4.62 -10.16
N GLY A 54 12.90 4.52 -11.33
CA GLY A 54 13.64 4.39 -12.56
C GLY A 54 13.81 2.96 -13.02
N GLN A 55 13.12 2.04 -12.38
CA GLN A 55 13.16 0.64 -12.77
C GLN A 55 11.91 0.30 -13.55
N LYS A 56 12.01 -0.67 -14.44
CA LYS A 56 10.94 -0.95 -15.39
C LYS A 56 10.47 -2.39 -15.27
N ASP A 57 10.24 -2.85 -14.05
CA ASP A 57 9.78 -4.22 -13.83
C ASP A 57 8.30 -4.35 -14.10
N THR A 58 7.91 -4.10 -15.34
CA THR A 58 6.52 -4.23 -15.76
C THR A 58 6.24 -5.65 -16.24
N SER A 59 6.70 -6.61 -15.47
CA SER A 59 6.49 -8.02 -15.77
C SER A 59 6.16 -8.76 -14.48
N ASN A 60 5.52 -9.92 -14.61
CA ASN A 60 5.09 -10.75 -13.46
C ASN A 60 3.87 -10.13 -12.78
N LEU A 61 3.62 -8.87 -13.07
CA LEU A 61 2.51 -8.13 -12.50
C LEU A 61 1.25 -8.35 -13.32
N PRO A 62 0.06 -8.17 -12.70
CA PRO A 62 -1.23 -8.26 -13.40
C PRO A 62 -1.26 -7.36 -14.63
N LYS A 63 -1.94 -7.84 -15.66
CA LYS A 63 -1.98 -7.21 -16.97
C LYS A 63 -2.58 -5.81 -16.89
N GLU A 64 -3.59 -5.65 -16.04
CA GLU A 64 -4.24 -4.36 -15.87
C GLU A 64 -3.28 -3.36 -15.26
N THR A 65 -2.45 -3.82 -14.33
CA THR A 65 -1.50 -2.96 -13.66
C THR A 65 -0.43 -2.48 -14.62
N VAL A 66 0.17 -3.41 -15.36
CA VAL A 66 1.24 -3.06 -16.30
C VAL A 66 0.69 -2.20 -17.44
N LYS A 67 -0.57 -2.44 -17.80
CA LYS A 67 -1.25 -1.65 -18.81
C LYS A 67 -1.36 -0.20 -18.36
N ASN A 68 -1.66 -0.01 -17.07
CA ASN A 68 -1.73 1.32 -16.48
C ASN A 68 -0.34 1.93 -16.34
N ILE A 69 0.63 1.14 -15.91
CA ILE A 69 1.99 1.63 -15.73
C ILE A 69 2.55 2.19 -17.04
N SER A 70 2.35 1.45 -18.11
CA SER A 70 2.91 1.82 -19.41
C SER A 70 2.23 3.06 -19.98
N THR A 71 1.04 3.39 -19.48
CA THR A 71 0.32 4.56 -19.96
C THR A 71 0.68 5.80 -19.15
N TRP A 72 1.30 5.59 -17.97
CA TRP A 72 1.79 6.71 -17.19
C TRP A 72 3.09 7.21 -17.80
N GLY A 73 3.91 6.27 -18.26
CA GLY A 73 5.14 6.62 -18.93
C GLY A 73 6.34 5.99 -18.28
N ALA A 74 7.52 6.50 -18.61
CA ALA A 74 8.77 6.00 -18.05
C ALA A 74 9.09 6.73 -16.77
N LYS A 75 8.30 7.74 -16.46
CA LYS A 75 8.49 8.55 -15.26
C LYS A 75 7.20 8.63 -14.44
N PRO A 76 6.76 7.51 -13.85
CA PRO A 76 5.56 7.46 -13.01
C PRO A 76 5.86 7.91 -11.59
N LYS A 77 4.88 8.56 -10.97
CA LYS A 77 5.03 9.02 -9.60
C LYS A 77 3.88 8.48 -8.74
N LEU A 78 3.87 8.84 -7.46
CA LEU A 78 2.85 8.34 -6.55
C LEU A 78 1.48 8.85 -6.95
N LYS A 79 1.43 10.10 -7.39
CA LYS A 79 0.17 10.74 -7.77
C LYS A 79 -0.54 9.98 -8.90
N ASP A 80 0.24 9.37 -9.79
CA ASP A 80 -0.33 8.66 -10.94
C ASP A 80 -1.18 7.49 -10.47
N LEU A 81 -0.61 6.61 -9.67
CA LEU A 81 -1.34 5.42 -9.24
C LEU A 81 -2.24 5.72 -8.06
N SER A 82 -1.97 6.80 -7.31
CA SER A 82 -2.79 7.13 -6.16
C SER A 82 -4.22 7.47 -6.60
N ASN A 83 -4.33 8.27 -7.65
CA ASN A 83 -5.63 8.62 -8.22
C ASN A 83 -6.27 7.40 -8.86
N TYR A 84 -5.45 6.50 -9.35
CA TYR A 84 -5.90 5.24 -9.91
C TYR A 84 -6.52 4.38 -8.81
N ILE A 85 -5.80 4.24 -7.71
CA ILE A 85 -6.26 3.43 -6.58
C ILE A 85 -7.42 4.10 -5.85
N LYS A 86 -7.50 5.41 -5.93
CA LYS A 86 -8.60 6.17 -5.33
C LYS A 86 -9.94 5.79 -5.96
N TYR A 87 -10.00 5.85 -7.28
CA TYR A 87 -11.26 5.64 -7.98
C TYR A 87 -11.44 4.20 -8.44
N THR A 88 -10.35 3.45 -8.47
CA THR A 88 -10.40 2.05 -8.84
C THR A 88 -10.07 1.16 -7.64
N LYS A 89 -11.11 0.53 -7.11
CA LYS A 89 -10.95 -0.43 -6.03
C LYS A 89 -11.73 -1.70 -6.37
N ASP A 90 -11.73 -2.01 -7.66
CA ASP A 90 -12.46 -3.16 -8.18
C ASP A 90 -11.69 -4.47 -7.97
N LYS A 91 -12.12 -5.51 -8.65
CA LYS A 91 -11.53 -6.84 -8.48
C LYS A 91 -10.10 -6.90 -9.00
N SER A 92 -9.88 -6.45 -10.21
CA SER A 92 -8.59 -6.56 -10.86
C SER A 92 -7.68 -5.41 -10.45
N THR A 93 -7.54 -5.22 -9.15
CA THR A 93 -6.71 -4.14 -8.62
C THR A 93 -5.39 -4.64 -8.09
N VAL A 94 -5.44 -5.77 -7.37
CA VAL A 94 -4.25 -6.45 -6.81
C VAL A 94 -3.89 -5.92 -5.43
N TRP A 95 -4.24 -4.67 -5.15
CA TRP A 95 -3.85 -4.03 -3.89
C TRP A 95 -4.93 -4.18 -2.83
N VAL A 96 -4.53 -4.00 -1.58
CA VAL A 96 -5.43 -4.06 -0.45
C VAL A 96 -5.56 -2.67 0.18
N SER A 97 -6.73 -2.07 0.05
CA SER A 97 -6.96 -0.72 0.56
C SER A 97 -7.20 -0.73 2.08
N THR A 98 -6.39 0.03 2.79
CA THR A 98 -6.58 0.25 4.22
C THR A 98 -6.55 1.75 4.50
N ALA A 99 -6.71 2.13 5.75
CA ALA A 99 -6.70 3.55 6.11
C ALA A 99 -6.13 3.76 7.50
N ILE A 100 -5.57 4.93 7.71
CA ILE A 100 -5.03 5.32 9.01
C ILE A 100 -6.17 5.61 9.97
N ASN A 101 -7.38 5.65 9.43
CA ASN A 101 -8.59 5.91 10.18
C ASN A 101 -9.60 4.82 9.91
N THR A 102 -10.50 4.63 10.86
CA THR A 102 -11.56 3.65 10.72
C THR A 102 -12.64 4.20 9.80
N GLU A 103 -12.70 5.51 9.70
CA GLU A 103 -13.69 6.20 8.87
C GLU A 103 -13.42 5.93 7.40
N ALA A 104 -12.16 6.06 7.01
CA ALA A 104 -11.76 5.86 5.62
C ALA A 104 -11.52 4.38 5.31
N GLY A 105 -11.97 3.52 6.22
CA GLY A 105 -11.78 2.09 6.04
C GLY A 105 -12.83 1.48 5.13
N GLY A 106 -14.03 2.05 5.15
CA GLY A 106 -15.12 1.51 4.35
C GLY A 106 -15.74 0.27 4.96
N GLN A 107 -16.62 0.46 5.94
CA GLN A 107 -17.23 -0.66 6.64
C GLN A 107 -18.20 -1.43 5.74
N SER A 108 -18.63 -0.77 4.67
CA SER A 108 -19.52 -1.39 3.68
C SER A 108 -20.90 -1.70 4.30
N SER A 109 -21.02 -2.86 4.93
CA SER A 109 -22.27 -3.27 5.54
C SER A 109 -22.08 -3.49 7.04
N GLY A 110 -21.07 -2.85 7.60
CA GLY A 110 -20.76 -3.02 9.01
C GLY A 110 -19.71 -4.09 9.21
N ALA A 111 -18.74 -4.12 8.32
CA ALA A 111 -17.68 -5.12 8.36
C ALA A 111 -16.71 -4.85 9.51
N PRO A 112 -16.28 -5.93 10.21
CA PRO A 112 -15.30 -5.84 11.29
C PRO A 112 -14.00 -5.16 10.87
N LEU A 113 -13.51 -4.28 11.72
CA LEU A 113 -12.30 -3.54 11.46
C LEU A 113 -11.10 -4.32 11.94
N HIS A 114 -10.07 -4.36 11.13
CA HIS A 114 -8.84 -5.04 11.48
C HIS A 114 -7.72 -4.03 11.63
N LYS A 115 -7.03 -4.09 12.75
CA LYS A 115 -6.00 -3.12 13.06
C LYS A 115 -4.63 -3.60 12.59
N ILE A 116 -4.21 -3.16 11.42
CA ILE A 116 -2.90 -3.50 10.91
C ILE A 116 -1.91 -2.50 11.45
N ASP A 117 -0.86 -2.98 12.10
CA ASP A 117 0.09 -2.07 12.71
C ASP A 117 1.50 -2.37 12.19
N MET A 118 2.12 -1.37 11.60
CA MET A 118 3.44 -1.53 11.00
C MET A 118 4.31 -0.32 11.26
N ASP A 119 5.60 -0.48 11.05
CA ASP A 119 6.53 0.63 11.11
C ASP A 119 7.19 0.76 9.74
N LEU A 120 6.72 1.72 8.97
CA LEU A 120 7.08 1.82 7.56
C LEU A 120 7.71 3.17 7.26
N TYR A 121 8.67 3.18 6.36
CA TYR A 121 9.29 4.42 5.93
C TYR A 121 8.39 5.14 4.94
N GLU A 122 8.24 6.44 5.11
CA GLU A 122 7.46 7.24 4.18
C GLU A 122 8.40 7.88 3.16
N PHE A 123 8.27 7.46 1.91
CA PHE A 123 9.15 7.96 0.85
C PHE A 123 8.38 8.77 -0.18
N ALA A 124 8.85 9.97 -0.43
CA ALA A 124 8.34 10.79 -1.51
C ALA A 124 9.25 10.67 -2.72
N ILE A 125 8.67 10.37 -3.86
CA ILE A 125 9.45 10.21 -5.07
C ILE A 125 9.74 11.57 -5.70
N ASP A 126 10.99 11.97 -5.63
CA ASP A 126 11.43 13.24 -6.19
C ASP A 126 12.50 13.01 -7.24
N GLY A 127 12.10 12.95 -8.49
CA GLY A 127 13.03 12.64 -9.56
C GLY A 127 13.37 11.16 -9.58
N GLN A 128 12.35 10.33 -9.40
CA GLN A 128 12.52 8.89 -9.30
C GLN A 128 13.53 8.52 -8.23
N LYS A 129 13.39 9.16 -7.08
CA LYS A 129 14.28 8.95 -5.95
C LYS A 129 13.47 8.87 -4.66
N LEU A 130 13.76 7.86 -3.85
CA LEU A 130 13.10 7.69 -2.56
C LEU A 130 13.61 8.74 -1.56
N ASN A 131 12.71 9.61 -1.13
CA ASN A 131 13.05 10.61 -0.12
C ASN A 131 12.14 10.46 1.09
N PRO A 132 12.71 10.09 2.25
CA PRO A 132 11.93 9.90 3.47
C PRO A 132 11.31 11.22 3.95
N LEU A 133 10.09 11.14 4.46
CA LEU A 133 9.36 12.31 4.95
C LEU A 133 9.29 12.31 6.47
N PRO A 134 10.29 12.87 7.16
CA PRO A 134 10.28 12.97 8.61
C PRO A 134 9.36 14.10 9.09
N GLU A 135 8.98 14.96 8.16
CA GLU A 135 8.17 16.13 8.49
C GLU A 135 6.88 16.16 7.67
N GLY A 136 6.55 15.05 7.05
CA GLY A 136 5.36 14.99 6.24
C GLY A 136 4.82 13.59 6.15
N ARG A 137 3.61 13.44 5.63
CA ARG A 137 3.00 12.12 5.50
C ARG A 137 2.60 11.88 4.05
N THR A 138 1.76 12.75 3.53
CA THR A 138 1.28 12.63 2.17
C THR A 138 0.70 13.97 1.72
N LYS A 139 0.98 14.34 0.49
CA LYS A 139 0.46 15.57 -0.07
C LYS A 139 -0.57 15.24 -1.16
N ASN A 140 -1.14 16.26 -1.77
CA ASN A 140 -2.17 16.05 -2.79
C ASN A 140 -1.57 15.38 -4.02
N MET A 141 -0.55 15.99 -4.59
CA MET A 141 0.09 15.46 -5.78
C MET A 141 1.38 14.73 -5.42
N VAL A 142 1.72 14.74 -4.14
CA VAL A 142 2.92 14.06 -3.67
C VAL A 142 2.60 13.13 -2.49
N PRO A 143 1.93 12.00 -2.75
CA PRO A 143 1.75 10.94 -1.76
C PRO A 143 3.07 10.25 -1.43
N SER A 144 3.06 9.33 -0.48
CA SER A 144 4.27 8.66 -0.06
C SER A 144 4.22 7.16 -0.31
N LEU A 145 5.37 6.58 -0.59
CA LEU A 145 5.51 5.15 -0.72
C LEU A 145 6.00 4.58 0.60
N LEU A 146 5.32 3.56 1.10
CA LEU A 146 5.65 2.98 2.39
C LEU A 146 6.43 1.69 2.19
N LEU A 147 7.61 1.63 2.80
CA LEU A 147 8.46 0.46 2.70
C LEU A 147 8.90 -0.01 4.07
N ASP A 148 9.01 -1.33 4.24
CA ASP A 148 9.46 -1.92 5.49
C ASP A 148 10.98 -1.74 5.63
N THR A 149 11.64 -1.58 4.48
CA THR A 149 13.07 -1.34 4.45
C THR A 149 13.35 -0.11 3.60
N PRO A 150 14.51 0.54 3.80
CA PRO A 150 14.86 1.79 3.10
C PRO A 150 14.95 1.66 1.57
N GLN A 151 14.85 0.44 1.07
CA GLN A 151 14.86 0.21 -0.37
C GLN A 151 13.68 -0.68 -0.76
N ILE A 152 13.16 -0.49 -1.97
CA ILE A 152 12.00 -1.24 -2.44
C ILE A 152 12.32 -2.71 -2.67
N GLU A 153 13.40 -2.97 -3.39
CA GLU A 153 13.76 -4.33 -3.78
C GLU A 153 14.18 -5.18 -2.58
N THR A 154 14.29 -4.55 -1.43
CA THR A 154 14.65 -5.27 -0.21
C THR A 154 13.47 -5.30 0.76
N SER A 155 12.39 -4.63 0.40
CA SER A 155 11.26 -4.48 1.29
C SER A 155 10.33 -5.69 1.19
N SER A 156 9.82 -6.11 2.33
CA SER A 156 8.86 -7.21 2.38
C SER A 156 7.44 -6.66 2.36
N ILE A 157 7.30 -5.39 2.70
CA ILE A 157 6.01 -4.72 2.70
C ILE A 157 6.08 -3.45 1.86
N ILE A 158 5.30 -3.41 0.79
CA ILE A 158 5.23 -2.24 -0.06
C ILE A 158 3.79 -1.71 -0.08
N ALA A 159 3.61 -0.47 0.32
CA ALA A 159 2.29 0.12 0.33
C ALA A 159 2.34 1.56 -0.16
N LEU A 160 1.22 2.05 -0.66
CA LEU A 160 1.12 3.42 -1.11
C LEU A 160 0.25 4.23 -0.16
N ASN A 161 0.81 5.28 0.39
CA ASN A 161 0.08 6.13 1.32
C ASN A 161 -0.36 7.42 0.65
N HIS A 162 -1.66 7.60 0.53
CA HIS A 162 -2.19 8.87 0.05
C HIS A 162 -3.45 9.22 0.83
N GLY A 163 -3.59 10.45 1.23
CA GLY A 163 -4.81 10.88 1.87
C GLY A 163 -4.76 12.34 2.22
N PRO A 164 -5.76 12.84 2.95
CA PRO A 164 -5.64 14.08 3.71
C PRO A 164 -4.62 13.91 4.83
N VAL A 165 -4.20 15.00 5.43
CA VAL A 165 -3.09 14.98 6.38
C VAL A 165 -3.26 13.95 7.50
N ASN A 166 -4.48 13.82 8.03
CA ASN A 166 -4.73 12.90 9.13
C ASN A 166 -5.72 11.81 8.73
N ASP A 167 -5.98 11.70 7.43
CA ASP A 167 -6.94 10.72 6.94
C ASP A 167 -6.31 9.89 5.82
N ALA A 168 -5.02 9.63 6.00
CA ALA A 168 -4.23 8.87 5.04
C ALA A 168 -4.84 7.52 4.69
N GLU A 169 -4.95 7.26 3.39
CA GLU A 169 -5.42 5.98 2.87
C GLU A 169 -4.23 5.18 2.35
N ILE A 170 -3.92 4.09 3.04
CA ILE A 170 -2.77 3.28 2.68
C ILE A 170 -3.20 2.07 1.86
N SER A 171 -2.71 1.99 0.65
CA SER A 171 -3.03 0.90 -0.24
C SER A 171 -1.86 -0.06 -0.32
N PHE A 172 -2.01 -1.22 0.31
CA PHE A 172 -0.94 -2.20 0.33
C PHE A 172 -0.80 -2.90 -1.01
N LEU A 173 0.38 -2.84 -1.57
CA LEU A 173 0.69 -3.51 -2.82
C LEU A 173 1.29 -4.87 -2.51
N THR A 174 1.07 -5.33 -1.28
CA THR A 174 1.64 -6.57 -0.80
C THR A 174 0.61 -7.31 0.04
N THR A 175 0.71 -8.63 0.08
CA THR A 175 -0.14 -9.43 0.95
C THR A 175 0.19 -9.11 2.41
N ILE A 176 -0.69 -8.33 3.05
CA ILE A 176 -0.47 -7.84 4.40
C ILE A 176 -0.19 -8.98 5.37
N PRO A 177 1.05 -9.06 5.89
CA PRO A 177 1.46 -10.15 6.79
C PRO A 177 0.50 -10.32 7.98
N LEU A 178 0.19 -11.58 8.25
CA LEU A 178 -0.79 -11.96 9.26
C LEU A 178 -0.34 -11.52 10.65
N LYS A 179 0.96 -11.31 10.81
CA LYS A 179 1.51 -10.94 12.11
C LYS A 179 1.15 -9.50 12.46
N ASN A 180 0.94 -8.67 11.45
CA ASN A 180 0.75 -7.24 11.68
C ASN A 180 -0.71 -6.88 11.90
N VAL A 181 -1.61 -7.79 11.57
CA VAL A 181 -3.03 -7.54 11.76
C VAL A 181 -3.46 -7.90 13.18
N LYS A 182 -3.93 -6.89 13.90
CA LYS A 182 -4.42 -7.05 15.25
C LYS A 182 -5.95 -6.92 15.24
N PRO A 183 -6.62 -7.42 16.29
CA PRO A 183 -8.08 -7.34 16.40
C PRO A 183 -8.54 -5.94 16.80
N HIS A 184 -9.66 -5.52 16.22
CA HIS A 184 -10.24 -4.23 16.54
C HIS A 184 -11.76 -4.36 16.54
N LYS A 185 -12.42 -3.45 17.26
CA LYS A 185 -13.87 -3.49 17.38
C LYS A 185 -14.56 -3.16 16.06
N THR A 6 17.26 14.40 4.55
CA THR A 6 16.34 13.30 4.38
C THR A 6 16.54 12.26 5.49
N ASN A 7 15.82 12.42 6.59
CA ASN A 7 15.94 11.50 7.72
C ASN A 7 15.18 10.22 7.44
N LEU A 8 15.77 9.12 7.84
CA LEU A 8 15.21 7.81 7.57
C LEU A 8 14.61 7.22 8.84
N GLN A 9 13.32 7.43 9.02
CA GLN A 9 12.62 6.94 10.20
C GLN A 9 11.32 6.27 9.80
N LYS A 10 10.98 5.19 10.48
CA LYS A 10 9.72 4.51 10.24
C LYS A 10 8.59 5.28 10.88
N LYS A 11 7.45 5.26 10.22
CA LYS A 11 6.28 5.96 10.68
C LYS A 11 5.28 4.97 11.23
N SER A 12 4.72 5.30 12.38
CA SER A 12 3.74 4.44 13.00
C SER A 12 2.39 4.57 12.31
N PHE A 13 1.97 3.48 11.66
CA PHE A 13 0.70 3.47 10.96
C PHE A 13 -0.25 2.44 11.54
N THR A 14 -1.51 2.83 11.65
CA THR A 14 -2.57 1.92 12.02
C THR A 14 -3.60 1.88 10.90
N LEU A 15 -3.61 0.79 10.16
CA LEU A 15 -4.48 0.66 9.01
C LEU A 15 -5.65 -0.26 9.32
N TYR A 16 -6.85 0.23 9.10
CA TYR A 16 -8.05 -0.54 9.36
C TYR A 16 -8.62 -1.09 8.07
N ARG A 17 -8.65 -2.40 7.98
CA ARG A 17 -9.26 -3.08 6.86
C ARG A 17 -10.65 -3.57 7.25
N ALA A 18 -11.65 -3.00 6.63
CA ALA A 18 -13.02 -3.42 6.87
C ALA A 18 -13.40 -4.55 5.92
N ASP A 19 -13.37 -5.76 6.43
CA ASP A 19 -13.61 -6.95 5.62
C ASP A 19 -14.11 -8.05 6.54
N ASN A 20 -15.28 -8.61 6.25
CA ASN A 20 -15.85 -9.58 7.17
C ASN A 20 -15.09 -10.89 7.13
N ARG A 21 -14.51 -11.23 8.27
CA ARG A 21 -13.76 -12.46 8.45
C ARG A 21 -13.79 -12.85 9.91
N SER A 22 -13.16 -13.95 10.24
CA SER A 22 -12.88 -14.29 11.62
C SER A 22 -11.40 -14.04 11.89
N PHE A 23 -11.06 -13.61 13.10
CA PHE A 23 -9.67 -13.41 13.45
C PHE A 23 -8.96 -14.75 13.50
N GLU A 24 -9.68 -15.76 13.97
CA GLU A 24 -9.15 -17.11 14.02
C GLU A 24 -9.05 -17.68 12.60
N GLU A 25 -9.94 -17.21 11.74
CA GLU A 25 -9.89 -17.56 10.32
C GLU A 25 -8.59 -17.07 9.70
N MET A 26 -8.18 -15.86 10.07
CA MET A 26 -6.94 -15.30 9.57
C MET A 26 -5.75 -16.06 10.15
N GLN A 27 -5.95 -16.67 11.30
CA GLN A 27 -4.92 -17.46 11.94
C GLN A 27 -4.90 -18.89 11.37
N SER A 28 -5.97 -19.25 10.67
CA SER A 28 -6.15 -20.62 10.21
C SER A 28 -6.07 -20.71 8.69
N LYS A 29 -6.97 -20.02 8.01
CA LYS A 29 -7.12 -20.17 6.56
C LYS A 29 -6.06 -19.34 5.83
N PHE A 30 -5.74 -18.18 6.38
CA PHE A 30 -4.80 -17.27 5.74
C PHE A 30 -3.69 -16.86 6.70
N PRO A 31 -2.86 -17.82 7.16
CA PRO A 31 -1.80 -17.55 8.14
C PRO A 31 -0.69 -16.67 7.57
N GLU A 32 -0.75 -16.46 6.25
CA GLU A 32 0.21 -15.61 5.58
C GLU A 32 -0.15 -14.15 5.80
N GLY A 33 -1.37 -13.78 5.44
CA GLY A 33 -1.81 -12.42 5.58
C GLY A 33 -3.08 -12.13 4.79
N PHE A 34 -3.49 -10.88 4.78
CA PHE A 34 -4.62 -10.45 3.95
C PHE A 34 -4.20 -10.38 2.49
N LYS A 35 -4.99 -10.99 1.63
CA LYS A 35 -4.69 -11.03 0.21
C LYS A 35 -5.68 -10.16 -0.55
N ALA A 36 -5.19 -9.48 -1.59
CA ALA A 36 -5.99 -8.55 -2.37
C ALA A 36 -6.93 -9.27 -3.32
N TRP A 37 -7.64 -8.51 -4.14
CA TRP A 37 -8.55 -9.06 -5.14
C TRP A 37 -7.80 -10.04 -6.03
N THR A 38 -6.71 -9.56 -6.60
CA THR A 38 -5.76 -10.42 -7.26
C THR A 38 -4.45 -10.42 -6.47
N PRO A 39 -4.29 -11.39 -5.58
CA PRO A 39 -3.15 -11.44 -4.64
C PRO A 39 -1.80 -11.42 -5.34
N LEU A 40 -0.84 -10.74 -4.72
CA LEU A 40 0.50 -10.66 -5.25
C LEU A 40 1.51 -10.88 -4.13
N ASP A 41 2.66 -11.44 -4.47
CA ASP A 41 3.68 -11.77 -3.49
C ASP A 41 4.62 -10.60 -3.28
N THR A 42 5.50 -10.74 -2.30
CA THR A 42 6.46 -9.69 -1.97
C THR A 42 7.30 -9.30 -3.20
N LYS A 43 7.62 -10.29 -4.02
CA LYS A 43 8.40 -10.08 -5.24
C LYS A 43 7.68 -9.09 -6.16
N MET A 44 6.40 -9.31 -6.35
CA MET A 44 5.60 -8.50 -7.27
C MET A 44 5.42 -7.09 -6.72
N ALA A 45 5.41 -6.99 -5.40
CA ALA A 45 5.26 -5.71 -4.73
C ALA A 45 6.43 -4.78 -5.04
N ARG A 46 7.65 -5.30 -4.88
CA ARG A 46 8.84 -4.51 -5.13
C ARG A 46 9.03 -4.24 -6.61
N GLN A 47 8.48 -5.12 -7.44
CA GLN A 47 8.50 -4.92 -8.88
C GLN A 47 7.57 -3.77 -9.27
N PHE A 48 6.44 -3.70 -8.59
CA PHE A 48 5.47 -2.65 -8.81
C PHE A 48 6.05 -1.29 -8.41
N ALA A 49 6.45 -1.16 -7.16
CA ALA A 49 6.90 0.12 -6.61
C ALA A 49 8.21 0.59 -7.25
N SER A 50 8.95 -0.32 -7.86
CA SER A 50 10.24 0.01 -8.46
C SER A 50 10.07 1.00 -9.61
N ILE A 51 8.87 1.08 -10.18
CA ILE A 51 8.62 1.95 -11.32
C ILE A 51 8.90 3.41 -11.00
N PHE A 52 8.76 3.77 -9.73
CA PHE A 52 8.89 5.16 -9.31
C PHE A 52 10.35 5.58 -9.21
N ILE A 53 11.27 4.63 -9.21
CA ILE A 53 12.68 4.96 -9.11
C ILE A 53 13.42 4.69 -10.41
N GLY A 54 12.67 4.55 -11.50
CA GLY A 54 13.28 4.44 -12.81
C GLY A 54 13.26 3.04 -13.36
N GLN A 55 12.74 2.09 -12.60
CA GLN A 55 12.67 0.71 -13.05
C GLN A 55 11.32 0.45 -13.71
N LYS A 56 11.27 -0.53 -14.60
CA LYS A 56 10.05 -0.80 -15.35
C LYS A 56 9.77 -2.30 -15.40
N ASP A 57 9.96 -2.95 -14.27
CA ASP A 57 9.76 -4.39 -14.19
C ASP A 57 8.29 -4.73 -14.00
N THR A 58 7.50 -4.49 -15.03
CA THR A 58 6.08 -4.77 -15.01
C THR A 58 5.79 -6.16 -15.56
N SER A 59 6.77 -7.04 -15.45
CA SER A 59 6.60 -8.42 -15.89
C SER A 59 5.93 -9.22 -14.76
N ASN A 60 5.29 -10.33 -15.13
CA ASN A 60 4.58 -11.21 -14.20
C ASN A 60 3.66 -10.45 -13.24
N LEU A 61 3.12 -9.33 -13.71
CA LEU A 61 2.20 -8.52 -12.92
C LEU A 61 0.82 -8.47 -13.60
N PRO A 62 -0.25 -8.25 -12.81
CA PRO A 62 -1.64 -8.22 -13.33
C PRO A 62 -1.82 -7.27 -14.51
N LYS A 63 -2.71 -7.70 -15.41
CA LYS A 63 -2.95 -7.04 -16.69
C LYS A 63 -3.45 -5.62 -16.51
N GLU A 64 -4.41 -5.45 -15.62
CA GLU A 64 -5.03 -4.15 -15.42
C GLU A 64 -4.05 -3.20 -14.76
N THR A 65 -3.19 -3.74 -13.92
CA THR A 65 -2.19 -2.96 -13.22
C THR A 65 -1.13 -2.45 -14.20
N VAL A 66 -0.57 -3.37 -14.99
CA VAL A 66 0.49 -3.01 -15.93
C VAL A 66 -0.04 -2.11 -17.03
N LYS A 67 -1.30 -2.28 -17.40
CA LYS A 67 -1.93 -1.42 -18.39
C LYS A 67 -1.88 0.03 -17.95
N ASN A 68 -2.20 0.26 -16.69
CA ASN A 68 -2.18 1.61 -16.13
C ASN A 68 -0.76 2.13 -16.00
N ILE A 69 0.15 1.27 -15.54
CA ILE A 69 1.54 1.65 -15.39
C ILE A 69 2.14 2.09 -16.72
N SER A 70 1.91 1.29 -17.76
CA SER A 70 2.41 1.62 -19.09
C SER A 70 1.73 2.87 -19.64
N THR A 71 0.53 3.15 -19.13
CA THR A 71 -0.20 4.35 -19.51
C THR A 71 0.52 5.59 -19.00
N TRP A 72 1.07 5.51 -17.80
CA TRP A 72 1.78 6.64 -17.20
C TRP A 72 3.07 6.88 -17.96
N GLY A 73 3.71 5.80 -18.37
CA GLY A 73 4.92 5.91 -19.16
C GLY A 73 6.00 4.95 -18.69
N ALA A 74 7.25 5.38 -18.80
CA ALA A 74 8.37 4.57 -18.35
C ALA A 74 8.89 5.10 -17.03
N LYS A 75 8.50 6.33 -16.70
CA LYS A 75 8.96 6.98 -15.48
C LYS A 75 7.77 7.60 -14.75
N PRO A 76 6.96 6.76 -14.10
CA PRO A 76 5.76 7.19 -13.39
C PRO A 76 6.08 7.85 -12.05
N LYS A 77 5.12 8.57 -11.51
CA LYS A 77 5.29 9.26 -10.25
C LYS A 77 4.27 8.77 -9.23
N LEU A 78 4.41 9.18 -7.97
CA LEU A 78 3.49 8.75 -6.92
C LEU A 78 2.06 9.14 -7.27
N LYS A 79 1.91 10.34 -7.84
CA LYS A 79 0.60 10.88 -8.20
C LYS A 79 -0.18 9.93 -9.10
N ASP A 80 0.53 9.29 -10.03
CA ASP A 80 -0.09 8.43 -11.02
C ASP A 80 -0.77 7.25 -10.34
N LEU A 81 -0.06 6.62 -9.42
CA LEU A 81 -0.60 5.49 -8.69
C LEU A 81 -1.64 5.96 -7.68
N SER A 82 -1.41 7.14 -7.12
CA SER A 82 -2.31 7.70 -6.11
C SER A 82 -3.71 7.92 -6.67
N ASN A 83 -3.77 8.49 -7.87
CA ASN A 83 -5.05 8.73 -8.54
C ASN A 83 -5.63 7.42 -9.04
N TYR A 84 -4.76 6.53 -9.50
CA TYR A 84 -5.17 5.21 -9.94
C TYR A 84 -5.89 4.48 -8.81
N ILE A 85 -5.25 4.42 -7.65
CA ILE A 85 -5.81 3.70 -6.51
C ILE A 85 -7.08 4.38 -5.98
N LYS A 86 -7.01 5.68 -5.79
CA LYS A 86 -8.10 6.41 -5.15
C LYS A 86 -9.39 6.34 -5.95
N TYR A 87 -9.29 6.26 -7.27
CA TYR A 87 -10.47 6.32 -8.12
C TYR A 87 -10.72 5.00 -8.86
N THR A 88 -10.06 3.94 -8.43
CA THR A 88 -10.27 2.63 -9.03
C THR A 88 -10.45 1.56 -7.95
N LYS A 89 -11.64 0.97 -7.90
CA LYS A 89 -11.92 -0.08 -6.91
C LYS A 89 -12.30 -1.38 -7.61
N ASP A 90 -11.85 -1.52 -8.85
CA ASP A 90 -12.08 -2.75 -9.60
C ASP A 90 -11.37 -3.92 -8.93
N LYS A 91 -11.94 -5.10 -9.06
CA LYS A 91 -11.43 -6.26 -8.34
C LYS A 91 -10.34 -6.97 -9.15
N SER A 92 -9.48 -6.17 -9.75
CA SER A 92 -8.34 -6.66 -10.49
C SER A 92 -7.18 -5.67 -10.39
N THR A 93 -7.22 -4.84 -9.36
CA THR A 93 -6.26 -3.75 -9.20
C THR A 93 -4.94 -4.23 -8.62
N VAL A 94 -5.02 -5.08 -7.59
CA VAL A 94 -3.88 -5.79 -6.96
C VAL A 94 -3.59 -5.29 -5.54
N TRP A 95 -4.13 -4.14 -5.18
CA TRP A 95 -3.84 -3.57 -3.87
C TRP A 95 -4.91 -3.88 -2.85
N VAL A 96 -4.53 -3.79 -1.58
CA VAL A 96 -5.46 -3.92 -0.48
C VAL A 96 -5.79 -2.54 0.09
N SER A 97 -7.01 -2.09 -0.12
CA SER A 97 -7.44 -0.78 0.33
C SER A 97 -7.71 -0.77 1.83
N THR A 98 -6.95 0.06 2.54
CA THR A 98 -7.14 0.25 3.98
C THR A 98 -7.20 1.74 4.31
N ALA A 99 -7.39 2.06 5.57
CA ALA A 99 -7.46 3.45 6.00
C ALA A 99 -6.80 3.61 7.36
N ILE A 100 -6.25 4.79 7.59
CA ILE A 100 -5.63 5.10 8.87
C ILE A 100 -6.69 5.28 9.95
N ASN A 101 -7.92 5.45 9.51
CA ASN A 101 -9.05 5.59 10.41
C ASN A 101 -10.09 4.51 10.13
N THR A 102 -10.90 4.23 11.12
CA THR A 102 -11.86 3.14 11.06
C THR A 102 -13.01 3.42 10.10
N GLU A 103 -13.17 4.68 9.74
CA GLU A 103 -14.33 5.12 8.98
C GLU A 103 -14.13 4.88 7.48
N ALA A 104 -12.99 5.32 6.97
CA ALA A 104 -12.70 5.21 5.54
C ALA A 104 -12.26 3.79 5.17
N GLY A 105 -12.38 2.87 6.12
CA GLY A 105 -12.05 1.48 5.85
C GLY A 105 -13.05 0.83 4.91
N GLY A 106 -14.19 1.48 4.73
CA GLY A 106 -15.22 0.96 3.84
C GLY A 106 -15.97 -0.20 4.46
N GLN A 107 -16.51 0.01 5.65
CA GLN A 107 -17.21 -1.05 6.35
C GLN A 107 -18.63 -1.21 5.82
N SER A 108 -18.91 -2.41 5.33
CA SER A 108 -20.22 -2.70 4.77
C SER A 108 -21.16 -3.18 5.87
N SER A 109 -22.14 -2.35 6.22
CA SER A 109 -23.13 -2.67 7.24
C SER A 109 -22.47 -2.96 8.58
N GLY A 110 -21.40 -2.22 8.87
CA GLY A 110 -20.67 -2.41 10.10
C GLY A 110 -19.84 -3.69 10.08
N ALA A 111 -19.05 -3.85 9.04
CA ALA A 111 -18.16 -5.00 8.91
C ALA A 111 -17.04 -4.92 9.93
N PRO A 112 -16.59 -6.08 10.45
CA PRO A 112 -15.52 -6.13 11.45
C PRO A 112 -14.22 -5.52 10.96
N LEU A 113 -13.68 -4.62 11.75
CA LEU A 113 -12.46 -3.90 11.39
C LEU A 113 -11.22 -4.65 11.87
N HIS A 114 -10.22 -4.68 11.01
CA HIS A 114 -8.96 -5.30 11.36
C HIS A 114 -7.91 -4.23 11.55
N LYS A 115 -7.28 -4.23 12.71
CA LYS A 115 -6.27 -3.22 13.03
C LYS A 115 -4.90 -3.68 12.58
N ILE A 116 -4.43 -3.15 11.46
CA ILE A 116 -3.09 -3.44 11.01
C ILE A 116 -2.13 -2.43 11.63
N ASP A 117 -1.12 -2.94 12.30
CA ASP A 117 -0.12 -2.09 12.95
C ASP A 117 1.23 -2.28 12.30
N MET A 118 1.75 -1.22 11.69
CA MET A 118 3.03 -1.29 11.02
C MET A 118 3.87 -0.07 11.29
N ASP A 119 5.17 -0.25 11.18
CA ASP A 119 6.12 0.84 11.20
C ASP A 119 6.78 0.90 9.84
N LEU A 120 6.36 1.84 9.02
CA LEU A 120 6.79 1.87 7.64
C LEU A 120 7.48 3.17 7.30
N TYR A 121 8.55 3.09 6.53
CA TYR A 121 9.26 4.27 6.07
C TYR A 121 8.43 4.99 5.02
N GLU A 122 8.31 6.31 5.15
CA GLU A 122 7.62 7.10 4.14
C GLU A 122 8.64 7.66 3.16
N PHE A 123 8.38 7.50 1.88
CA PHE A 123 9.30 7.94 0.84
C PHE A 123 8.62 8.77 -0.24
N ALA A 124 9.39 9.66 -0.84
CA ALA A 124 8.96 10.44 -1.98
C ALA A 124 9.97 10.28 -3.09
N ILE A 125 9.51 10.41 -4.33
CA ILE A 125 10.40 10.28 -5.47
C ILE A 125 10.69 11.64 -6.09
N ASP A 126 11.97 12.00 -6.11
CA ASP A 126 12.41 13.24 -6.73
C ASP A 126 13.43 12.92 -7.82
N GLY A 127 12.99 12.95 -9.07
CA GLY A 127 13.87 12.60 -10.17
C GLY A 127 14.18 11.12 -10.19
N GLN A 128 13.15 10.31 -9.89
CA GLN A 128 13.28 8.86 -9.81
C GLN A 128 14.27 8.46 -8.72
N LYS A 129 14.37 9.30 -7.71
CA LYS A 129 15.23 9.04 -6.56
C LYS A 129 14.37 8.86 -5.32
N LEU A 130 14.66 7.80 -4.56
CA LEU A 130 13.86 7.44 -3.40
C LEU A 130 14.35 8.22 -2.18
N ASN A 131 13.62 9.26 -1.79
CA ASN A 131 13.99 10.10 -0.65
C ASN A 131 12.90 10.03 0.41
N PRO A 132 13.28 9.70 1.67
CA PRO A 132 12.31 9.55 2.75
C PRO A 132 11.61 10.86 3.12
N LEU A 133 10.36 10.74 3.57
CA LEU A 133 9.56 11.88 3.99
C LEU A 133 9.14 11.74 5.46
N PRO A 134 10.05 11.99 6.41
CA PRO A 134 9.71 12.02 7.82
C PRO A 134 9.02 13.34 8.19
N GLU A 135 9.12 14.29 7.28
CA GLU A 135 8.63 15.65 7.49
C GLU A 135 7.31 15.91 6.77
N GLY A 136 6.91 14.98 5.92
CA GLY A 136 5.71 15.18 5.13
C GLY A 136 5.10 13.88 4.68
N ARG A 137 3.84 13.94 4.27
CA ARG A 137 3.15 12.76 3.74
C ARG A 137 2.57 13.06 2.37
N THR A 138 2.76 14.28 1.92
CA THR A 138 2.25 14.69 0.62
C THR A 138 2.76 16.09 0.27
N LYS A 139 3.17 16.26 -0.96
CA LYS A 139 3.57 17.56 -1.47
C LYS A 139 2.76 17.86 -2.74
N ASN A 140 1.60 18.48 -2.54
CA ASN A 140 0.67 18.79 -3.62
C ASN A 140 0.14 17.52 -4.28
N MET A 141 0.90 16.97 -5.23
CA MET A 141 0.50 15.75 -5.92
C MET A 141 1.45 14.60 -5.60
N VAL A 142 2.36 14.82 -4.66
CA VAL A 142 3.35 13.80 -4.32
C VAL A 142 3.12 13.24 -2.92
N PRO A 143 2.31 12.19 -2.79
CA PRO A 143 2.11 11.47 -1.53
C PRO A 143 3.29 10.53 -1.23
N SER A 144 3.36 10.04 -0.01
CA SER A 144 4.47 9.22 0.41
C SER A 144 4.25 7.73 0.13
N LEU A 145 5.32 7.07 -0.27
CA LEU A 145 5.33 5.62 -0.45
C LEU A 145 5.78 4.96 0.84
N LEU A 146 5.08 3.91 1.26
CA LEU A 146 5.40 3.24 2.51
C LEU A 146 6.20 1.98 2.25
N LEU A 147 7.39 1.92 2.84
CA LEU A 147 8.27 0.77 2.65
C LEU A 147 8.63 0.14 4.00
N ASP A 148 8.71 -1.18 4.00
CA ASP A 148 9.08 -1.96 5.17
C ASP A 148 10.56 -1.78 5.50
N THR A 149 11.33 -1.40 4.50
CA THR A 149 12.76 -1.19 4.66
C THR A 149 13.17 0.08 3.91
N PRO A 150 14.41 0.56 4.08
CA PRO A 150 14.89 1.78 3.39
C PRO A 150 14.92 1.64 1.87
N GLN A 151 14.79 0.41 1.38
CA GLN A 151 14.85 0.16 -0.05
C GLN A 151 13.65 -0.66 -0.51
N ILE A 152 13.18 -0.39 -1.72
CA ILE A 152 12.01 -1.08 -2.28
C ILE A 152 12.27 -2.58 -2.42
N GLU A 153 13.38 -2.93 -3.08
CA GLU A 153 13.69 -4.32 -3.39
C GLU A 153 14.00 -5.16 -2.15
N THR A 154 14.05 -4.51 -0.99
CA THR A 154 14.33 -5.22 0.24
C THR A 154 13.13 -5.23 1.17
N SER A 155 12.07 -4.53 0.78
CA SER A 155 10.91 -4.37 1.63
C SER A 155 9.99 -5.59 1.56
N SER A 156 9.53 -6.03 2.73
CA SER A 156 8.58 -7.13 2.82
C SER A 156 7.16 -6.60 2.69
N ILE A 157 7.01 -5.31 3.00
CA ILE A 157 5.71 -4.64 2.92
C ILE A 157 5.85 -3.36 2.10
N ILE A 158 4.98 -3.18 1.13
CA ILE A 158 4.96 -1.96 0.34
C ILE A 158 3.53 -1.45 0.21
N ALA A 159 3.33 -0.18 0.52
CA ALA A 159 2.01 0.42 0.46
C ALA A 159 2.12 1.87 0.03
N LEU A 160 1.04 2.42 -0.48
CA LEU A 160 1.02 3.83 -0.85
C LEU A 160 0.19 4.61 0.15
N ASN A 161 0.73 5.73 0.60
CA ASN A 161 0.05 6.59 1.55
C ASN A 161 -0.48 7.83 0.84
N HIS A 162 -1.55 8.38 1.37
CA HIS A 162 -2.20 9.53 0.78
C HIS A 162 -2.09 10.75 1.69
N GLY A 163 -2.64 11.87 1.23
CA GLY A 163 -2.60 13.17 1.92
C GLY A 163 -2.90 13.18 3.43
N PRO A 164 -3.39 14.31 3.95
CA PRO A 164 -3.42 14.62 5.39
C PRO A 164 -3.86 13.46 6.28
N VAL A 165 -3.20 13.38 7.44
CA VAL A 165 -3.28 12.25 8.37
C VAL A 165 -4.72 11.84 8.69
N ASN A 166 -5.62 12.81 8.82
CA ASN A 166 -6.99 12.52 9.20
C ASN A 166 -7.69 11.72 8.11
N ASP A 167 -7.16 11.82 6.90
CA ASP A 167 -7.73 11.12 5.76
C ASP A 167 -6.65 10.32 5.03
N ALA A 168 -5.67 9.85 5.77
CA ALA A 168 -4.58 9.07 5.18
C ALA A 168 -5.10 7.75 4.63
N GLU A 169 -5.13 7.66 3.32
CA GLU A 169 -5.64 6.49 2.62
C GLU A 169 -4.49 5.60 2.18
N ILE A 170 -4.28 4.52 2.90
CA ILE A 170 -3.18 3.62 2.61
C ILE A 170 -3.66 2.39 1.86
N SER A 171 -3.00 2.07 0.76
CA SER A 171 -3.32 0.88 0.01
C SER A 171 -2.07 0.05 -0.19
N PHE A 172 -2.12 -1.19 0.29
CA PHE A 172 -0.96 -2.07 0.25
C PHE A 172 -0.79 -2.73 -1.11
N LEU A 173 0.42 -2.70 -1.61
CA LEU A 173 0.76 -3.37 -2.86
C LEU A 173 1.38 -4.72 -2.52
N THR A 174 1.10 -5.19 -1.32
CA THR A 174 1.66 -6.43 -0.82
C THR A 174 0.66 -7.15 0.06
N THR A 175 0.73 -8.47 0.10
CA THR A 175 -0.05 -9.26 1.02
C THR A 175 0.32 -8.86 2.46
N ILE A 176 -0.66 -8.34 3.19
CA ILE A 176 -0.43 -7.82 4.54
C ILE A 176 -0.05 -8.94 5.50
N PRO A 177 1.17 -8.93 6.03
CA PRO A 177 1.65 -9.95 6.97
C PRO A 177 0.74 -10.13 8.17
N LEU A 178 0.47 -11.39 8.49
CA LEU A 178 -0.42 -11.77 9.57
C LEU A 178 0.13 -11.29 10.91
N LYS A 179 1.44 -11.13 10.99
CA LYS A 179 2.10 -10.69 12.21
C LYS A 179 1.72 -9.24 12.56
N ASN A 180 1.20 -8.52 11.59
CA ASN A 180 0.91 -7.10 11.77
C ASN A 180 -0.57 -6.85 12.05
N VAL A 181 -1.40 -7.88 11.92
CA VAL A 181 -2.83 -7.70 12.14
C VAL A 181 -3.18 -7.88 13.61
N LYS A 182 -3.90 -6.93 14.16
CA LYS A 182 -4.34 -6.96 15.54
C LYS A 182 -5.86 -6.92 15.59
N PRO A 183 -6.46 -7.53 16.63
CA PRO A 183 -7.92 -7.54 16.79
C PRO A 183 -8.45 -6.17 17.22
N HIS A 184 -9.46 -5.70 16.50
CA HIS A 184 -10.14 -4.47 16.83
C HIS A 184 -11.63 -4.72 16.77
N LYS A 185 -12.36 -4.24 17.78
CA LYS A 185 -13.79 -4.50 17.83
C LYS A 185 -14.57 -3.59 16.87
N THR A 6 16.57 13.87 5.17
CA THR A 6 16.79 12.62 4.48
C THR A 6 16.98 11.48 5.49
N ASN A 7 16.55 11.73 6.72
CA ASN A 7 16.68 10.77 7.80
C ASN A 7 15.79 9.58 7.58
N LEU A 8 16.36 8.40 7.68
CA LEU A 8 15.62 7.16 7.54
C LEU A 8 14.89 6.83 8.83
N GLN A 9 13.62 7.21 8.91
CA GLN A 9 12.84 7.01 10.12
C GLN A 9 11.51 6.34 9.79
N LYS A 10 11.13 5.35 10.61
CA LYS A 10 9.84 4.70 10.44
C LYS A 10 8.74 5.50 11.11
N LYS A 11 7.53 5.30 10.62
CA LYS A 11 6.36 5.97 11.16
C LYS A 11 5.40 4.92 11.69
N SER A 12 4.89 5.12 12.88
CA SER A 12 3.94 4.20 13.49
C SER A 12 2.55 4.36 12.88
N PHE A 13 2.26 3.54 11.87
CA PHE A 13 0.98 3.61 11.20
C PHE A 13 -0.01 2.59 11.78
N THR A 14 -1.19 3.07 12.09
CA THR A 14 -2.27 2.21 12.51
C THR A 14 -3.30 2.13 11.38
N LEU A 15 -3.34 0.99 10.71
CA LEU A 15 -4.21 0.85 9.55
C LEU A 15 -5.43 0.02 9.89
N TYR A 16 -6.51 0.28 9.17
CA TYR A 16 -7.74 -0.47 9.34
C TYR A 16 -8.25 -0.99 8.02
N ARG A 17 -8.68 -2.25 8.01
CA ARG A 17 -9.26 -2.86 6.83
C ARG A 17 -10.69 -3.31 7.13
N ALA A 18 -11.65 -2.77 6.39
CA ALA A 18 -13.04 -3.10 6.60
C ALA A 18 -13.47 -4.26 5.71
N ASP A 19 -13.47 -5.45 6.28
CA ASP A 19 -13.85 -6.67 5.58
C ASP A 19 -14.12 -7.76 6.60
N ASN A 20 -15.22 -8.47 6.48
CA ASN A 20 -15.59 -9.43 7.51
C ASN A 20 -14.75 -10.70 7.40
N ARG A 21 -14.04 -10.96 8.47
CA ARG A 21 -13.17 -12.12 8.61
C ARG A 21 -13.11 -12.48 10.08
N SER A 22 -12.96 -13.74 10.40
CA SER A 22 -12.75 -14.11 11.79
C SER A 22 -11.25 -14.04 12.09
N PHE A 23 -10.89 -13.66 13.31
CA PHE A 23 -9.48 -13.55 13.67
C PHE A 23 -8.82 -14.92 13.60
N GLU A 24 -9.54 -15.92 14.10
CA GLU A 24 -9.07 -17.29 14.08
C GLU A 24 -9.08 -17.85 12.66
N GLU A 25 -9.94 -17.29 11.82
CA GLU A 25 -9.99 -17.63 10.41
C GLU A 25 -8.74 -17.17 9.70
N MET A 26 -8.29 -15.96 10.03
CA MET A 26 -7.06 -15.42 9.48
C MET A 26 -5.87 -16.28 9.93
N GLN A 27 -6.01 -16.88 11.10
CA GLN A 27 -4.97 -17.76 11.64
C GLN A 27 -5.02 -19.13 10.98
N SER A 28 -6.08 -19.36 10.20
CA SER A 28 -6.32 -20.66 9.60
C SER A 28 -6.16 -20.62 8.09
N LYS A 29 -6.96 -19.77 7.43
CA LYS A 29 -7.04 -19.78 5.97
C LYS A 29 -6.00 -18.86 5.36
N PHE A 30 -5.63 -17.81 6.07
CA PHE A 30 -4.73 -16.80 5.53
C PHE A 30 -3.54 -16.58 6.45
N PRO A 31 -2.70 -17.61 6.67
CA PRO A 31 -1.55 -17.51 7.58
C PRO A 31 -0.47 -16.57 7.05
N GLU A 32 -0.62 -16.18 5.79
CA GLU A 32 0.31 -15.25 5.17
C GLU A 32 -0.08 -13.82 5.53
N GLY A 33 -1.31 -13.47 5.22
CA GLY A 33 -1.80 -12.14 5.52
C GLY A 33 -3.08 -11.82 4.77
N PHE A 34 -3.53 -10.56 4.89
CA PHE A 34 -4.67 -10.09 4.11
C PHE A 34 -4.29 -9.96 2.65
N LYS A 35 -5.13 -10.49 1.78
CA LYS A 35 -4.87 -10.45 0.35
C LYS A 35 -6.12 -10.01 -0.40
N ALA A 36 -5.92 -9.25 -1.46
CA ALA A 36 -7.01 -8.72 -2.26
C ALA A 36 -7.56 -9.78 -3.22
N TRP A 37 -8.49 -9.37 -4.07
CA TRP A 37 -9.08 -10.25 -5.07
C TRP A 37 -7.99 -10.76 -6.02
N THR A 38 -7.21 -9.82 -6.54
CA THR A 38 -6.07 -10.13 -7.37
C THR A 38 -4.82 -9.48 -6.77
N PRO A 39 -4.28 -10.08 -5.70
CA PRO A 39 -3.23 -9.47 -4.89
C PRO A 39 -1.83 -9.64 -5.47
N LEU A 40 -0.94 -8.76 -5.05
CA LEU A 40 0.45 -8.82 -5.45
C LEU A 40 1.27 -9.54 -4.39
N ASP A 41 2.17 -10.40 -4.83
CA ASP A 41 3.12 -11.03 -3.94
C ASP A 41 4.19 -10.01 -3.55
N THR A 42 4.93 -10.25 -2.48
CA THR A 42 5.99 -9.35 -2.07
C THR A 42 6.96 -9.08 -3.23
N LYS A 43 7.23 -10.12 -4.01
CA LYS A 43 8.12 -10.02 -5.15
C LYS A 43 7.48 -9.15 -6.24
N MET A 44 6.19 -9.29 -6.40
CA MET A 44 5.44 -8.55 -7.40
C MET A 44 5.32 -7.08 -7.01
N ALA A 45 5.02 -6.85 -5.74
CA ALA A 45 4.79 -5.51 -5.22
C ALA A 45 6.03 -4.64 -5.39
N ARG A 46 7.19 -5.20 -5.13
CA ARG A 46 8.44 -4.46 -5.27
C ARG A 46 8.71 -4.14 -6.74
N GLN A 47 8.30 -5.02 -7.64
CA GLN A 47 8.44 -4.75 -9.07
C GLN A 47 7.56 -3.57 -9.45
N PHE A 48 6.35 -3.58 -8.92
CA PHE A 48 5.36 -2.54 -9.19
C PHE A 48 5.83 -1.20 -8.64
N ALA A 49 6.38 -1.19 -7.44
CA ALA A 49 6.83 0.04 -6.81
C ALA A 49 8.15 0.54 -7.43
N SER A 50 8.92 -0.36 -8.01
CA SER A 50 10.21 0.00 -8.60
C SER A 50 10.05 0.90 -9.82
N ILE A 51 8.88 0.88 -10.45
CA ILE A 51 8.63 1.67 -11.65
C ILE A 51 8.82 3.16 -11.37
N PHE A 52 8.56 3.57 -10.13
CA PHE A 52 8.60 4.97 -9.76
C PHE A 52 10.04 5.46 -9.67
N ILE A 53 10.97 4.56 -9.43
CA ILE A 53 12.38 4.93 -9.35
C ILE A 53 13.12 4.58 -10.63
N GLY A 54 12.36 4.43 -11.71
CA GLY A 54 12.95 4.29 -13.03
C GLY A 54 13.06 2.85 -13.50
N GLN A 55 12.73 1.91 -12.64
CA GLN A 55 12.85 0.50 -12.98
C GLN A 55 11.53 -0.02 -13.54
N LYS A 56 11.47 -0.11 -14.87
CA LYS A 56 10.25 -0.52 -15.55
C LYS A 56 10.14 -2.05 -15.60
N ASP A 57 10.35 -2.68 -14.46
CA ASP A 57 10.28 -4.14 -14.35
C ASP A 57 8.84 -4.62 -14.29
N THR A 58 8.09 -4.35 -15.35
CA THR A 58 6.68 -4.70 -15.41
C THR A 58 6.50 -6.17 -15.80
N SER A 59 7.06 -7.06 -15.00
CA SER A 59 6.96 -8.49 -15.27
C SER A 59 6.43 -9.21 -14.03
N ASN A 60 5.71 -10.32 -14.26
CA ASN A 60 5.09 -11.12 -13.20
C ASN A 60 3.95 -10.34 -12.54
N LEU A 61 3.55 -9.26 -13.19
CA LEU A 61 2.47 -8.42 -12.69
C LEU A 61 1.21 -8.64 -13.52
N PRO A 62 0.03 -8.47 -12.90
CA PRO A 62 -1.25 -8.54 -13.62
C PRO A 62 -1.27 -7.61 -14.82
N LYS A 63 -1.77 -8.12 -15.94
CA LYS A 63 -1.70 -7.43 -17.22
C LYS A 63 -2.51 -6.14 -17.20
N GLU A 64 -3.59 -6.13 -16.43
CA GLU A 64 -4.40 -4.93 -16.28
C GLU A 64 -3.63 -3.88 -15.50
N THR A 65 -2.82 -4.34 -14.55
CA THR A 65 -2.01 -3.44 -13.75
C THR A 65 -0.90 -2.82 -14.61
N VAL A 66 -0.25 -3.65 -15.42
CA VAL A 66 0.80 -3.16 -16.30
C VAL A 66 0.22 -2.27 -17.39
N LYS A 67 -1.03 -2.56 -17.78
CA LYS A 67 -1.76 -1.69 -18.71
C LYS A 67 -1.77 -0.27 -18.19
N ASN A 68 -2.02 -0.13 -16.88
CA ASN A 68 -2.02 1.17 -16.23
C ASN A 68 -0.60 1.74 -16.24
N ILE A 69 0.36 0.92 -15.86
CA ILE A 69 1.76 1.35 -15.83
C ILE A 69 2.23 1.82 -17.20
N SER A 70 1.85 1.09 -18.23
CA SER A 70 2.28 1.36 -19.58
C SER A 70 1.64 2.64 -20.13
N THR A 71 0.53 3.05 -19.54
CA THR A 71 -0.15 4.25 -19.99
C THR A 71 0.33 5.47 -19.22
N TRP A 72 1.02 5.25 -18.09
CA TRP A 72 1.57 6.35 -17.31
C TRP A 72 2.80 6.92 -17.98
N GLY A 73 3.51 6.08 -18.74
CA GLY A 73 4.65 6.55 -19.49
C GLY A 73 5.96 6.02 -18.94
N ALA A 74 7.05 6.64 -19.35
CA ALA A 74 8.37 6.22 -18.93
C ALA A 74 8.72 6.80 -17.56
N LYS A 75 7.96 7.78 -17.12
CA LYS A 75 8.21 8.43 -15.85
C LYS A 75 6.98 8.36 -14.96
N PRO A 76 6.73 7.19 -14.34
CA PRO A 76 5.61 7.01 -13.43
C PRO A 76 5.95 7.51 -12.03
N LYS A 77 5.01 8.23 -11.43
CA LYS A 77 5.20 8.77 -10.09
C LYS A 77 4.07 8.33 -9.17
N LEU A 78 4.14 8.70 -7.91
CA LEU A 78 3.15 8.26 -6.93
C LEU A 78 1.75 8.67 -7.36
N LYS A 79 1.62 9.89 -7.86
CA LYS A 79 0.34 10.45 -8.23
C LYS A 79 -0.38 9.60 -9.28
N ASP A 80 0.39 9.02 -10.20
CA ASP A 80 -0.18 8.20 -11.28
C ASP A 80 -0.93 7.01 -10.71
N LEU A 81 -0.27 6.31 -9.80
CA LEU A 81 -0.90 5.17 -9.13
C LEU A 81 -1.92 5.64 -8.10
N SER A 82 -1.62 6.76 -7.46
CA SER A 82 -2.50 7.32 -6.43
C SER A 82 -3.89 7.60 -7.00
N ASN A 83 -3.94 8.20 -8.19
CA ASN A 83 -5.22 8.50 -8.84
C ASN A 83 -5.90 7.22 -9.31
N TYR A 84 -5.10 6.25 -9.73
CA TYR A 84 -5.62 4.93 -10.08
C TYR A 84 -6.25 4.29 -8.85
N ILE A 85 -5.60 4.42 -7.71
CA ILE A 85 -6.11 3.87 -6.45
C ILE A 85 -7.34 4.62 -5.98
N LYS A 86 -7.23 5.95 -5.90
CA LYS A 86 -8.27 6.81 -5.36
C LYS A 86 -9.62 6.57 -6.03
N TYR A 87 -9.60 6.25 -7.31
CA TYR A 87 -10.83 6.12 -8.08
C TYR A 87 -11.09 4.68 -8.51
N THR A 88 -10.41 3.74 -7.86
CA THR A 88 -10.67 2.33 -8.09
C THR A 88 -10.78 1.58 -6.76
N LYS A 89 -12.01 1.22 -6.38
CA LYS A 89 -12.24 0.47 -5.16
C LYS A 89 -13.10 -0.75 -5.46
N ASP A 90 -12.69 -1.50 -6.47
CA ASP A 90 -13.40 -2.70 -6.88
C ASP A 90 -12.53 -3.94 -6.64
N LYS A 91 -12.97 -5.10 -7.10
CA LYS A 91 -12.19 -6.32 -6.97
C LYS A 91 -10.92 -6.20 -7.81
N SER A 92 -11.06 -5.54 -8.96
CA SER A 92 -9.95 -5.36 -9.88
C SER A 92 -9.06 -4.18 -9.43
N THR A 93 -8.56 -4.28 -8.20
CA THR A 93 -7.72 -3.24 -7.65
C THR A 93 -6.25 -3.64 -7.62
N VAL A 94 -5.99 -4.89 -7.18
CA VAL A 94 -4.64 -5.46 -7.09
C VAL A 94 -3.99 -5.16 -5.73
N TRP A 95 -4.39 -4.07 -5.11
CA TRP A 95 -3.84 -3.65 -3.82
C TRP A 95 -4.82 -3.97 -2.69
N VAL A 96 -4.33 -3.87 -1.46
CA VAL A 96 -5.18 -4.00 -0.28
C VAL A 96 -5.34 -2.62 0.34
N SER A 97 -6.48 -1.99 0.09
CA SER A 97 -6.71 -0.63 0.53
C SER A 97 -7.13 -0.57 2.00
N THR A 98 -6.26 0.01 2.82
CA THR A 98 -6.54 0.25 4.22
C THR A 98 -6.42 1.75 4.50
N ALA A 99 -6.65 2.15 5.74
CA ALA A 99 -6.54 3.56 6.09
C ALA A 99 -6.12 3.72 7.53
N ILE A 100 -5.64 4.92 7.85
CA ILE A 100 -5.25 5.26 9.21
C ILE A 100 -6.50 5.41 10.08
N ASN A 101 -7.63 5.55 9.41
CA ASN A 101 -8.92 5.70 10.08
C ASN A 101 -9.86 4.61 9.62
N THR A 102 -10.82 4.28 10.46
CA THR A 102 -11.81 3.26 10.13
C THR A 102 -12.77 3.78 9.07
N GLU A 103 -12.81 5.09 8.95
CA GLU A 103 -13.76 5.78 8.08
C GLU A 103 -13.38 5.60 6.62
N ALA A 104 -12.10 5.41 6.37
CA ALA A 104 -11.61 5.23 5.02
C ALA A 104 -11.06 3.83 4.83
N GLY A 105 -11.47 2.91 5.71
CA GLY A 105 -10.95 1.56 5.69
C GLY A 105 -11.61 0.68 4.64
N GLY A 106 -12.49 1.26 3.83
CA GLY A 106 -13.16 0.51 2.79
C GLY A 106 -14.41 -0.19 3.28
N GLN A 107 -15.32 0.56 3.89
CA GLN A 107 -16.53 -0.01 4.44
C GLN A 107 -17.76 0.47 3.65
N SER A 108 -18.74 -0.41 3.51
CA SER A 108 -19.97 -0.08 2.80
C SER A 108 -20.85 0.81 3.66
N SER A 109 -20.89 0.53 4.94
CA SER A 109 -21.63 1.34 5.90
C SER A 109 -20.88 1.36 7.22
N GLY A 110 -20.65 0.18 7.78
CA GLY A 110 -19.91 0.06 9.02
C GLY A 110 -19.41 -1.35 9.21
N ALA A 111 -18.76 -1.86 8.18
CA ALA A 111 -18.25 -3.22 8.16
C ALA A 111 -17.19 -3.44 9.24
N PRO A 112 -17.03 -4.68 9.70
CA PRO A 112 -16.01 -5.04 10.69
C PRO A 112 -14.61 -4.71 10.20
N LEU A 113 -13.87 -4.00 11.03
CA LEU A 113 -12.53 -3.56 10.66
C LEU A 113 -11.48 -4.30 11.45
N HIS A 114 -10.38 -4.61 10.78
CA HIS A 114 -9.24 -5.23 11.43
C HIS A 114 -8.16 -4.19 11.60
N LYS A 115 -7.49 -4.22 12.74
CA LYS A 115 -6.46 -3.25 13.04
C LYS A 115 -5.09 -3.78 12.61
N ILE A 116 -4.34 -2.98 11.89
CA ILE A 116 -3.00 -3.35 11.48
C ILE A 116 -1.99 -2.41 12.12
N ASP A 117 -1.02 -2.98 12.82
CA ASP A 117 0.02 -2.18 13.47
C ASP A 117 1.34 -2.33 12.74
N MET A 118 1.80 -1.26 12.11
CA MET A 118 3.06 -1.28 11.39
C MET A 118 3.88 -0.02 11.63
N ASP A 119 5.18 -0.18 11.58
CA ASP A 119 6.09 0.95 11.56
C ASP A 119 6.79 0.97 10.21
N LEU A 120 6.42 1.92 9.38
CA LEU A 120 6.88 1.94 8.00
C LEU A 120 7.59 3.26 7.70
N TYR A 121 8.63 3.18 6.90
CA TYR A 121 9.35 4.36 6.45
C TYR A 121 8.48 5.15 5.49
N GLU A 122 8.48 6.45 5.66
CA GLU A 122 7.75 7.33 4.75
C GLU A 122 8.71 7.83 3.69
N PHE A 123 8.44 7.49 2.45
CA PHE A 123 9.29 7.89 1.33
C PHE A 123 8.53 8.72 0.32
N ALA A 124 9.26 9.39 -0.54
CA ALA A 124 8.71 10.12 -1.65
C ALA A 124 9.55 9.86 -2.89
N ILE A 125 8.97 10.05 -4.06
CA ILE A 125 9.69 9.88 -5.30
C ILE A 125 9.83 11.23 -5.99
N ASP A 126 11.06 11.70 -6.11
CA ASP A 126 11.32 12.96 -6.78
C ASP A 126 12.47 12.80 -7.75
N GLY A 127 12.18 12.91 -9.04
CA GLY A 127 13.18 12.66 -10.04
C GLY A 127 13.56 11.19 -10.08
N GLN A 128 12.58 10.35 -9.72
CA GLN A 128 12.76 8.91 -9.62
C GLN A 128 13.77 8.56 -8.54
N LYS A 129 13.89 9.44 -7.56
CA LYS A 129 14.76 9.21 -6.41
C LYS A 129 13.93 8.88 -5.19
N LEU A 130 14.20 7.72 -4.61
CA LEU A 130 13.56 7.30 -3.37
C LEU A 130 14.16 8.08 -2.21
N ASN A 131 13.39 9.04 -1.68
CA ASN A 131 13.87 9.88 -0.59
C ASN A 131 12.89 9.83 0.57
N PRO A 132 13.38 9.73 1.81
CA PRO A 132 12.52 9.64 3.00
C PRO A 132 11.85 10.96 3.36
N LEU A 133 10.71 10.86 4.02
CA LEU A 133 9.98 12.02 4.51
C LEU A 133 9.88 11.97 6.04
N PRO A 134 10.95 12.39 6.75
CA PRO A 134 10.95 12.44 8.22
C PRO A 134 9.97 13.50 8.75
N GLU A 135 9.53 14.35 7.84
CA GLU A 135 8.58 15.41 8.15
C GLU A 135 7.27 15.15 7.43
N GLY A 136 7.08 13.91 7.00
CA GLY A 136 5.93 13.56 6.20
C GLY A 136 4.73 13.15 7.04
N ARG A 137 3.55 13.43 6.51
CA ARG A 137 2.31 12.93 7.09
C ARG A 137 1.47 12.32 5.97
N THR A 138 1.37 13.07 4.87
CA THR A 138 0.68 12.63 3.66
C THR A 138 0.58 13.84 2.73
N LYS A 139 0.85 13.63 1.44
CA LYS A 139 0.84 14.74 0.51
C LYS A 139 -0.23 14.55 -0.56
N ASN A 140 -0.47 15.59 -1.34
CA ASN A 140 -1.56 15.57 -2.31
C ASN A 140 -1.10 15.00 -3.65
N MET A 141 -0.23 15.72 -4.34
CA MET A 141 0.22 15.30 -5.67
C MET A 141 1.50 14.47 -5.58
N VAL A 142 2.10 14.43 -4.39
CA VAL A 142 3.28 13.60 -4.17
C VAL A 142 3.08 12.72 -2.92
N PRO A 143 2.17 11.73 -3.00
CA PRO A 143 1.91 10.81 -1.89
C PRO A 143 3.16 10.08 -1.40
N SER A 144 3.12 9.63 -0.16
CA SER A 144 4.27 9.00 0.45
C SER A 144 4.25 7.50 0.19
N LEU A 145 5.43 6.93 -0.04
CA LEU A 145 5.58 5.50 -0.21
C LEU A 145 6.03 4.87 1.10
N LEU A 146 5.33 3.85 1.54
CA LEU A 146 5.63 3.22 2.82
C LEU A 146 6.40 1.93 2.62
N LEU A 147 7.58 1.86 3.22
CA LEU A 147 8.43 0.68 3.12
C LEU A 147 8.89 0.26 4.51
N ASP A 148 9.02 -1.04 4.74
CA ASP A 148 9.53 -1.53 6.02
C ASP A 148 11.05 -1.63 5.94
N THR A 149 11.56 -1.49 4.74
CA THR A 149 12.99 -1.56 4.48
C THR A 149 13.38 -0.38 3.57
N PRO A 150 14.52 0.29 3.85
CA PRO A 150 14.95 1.53 3.17
C PRO A 150 14.91 1.48 1.64
N GLN A 151 14.92 0.29 1.05
CA GLN A 151 14.86 0.17 -0.39
C GLN A 151 13.67 -0.67 -0.82
N ILE A 152 13.07 -0.32 -1.96
CA ILE A 152 11.86 -0.98 -2.42
C ILE A 152 12.05 -2.50 -2.57
N GLU A 153 13.03 -2.87 -3.39
CA GLU A 153 13.25 -4.27 -3.72
C GLU A 153 13.77 -5.09 -2.55
N THR A 154 14.05 -4.44 -1.43
CA THR A 154 14.49 -5.15 -0.24
C THR A 154 13.41 -5.16 0.82
N SER A 155 12.37 -4.36 0.61
CA SER A 155 11.28 -4.23 1.57
C SER A 155 10.25 -5.34 1.37
N SER A 156 9.74 -5.89 2.47
CA SER A 156 8.72 -6.93 2.40
C SER A 156 7.34 -6.32 2.51
N ILE A 157 7.28 -5.08 2.99
CA ILE A 157 6.02 -4.36 3.09
C ILE A 157 6.08 -3.09 2.26
N ILE A 158 5.13 -2.93 1.35
CA ILE A 158 5.09 -1.79 0.46
C ILE A 158 3.65 -1.27 0.34
N ALA A 159 3.47 0.02 0.58
CA ALA A 159 2.15 0.63 0.52
C ALA A 159 2.22 2.09 0.10
N LEU A 160 1.13 2.61 -0.43
CA LEU A 160 1.05 4.03 -0.75
C LEU A 160 0.21 4.77 0.26
N ASN A 161 0.73 5.88 0.73
CA ASN A 161 0.06 6.72 1.69
C ASN A 161 -0.47 7.98 1.02
N HIS A 162 -1.79 8.12 0.96
CA HIS A 162 -2.37 9.37 0.48
C HIS A 162 -3.71 9.61 1.15
N GLY A 163 -3.95 10.85 1.55
CA GLY A 163 -5.24 11.22 2.07
C GLY A 163 -5.29 12.67 2.44
N PRO A 164 -6.33 13.08 3.19
CA PRO A 164 -6.31 14.32 3.95
C PRO A 164 -5.30 14.26 5.09
N VAL A 165 -5.10 15.37 5.78
CA VAL A 165 -4.03 15.50 6.78
C VAL A 165 -3.99 14.35 7.78
N ASN A 166 -5.14 13.95 8.31
CA ASN A 166 -5.19 12.88 9.32
C ASN A 166 -6.14 11.78 8.90
N ASP A 167 -6.49 11.76 7.62
CA ASP A 167 -7.41 10.75 7.10
C ASP A 167 -6.71 9.99 5.98
N ALA A 168 -5.41 9.80 6.17
CA ALA A 168 -4.56 9.14 5.19
C ALA A 168 -5.03 7.72 4.86
N GLU A 169 -5.11 7.43 3.58
CA GLU A 169 -5.40 6.08 3.11
C GLU A 169 -4.10 5.38 2.74
N ILE A 170 -3.96 4.15 3.17
CA ILE A 170 -2.75 3.38 2.91
C ILE A 170 -3.08 2.12 2.11
N SER A 171 -2.69 2.12 0.85
CA SER A 171 -2.97 0.99 -0.03
C SER A 171 -1.75 0.08 -0.13
N PHE A 172 -1.85 -1.10 0.45
CA PHE A 172 -0.74 -2.05 0.45
C PHE A 172 -0.63 -2.78 -0.88
N LEU A 173 0.54 -2.75 -1.46
CA LEU A 173 0.82 -3.52 -2.66
C LEU A 173 1.29 -4.91 -2.25
N THR A 174 1.79 -5.00 -1.02
CA THR A 174 2.23 -6.26 -0.45
C THR A 174 1.10 -6.89 0.36
N THR A 175 1.11 -8.22 0.42
CA THR A 175 0.16 -8.94 1.25
C THR A 175 0.43 -8.61 2.72
N ILE A 176 -0.57 -8.01 3.37
CA ILE A 176 -0.43 -7.55 4.75
C ILE A 176 -0.16 -8.71 5.70
N PRO A 177 1.06 -8.77 6.27
CA PRO A 177 1.48 -9.88 7.13
C PRO A 177 0.48 -10.18 8.24
N LEU A 178 0.23 -11.46 8.42
CA LEU A 178 -0.70 -11.96 9.42
C LEU A 178 -0.16 -11.66 10.83
N LYS A 179 1.13 -11.39 10.90
CA LYS A 179 1.77 -11.07 12.18
C LYS A 179 1.44 -9.65 12.63
N ASN A 180 0.88 -8.85 11.73
CA ASN A 180 0.61 -7.45 12.02
C ASN A 180 -0.87 -7.20 12.30
N VAL A 181 -1.68 -8.24 12.20
CA VAL A 181 -3.12 -8.08 12.41
C VAL A 181 -3.46 -8.06 13.89
N LYS A 182 -4.29 -7.10 14.28
CA LYS A 182 -4.77 -6.98 15.64
C LYS A 182 -6.29 -6.98 15.64
N PRO A 183 -6.91 -7.55 16.69
CA PRO A 183 -8.37 -7.59 16.82
C PRO A 183 -8.97 -6.21 17.06
N HIS A 184 -10.01 -5.90 16.32
CA HIS A 184 -10.73 -4.64 16.46
C HIS A 184 -12.22 -4.93 16.44
N LYS A 185 -13.02 -4.03 17.01
CA LYS A 185 -14.47 -4.17 17.02
C LYS A 185 -15.01 -4.57 15.66
N THR A 6 17.45 14.61 5.80
CA THR A 6 16.38 13.73 5.38
C THR A 6 16.52 12.37 6.08
N ASN A 7 16.21 12.35 7.37
CA ASN A 7 16.42 11.17 8.19
C ASN A 7 15.58 9.98 7.74
N LEU A 8 16.11 8.80 7.94
CA LEU A 8 15.43 7.57 7.59
C LEU A 8 14.83 6.95 8.86
N GLN A 9 13.57 7.26 9.13
CA GLN A 9 12.92 6.80 10.36
C GLN A 9 11.55 6.22 10.07
N LYS A 10 11.20 5.18 10.80
CA LYS A 10 9.87 4.59 10.70
C LYS A 10 8.88 5.33 11.59
N LYS A 11 7.62 5.33 11.17
CA LYS A 11 6.54 5.81 12.01
C LYS A 11 5.56 4.67 12.26
N SER A 12 4.94 4.69 13.42
CA SER A 12 3.98 3.66 13.79
C SER A 12 2.61 3.97 13.20
N PHE A 13 2.32 3.33 12.09
CA PHE A 13 1.04 3.52 11.41
C PHE A 13 0.02 2.50 11.90
N THR A 14 -1.10 3.00 12.37
CA THR A 14 -2.22 2.15 12.73
C THR A 14 -3.27 2.21 11.64
N LEU A 15 -3.37 1.15 10.86
CA LEU A 15 -4.28 1.11 9.73
C LEU A 15 -5.47 0.22 10.04
N TYR A 16 -6.55 0.41 9.31
CA TYR A 16 -7.75 -0.39 9.47
C TYR A 16 -8.24 -0.93 8.14
N ARG A 17 -8.37 -2.25 8.09
CA ARG A 17 -8.86 -2.92 6.90
C ARG A 17 -10.33 -3.28 7.08
N ALA A 18 -11.18 -2.64 6.31
CA ALA A 18 -12.61 -2.93 6.36
C ALA A 18 -12.96 -4.01 5.36
N ASP A 19 -13.04 -5.24 5.85
CA ASP A 19 -13.30 -6.41 5.01
C ASP A 19 -13.64 -7.59 5.90
N ASN A 20 -14.66 -8.35 5.55
CA ASN A 20 -15.09 -9.42 6.43
C ASN A 20 -14.14 -10.60 6.35
N ARG A 21 -13.51 -10.89 7.47
CA ARG A 21 -12.65 -12.04 7.66
C ARG A 21 -12.68 -12.40 9.14
N SER A 22 -12.77 -13.67 9.46
CA SER A 22 -12.71 -14.06 10.86
C SER A 22 -11.26 -14.20 11.30
N PHE A 23 -10.98 -14.08 12.59
CA PHE A 23 -9.60 -14.12 13.05
C PHE A 23 -8.99 -15.47 12.71
N GLU A 24 -9.72 -16.54 13.01
CA GLU A 24 -9.27 -17.89 12.68
C GLU A 24 -9.07 -18.06 11.19
N GLU A 25 -9.93 -17.41 10.40
CA GLU A 25 -9.81 -17.44 8.94
C GLU A 25 -8.48 -16.83 8.53
N MET A 26 -8.12 -15.74 9.16
CA MET A 26 -6.84 -15.10 8.89
C MET A 26 -5.68 -15.99 9.33
N GLN A 27 -5.88 -16.74 10.40
CA GLN A 27 -4.84 -17.61 10.91
C GLN A 27 -4.70 -18.87 10.06
N SER A 28 -5.76 -19.22 9.34
CA SER A 28 -5.79 -20.46 8.60
C SER A 28 -5.58 -20.23 7.10
N LYS A 29 -6.41 -19.40 6.50
CA LYS A 29 -6.43 -19.25 5.06
C LYS A 29 -5.39 -18.25 4.60
N PHE A 30 -4.99 -17.37 5.50
CA PHE A 30 -4.04 -16.32 5.17
C PHE A 30 -2.89 -16.28 6.18
N PRO A 31 -2.13 -17.39 6.30
CA PRO A 31 -1.12 -17.55 7.35
C PRO A 31 0.03 -16.55 7.23
N GLU A 32 0.19 -15.97 6.05
CA GLU A 32 1.27 -15.02 5.82
C GLU A 32 0.76 -13.60 5.63
N GLY A 33 -0.50 -13.42 5.26
CA GLY A 33 -1.05 -12.07 5.22
C GLY A 33 -2.38 -11.91 4.49
N PHE A 34 -2.99 -10.73 4.69
CA PHE A 34 -4.26 -10.36 4.05
C PHE A 34 -4.12 -10.34 2.54
N LYS A 35 -5.21 -10.62 1.85
CA LYS A 35 -5.22 -10.62 0.40
C LYS A 35 -6.48 -9.98 -0.14
N ALA A 36 -6.31 -9.22 -1.22
CA ALA A 36 -7.43 -8.66 -1.94
C ALA A 36 -7.88 -9.66 -3.00
N TRP A 37 -8.64 -9.20 -3.98
CA TRP A 37 -9.10 -10.06 -5.06
C TRP A 37 -7.91 -10.53 -5.91
N THR A 38 -6.98 -9.61 -6.16
CA THR A 38 -5.78 -9.93 -6.91
C THR A 38 -4.59 -9.11 -6.38
N PRO A 39 -4.14 -9.41 -5.15
CA PRO A 39 -3.09 -8.63 -4.49
C PRO A 39 -1.69 -9.03 -4.95
N LEU A 40 -0.72 -8.20 -4.62
CA LEU A 40 0.67 -8.46 -4.97
C LEU A 40 1.39 -9.08 -3.79
N ASP A 41 2.25 -10.05 -4.07
CA ASP A 41 3.13 -10.61 -3.06
C ASP A 41 4.34 -9.71 -2.89
N THR A 42 5.20 -10.02 -1.93
CA THR A 42 6.40 -9.23 -1.68
C THR A 42 7.20 -9.03 -2.97
N LYS A 43 7.37 -10.13 -3.71
CA LYS A 43 8.10 -10.12 -4.97
C LYS A 43 7.44 -9.21 -5.98
N MET A 44 6.12 -9.35 -6.09
CA MET A 44 5.35 -8.62 -7.08
C MET A 44 5.31 -7.14 -6.76
N ALA A 45 5.08 -6.82 -5.49
CA ALA A 45 4.92 -5.45 -5.05
C ALA A 45 6.20 -4.65 -5.21
N ARG A 46 7.33 -5.26 -4.88
CA ARG A 46 8.61 -4.57 -4.99
C ARG A 46 8.97 -4.32 -6.45
N GLN A 47 8.51 -5.20 -7.32
CA GLN A 47 8.74 -5.03 -8.75
C GLN A 47 7.79 -3.98 -9.30
N PHE A 48 6.59 -3.93 -8.74
CA PHE A 48 5.61 -2.91 -9.13
C PHE A 48 6.05 -1.54 -8.64
N ALA A 49 6.44 -1.44 -7.38
CA ALA A 49 6.84 -0.16 -6.81
C ALA A 49 8.16 0.33 -7.38
N SER A 50 8.95 -0.57 -7.95
CA SER A 50 10.25 -0.21 -8.51
C SER A 50 10.08 0.70 -9.75
N ILE A 51 8.91 0.66 -10.37
CA ILE A 51 8.65 1.45 -11.57
C ILE A 51 8.80 2.95 -11.29
N PHE A 52 8.55 3.34 -10.05
CA PHE A 52 8.56 4.75 -9.69
C PHE A 52 9.99 5.27 -9.57
N ILE A 53 10.95 4.38 -9.37
CA ILE A 53 12.35 4.81 -9.24
C ILE A 53 13.11 4.58 -10.54
N GLY A 54 12.41 4.17 -11.59
CA GLY A 54 13.04 4.05 -12.90
C GLY A 54 13.09 2.62 -13.41
N GLN A 55 12.83 1.67 -12.54
CA GLN A 55 12.88 0.26 -12.93
C GLN A 55 11.59 -0.15 -13.61
N LYS A 56 11.64 -1.22 -14.38
CA LYS A 56 10.46 -1.67 -15.12
C LYS A 56 10.30 -3.18 -15.02
N ASP A 57 10.39 -3.70 -13.82
CA ASP A 57 10.19 -5.13 -13.60
C ASP A 57 8.71 -5.44 -13.47
N THR A 58 7.96 -5.15 -14.52
CA THR A 58 6.53 -5.35 -14.52
C THR A 58 6.16 -6.76 -14.93
N SER A 59 6.75 -7.75 -14.26
CA SER A 59 6.52 -9.14 -14.57
C SER A 59 5.72 -9.80 -13.47
N ASN A 60 4.88 -10.77 -13.85
CA ASN A 60 4.07 -11.56 -12.89
C ASN A 60 2.96 -10.69 -12.29
N LEU A 61 2.82 -9.48 -12.80
CA LEU A 61 1.83 -8.55 -12.32
C LEU A 61 0.53 -8.71 -13.13
N PRO A 62 -0.62 -8.37 -12.53
CA PRO A 62 -1.91 -8.38 -13.22
C PRO A 62 -1.90 -7.53 -14.48
N LYS A 63 -2.60 -8.02 -15.50
CA LYS A 63 -2.65 -7.37 -16.81
C LYS A 63 -3.26 -5.97 -16.71
N GLU A 64 -4.20 -5.82 -15.79
CA GLU A 64 -4.84 -4.54 -15.55
C GLU A 64 -3.83 -3.53 -14.99
N THR A 65 -2.89 -4.04 -14.21
CA THR A 65 -1.89 -3.19 -13.58
C THR A 65 -0.86 -2.72 -14.60
N VAL A 66 -0.30 -3.66 -15.35
CA VAL A 66 0.77 -3.34 -16.30
C VAL A 66 0.28 -2.40 -17.40
N LYS A 67 -0.99 -2.54 -17.78
CA LYS A 67 -1.58 -1.67 -18.78
C LYS A 67 -1.62 -0.23 -18.27
N ASN A 68 -1.97 -0.07 -17.01
CA ASN A 68 -2.03 1.24 -16.40
C ASN A 68 -0.64 1.82 -16.23
N ILE A 69 0.32 0.97 -15.90
CA ILE A 69 1.71 1.39 -15.77
C ILE A 69 2.21 1.97 -17.08
N SER A 70 1.90 1.28 -18.16
CA SER A 70 2.32 1.71 -19.49
C SER A 70 1.61 3.00 -19.92
N THR A 71 0.41 3.23 -19.40
CA THR A 71 -0.36 4.40 -19.79
C THR A 71 0.05 5.63 -18.95
N TRP A 72 0.77 5.39 -17.86
CA TRP A 72 1.31 6.49 -17.06
C TRP A 72 2.49 7.12 -17.79
N GLY A 73 3.18 6.30 -18.58
CA GLY A 73 4.30 6.79 -19.35
C GLY A 73 5.58 6.06 -19.02
N ALA A 74 6.70 6.74 -19.18
CA ALA A 74 8.00 6.16 -18.88
C ALA A 74 8.47 6.56 -17.49
N LYS A 75 7.77 7.53 -16.91
CA LYS A 75 8.14 8.06 -15.60
C LYS A 75 6.94 8.00 -14.65
N PRO A 76 6.65 6.81 -14.10
CA PRO A 76 5.53 6.63 -13.17
C PRO A 76 5.81 7.26 -11.82
N LYS A 77 4.82 7.97 -11.29
CA LYS A 77 4.96 8.64 -10.00
C LYS A 77 3.84 8.22 -9.07
N LEU A 78 3.94 8.58 -7.79
CA LEU A 78 2.94 8.16 -6.81
C LEU A 78 1.55 8.68 -7.18
N LYS A 79 1.52 9.90 -7.71
CA LYS A 79 0.25 10.54 -8.06
C LYS A 79 -0.50 9.75 -9.13
N ASP A 80 0.24 9.12 -10.03
CA ASP A 80 -0.36 8.29 -11.07
C ASP A 80 -1.07 7.10 -10.42
N LEU A 81 -0.42 6.52 -9.42
CA LEU A 81 -0.96 5.38 -8.72
C LEU A 81 -2.15 5.77 -7.84
N SER A 82 -2.05 6.92 -7.18
CA SER A 82 -3.13 7.38 -6.30
C SER A 82 -4.39 7.67 -7.11
N ASN A 83 -4.21 8.10 -8.36
CA ASN A 83 -5.33 8.26 -9.28
C ASN A 83 -5.89 6.92 -9.68
N TYR A 84 -4.98 6.00 -10.03
CA TYR A 84 -5.36 4.63 -10.38
C TYR A 84 -6.22 4.01 -9.28
N ILE A 85 -5.84 4.27 -8.04
CA ILE A 85 -6.55 3.76 -6.88
C ILE A 85 -7.88 4.49 -6.66
N LYS A 86 -7.92 5.75 -7.07
CA LYS A 86 -9.09 6.59 -6.85
C LYS A 86 -10.22 6.23 -7.80
N TYR A 87 -9.87 5.75 -8.99
CA TYR A 87 -10.87 5.47 -10.02
C TYR A 87 -11.17 3.98 -10.13
N THR A 88 -10.28 3.14 -9.61
CA THR A 88 -10.45 1.69 -9.72
C THR A 88 -10.90 1.10 -8.39
N LYS A 89 -12.13 0.58 -8.37
CA LYS A 89 -12.69 -0.04 -7.17
C LYS A 89 -13.19 -1.45 -7.48
N ASP A 90 -12.73 -2.00 -8.60
CA ASP A 90 -13.20 -3.30 -9.08
C ASP A 90 -12.48 -4.45 -8.39
N LYS A 91 -12.74 -5.67 -8.84
CA LYS A 91 -12.05 -6.85 -8.33
C LYS A 91 -10.57 -6.76 -8.63
N SER A 92 -10.25 -6.30 -9.83
CA SER A 92 -8.86 -6.13 -10.24
C SER A 92 -8.29 -4.85 -9.67
N THR A 93 -8.44 -4.67 -8.38
CA THR A 93 -7.88 -3.52 -7.69
C THR A 93 -6.40 -3.71 -7.42
N VAL A 94 -6.03 -4.94 -7.03
CA VAL A 94 -4.62 -5.31 -6.86
C VAL A 94 -4.06 -4.88 -5.50
N TRP A 95 -4.45 -3.70 -5.04
CA TRP A 95 -3.97 -3.20 -3.75
C TRP A 95 -4.92 -3.58 -2.63
N VAL A 96 -4.43 -3.52 -1.41
CA VAL A 96 -5.25 -3.76 -0.23
C VAL A 96 -5.51 -2.44 0.47
N SER A 97 -6.72 -1.93 0.31
CA SER A 97 -7.08 -0.62 0.83
C SER A 97 -7.27 -0.63 2.34
N THR A 98 -6.52 0.23 3.03
CA THR A 98 -6.68 0.44 4.45
C THR A 98 -6.73 1.94 4.73
N ALA A 99 -6.88 2.31 5.99
CA ALA A 99 -6.90 3.71 6.36
C ALA A 99 -6.45 3.87 7.80
N ILE A 100 -5.92 5.05 8.13
CA ILE A 100 -5.48 5.34 9.48
C ILE A 100 -6.69 5.59 10.38
N ASN A 101 -7.86 5.69 9.75
CA ASN A 101 -9.11 5.91 10.44
C ASN A 101 -10.14 4.88 9.99
N THR A 102 -10.94 4.41 10.93
CA THR A 102 -12.01 3.47 10.62
C THR A 102 -13.12 4.15 9.84
N GLU A 103 -13.05 5.47 9.79
CA GLU A 103 -14.06 6.26 9.11
C GLU A 103 -13.73 6.37 7.62
N ALA A 104 -12.45 6.51 7.32
CA ALA A 104 -11.99 6.55 5.94
C ALA A 104 -12.12 5.18 5.29
N GLY A 105 -11.84 4.15 6.08
CA GLY A 105 -12.03 2.79 5.61
C GLY A 105 -13.46 2.34 5.81
N GLY A 106 -14.35 2.91 5.00
CA GLY A 106 -15.77 2.63 5.13
C GLY A 106 -16.10 1.16 5.10
N GLN A 107 -16.88 0.72 6.09
CA GLN A 107 -17.25 -0.69 6.20
C GLN A 107 -18.39 -1.01 5.26
N SER A 108 -18.19 -1.99 4.40
CA SER A 108 -19.22 -2.41 3.46
C SER A 108 -20.20 -3.36 4.15
N SER A 109 -21.39 -2.85 4.44
CA SER A 109 -22.47 -3.64 5.03
C SER A 109 -22.05 -4.22 6.38
N GLY A 110 -21.50 -3.37 7.24
CA GLY A 110 -21.07 -3.81 8.55
C GLY A 110 -19.88 -4.74 8.49
N ALA A 111 -18.88 -4.35 7.71
CA ALA A 111 -17.69 -5.16 7.54
C ALA A 111 -16.77 -5.09 8.77
N PRO A 112 -16.29 -6.26 9.22
CA PRO A 112 -15.27 -6.35 10.28
C PRO A 112 -14.04 -5.50 10.01
N LEU A 113 -13.67 -4.70 10.99
CA LEU A 113 -12.49 -3.86 10.89
C LEU A 113 -11.29 -4.56 11.52
N HIS A 114 -10.22 -4.64 10.76
CA HIS A 114 -9.00 -5.25 11.23
C HIS A 114 -7.95 -4.17 11.41
N LYS A 115 -7.31 -4.15 12.56
CA LYS A 115 -6.28 -3.17 12.83
C LYS A 115 -4.93 -3.70 12.34
N ILE A 116 -4.29 -2.94 11.48
CA ILE A 116 -2.96 -3.27 11.03
C ILE A 116 -1.97 -2.34 11.73
N ASP A 117 -0.99 -2.92 12.39
CA ASP A 117 -0.02 -2.13 13.13
C ASP A 117 1.35 -2.30 12.50
N MET A 118 1.85 -1.24 11.88
CA MET A 118 3.12 -1.31 11.18
C MET A 118 3.96 -0.07 11.40
N ASP A 119 5.23 -0.30 11.63
CA ASP A 119 6.20 0.77 11.64
C ASP A 119 6.84 0.82 10.27
N LEU A 120 6.60 1.91 9.55
CA LEU A 120 7.00 1.99 8.16
C LEU A 120 7.79 3.25 7.89
N TYR A 121 8.73 3.16 6.96
CA TYR A 121 9.50 4.30 6.52
C TYR A 121 8.68 5.12 5.54
N GLU A 122 8.82 6.43 5.62
CA GLU A 122 8.12 7.33 4.73
C GLU A 122 9.04 7.71 3.58
N PHE A 123 8.56 7.57 2.36
CA PHE A 123 9.36 7.89 1.19
C PHE A 123 8.55 8.69 0.17
N ALA A 124 9.27 9.35 -0.72
CA ALA A 124 8.67 10.06 -1.83
C ALA A 124 9.50 9.84 -3.09
N ILE A 125 8.87 9.97 -4.24
CA ILE A 125 9.57 9.84 -5.50
C ILE A 125 9.68 11.20 -6.18
N ASP A 126 10.85 11.81 -6.06
CA ASP A 126 11.08 13.13 -6.63
C ASP A 126 12.09 13.03 -7.77
N GLY A 127 11.58 12.93 -8.99
CA GLY A 127 12.44 12.74 -10.14
C GLY A 127 12.97 11.33 -10.20
N GLN A 128 12.12 10.37 -9.87
CA GLN A 128 12.49 8.96 -9.76
C GLN A 128 13.58 8.77 -8.71
N LYS A 129 13.55 9.62 -7.69
CA LYS A 129 14.48 9.53 -6.58
C LYS A 129 13.74 9.16 -5.31
N LEU A 130 14.02 7.98 -4.79
CA LEU A 130 13.39 7.51 -3.57
C LEU A 130 14.01 8.19 -2.37
N ASN A 131 13.32 9.18 -1.83
CA ASN A 131 13.82 9.97 -0.71
C ASN A 131 12.87 9.89 0.46
N PRO A 132 13.39 9.71 1.69
CA PRO A 132 12.56 9.59 2.90
C PRO A 132 11.80 10.88 3.24
N LEU A 133 10.72 10.71 3.99
CA LEU A 133 9.91 11.84 4.43
C LEU A 133 9.70 11.83 5.94
N PRO A 134 10.77 12.02 6.74
CA PRO A 134 10.68 11.96 8.20
C PRO A 134 9.91 13.16 8.75
N GLU A 135 9.77 14.16 7.91
CA GLU A 135 9.11 15.41 8.29
C GLU A 135 7.65 15.43 7.84
N GLY A 136 7.26 14.45 7.03
CA GLY A 136 5.92 14.44 6.50
C GLY A 136 5.47 13.08 6.05
N ARG A 137 4.55 12.48 6.79
CA ARG A 137 4.00 11.17 6.44
C ARG A 137 3.25 11.22 5.11
N THR A 138 2.96 12.43 4.65
CA THR A 138 2.30 12.65 3.39
C THR A 138 2.74 13.99 2.81
N LYS A 139 2.91 14.05 1.49
CA LYS A 139 3.31 15.28 0.83
C LYS A 139 2.13 15.82 0.03
N ASN A 140 2.15 17.12 -0.25
CA ASN A 140 1.00 17.82 -0.80
C ASN A 140 0.49 17.21 -2.11
N MET A 141 1.30 17.28 -3.16
CA MET A 141 0.87 16.80 -4.47
C MET A 141 1.31 15.35 -4.68
N VAL A 142 2.44 15.01 -4.11
CA VAL A 142 3.02 13.69 -4.28
C VAL A 142 2.75 12.82 -3.06
N PRO A 143 1.90 11.80 -3.20
CA PRO A 143 1.64 10.83 -2.12
C PRO A 143 2.92 10.14 -1.65
N SER A 144 2.93 9.70 -0.41
CA SER A 144 4.11 9.12 0.18
C SER A 144 4.10 7.60 0.06
N LEU A 145 5.26 7.02 -0.14
CA LEU A 145 5.41 5.58 -0.22
C LEU A 145 5.92 5.04 1.11
N LEU A 146 5.25 4.04 1.64
CA LEU A 146 5.63 3.46 2.92
C LEU A 146 6.34 2.13 2.70
N LEU A 147 7.53 2.00 3.26
CA LEU A 147 8.33 0.79 3.10
C LEU A 147 8.75 0.25 4.46
N ASP A 148 8.75 -1.07 4.59
CA ASP A 148 9.25 -1.72 5.80
C ASP A 148 10.77 -1.82 5.77
N THR A 149 11.32 -1.67 4.58
CA THR A 149 12.75 -1.74 4.37
C THR A 149 13.17 -0.55 3.51
N PRO A 150 14.30 0.11 3.85
CA PRO A 150 14.73 1.37 3.21
C PRO A 150 14.85 1.30 1.69
N GLN A 151 14.83 0.11 1.12
CA GLN A 151 14.89 -0.04 -0.32
C GLN A 151 13.76 -0.95 -0.83
N ILE A 152 13.16 -0.57 -1.95
CA ILE A 152 11.97 -1.25 -2.45
C ILE A 152 12.20 -2.74 -2.69
N GLU A 153 13.20 -3.06 -3.49
CA GLU A 153 13.44 -4.45 -3.94
C GLU A 153 13.83 -5.39 -2.80
N THR A 154 13.94 -4.87 -1.59
CA THR A 154 14.26 -5.70 -0.44
C THR A 154 13.27 -5.46 0.71
N SER A 155 12.13 -4.87 0.40
CA SER A 155 11.12 -4.57 1.41
C SER A 155 10.05 -5.65 1.46
N SER A 156 9.55 -5.93 2.66
CA SER A 156 8.48 -6.91 2.84
C SER A 156 7.12 -6.23 2.82
N ILE A 157 7.10 -4.94 3.14
CA ILE A 157 5.85 -4.19 3.17
C ILE A 157 5.98 -2.92 2.33
N ILE A 158 5.02 -2.73 1.43
CA ILE A 158 4.98 -1.56 0.56
C ILE A 158 3.56 -1.03 0.50
N ALA A 159 3.39 0.26 0.78
CA ALA A 159 2.07 0.85 0.77
C ALA A 159 2.12 2.29 0.29
N LEU A 160 1.04 2.74 -0.33
CA LEU A 160 0.94 4.12 -0.76
C LEU A 160 0.05 4.91 0.19
N ASN A 161 0.60 5.93 0.80
CA ASN A 161 -0.13 6.74 1.76
C ASN A 161 -0.57 8.06 1.16
N HIS A 162 -1.87 8.30 1.19
CA HIS A 162 -2.43 9.57 0.74
C HIS A 162 -3.74 9.83 1.47
N GLY A 163 -3.99 11.07 1.86
CA GLY A 163 -5.26 11.38 2.47
C GLY A 163 -5.40 12.84 2.79
N PRO A 164 -6.52 13.23 3.43
CA PRO A 164 -6.62 14.50 4.13
C PRO A 164 -5.62 14.55 5.28
N VAL A 165 -5.48 15.71 5.91
CA VAL A 165 -4.43 15.94 6.89
C VAL A 165 -4.37 14.86 7.98
N ASN A 166 -5.53 14.47 8.50
CA ASN A 166 -5.56 13.47 9.58
C ASN A 166 -6.41 12.28 9.20
N ASP A 167 -6.60 12.08 7.91
CA ASP A 167 -7.44 11.00 7.41
C ASP A 167 -6.68 10.18 6.36
N ALA A 168 -5.39 10.01 6.60
CA ALA A 168 -4.50 9.29 5.69
C ALA A 168 -5.07 7.93 5.26
N GLU A 169 -5.13 7.74 3.96
CA GLU A 169 -5.59 6.48 3.38
C GLU A 169 -4.40 5.71 2.83
N ILE A 170 -4.14 4.55 3.40
CA ILE A 170 -2.98 3.76 3.04
C ILE A 170 -3.39 2.56 2.19
N SER A 171 -2.85 2.50 0.98
CA SER A 171 -3.13 1.40 0.07
C SER A 171 -1.93 0.47 -0.01
N PHE A 172 -2.04 -0.71 0.58
CA PHE A 172 -0.95 -1.66 0.61
C PHE A 172 -0.81 -2.37 -0.74
N LEU A 173 0.42 -2.40 -1.23
CA LEU A 173 0.72 -3.12 -2.46
C LEU A 173 1.19 -4.53 -2.12
N THR A 174 1.68 -4.68 -0.90
CA THR A 174 2.15 -5.97 -0.41
C THR A 174 1.05 -6.72 0.33
N THR A 175 1.13 -8.04 0.27
CA THR A 175 0.29 -8.89 1.08
C THR A 175 0.54 -8.60 2.57
N ILE A 176 -0.41 -7.89 3.19
CA ILE A 176 -0.26 -7.42 4.57
C ILE A 176 0.07 -8.56 5.53
N PRO A 177 1.32 -8.63 6.00
CA PRO A 177 1.79 -9.70 6.88
C PRO A 177 0.85 -10.02 8.04
N LEU A 178 0.62 -11.30 8.23
CA LEU A 178 -0.30 -11.81 9.25
C LEU A 178 0.27 -11.56 10.65
N LYS A 179 1.54 -11.22 10.72
CA LYS A 179 2.17 -10.92 11.99
C LYS A 179 1.83 -9.51 12.46
N ASN A 180 1.26 -8.71 11.56
CA ASN A 180 0.94 -7.32 11.87
C ASN A 180 -0.55 -7.10 12.10
N VAL A 181 -1.31 -8.18 12.13
CA VAL A 181 -2.75 -8.08 12.33
C VAL A 181 -3.09 -7.92 13.82
N LYS A 182 -3.85 -6.90 14.13
CA LYS A 182 -4.34 -6.66 15.48
C LYS A 182 -5.86 -6.65 15.47
N PRO A 183 -6.50 -7.20 16.52
CA PRO A 183 -7.96 -7.29 16.60
C PRO A 183 -8.64 -5.95 16.83
N HIS A 184 -9.77 -5.76 16.16
CA HIS A 184 -10.59 -4.56 16.34
C HIS A 184 -12.05 -4.95 16.19
N LYS A 185 -12.94 -4.09 16.67
CA LYS A 185 -14.38 -4.35 16.58
C LYS A 185 -14.86 -4.32 15.13
N THR A 6 18.81 14.24 5.59
CA THR A 6 18.20 13.00 5.14
C THR A 6 18.20 11.96 6.25
N ASN A 7 17.16 11.99 7.07
CA ASN A 7 17.00 11.01 8.13
C ASN A 7 16.11 9.87 7.65
N LEU A 8 16.36 8.69 8.16
CA LEU A 8 15.63 7.51 7.74
C LEU A 8 14.94 6.87 8.94
N GLN A 9 13.69 7.25 9.15
CA GLN A 9 12.94 6.79 10.30
C GLN A 9 11.60 6.21 9.86
N LYS A 10 11.12 5.20 10.58
CA LYS A 10 9.81 4.63 10.30
C LYS A 10 8.74 5.43 11.01
N LYS A 11 7.54 5.39 10.46
CA LYS A 11 6.40 6.02 11.08
C LYS A 11 5.40 4.96 11.48
N SER A 12 4.90 5.04 12.70
CA SER A 12 3.89 4.11 13.16
C SER A 12 2.55 4.42 12.51
N PHE A 13 2.05 3.48 11.74
CA PHE A 13 0.78 3.62 11.06
C PHE A 13 -0.27 2.70 11.67
N THR A 14 -1.49 3.19 11.72
CA THR A 14 -2.61 2.39 12.15
C THR A 14 -3.65 2.32 11.03
N LEU A 15 -3.74 1.17 10.39
CA LEU A 15 -4.66 1.01 9.27
C LEU A 15 -5.81 0.10 9.67
N TYR A 16 -6.97 0.37 9.12
CA TYR A 16 -8.15 -0.43 9.42
C TYR A 16 -8.73 -1.03 8.16
N ARG A 17 -8.74 -2.35 8.11
CA ARG A 17 -9.31 -3.07 6.99
C ARG A 17 -10.64 -3.69 7.39
N ALA A 18 -11.71 -3.26 6.74
CA ALA A 18 -13.03 -3.83 6.98
C ALA A 18 -13.28 -4.98 6.01
N ASP A 19 -13.03 -6.17 6.49
CA ASP A 19 -13.18 -7.38 5.68
C ASP A 19 -13.52 -8.53 6.60
N ASN A 20 -14.55 -9.29 6.29
CA ASN A 20 -14.96 -10.34 7.21
C ASN A 20 -13.92 -11.45 7.19
N ARG A 21 -13.30 -11.62 8.35
CA ARG A 21 -12.31 -12.67 8.60
C ARG A 21 -12.35 -12.94 10.09
N SER A 22 -12.14 -14.17 10.50
CA SER A 22 -12.03 -14.45 11.92
C SER A 22 -10.58 -14.25 12.36
N PHE A 23 -10.37 -13.75 13.57
CA PHE A 23 -9.02 -13.40 13.99
C PHE A 23 -8.18 -14.65 14.15
N GLU A 24 -8.73 -15.63 14.85
CA GLU A 24 -8.03 -16.88 15.09
C GLU A 24 -7.97 -17.71 13.81
N GLU A 25 -8.88 -17.46 12.89
CA GLU A 25 -8.84 -18.07 11.58
C GLU A 25 -7.59 -17.65 10.83
N MET A 26 -7.24 -16.38 10.96
CA MET A 26 -6.03 -15.85 10.32
C MET A 26 -4.79 -16.33 11.05
N GLN A 27 -4.97 -16.76 12.29
CA GLN A 27 -3.86 -17.28 13.08
C GLN A 27 -3.65 -18.76 12.79
N SER A 28 -4.73 -19.46 12.48
CA SER A 28 -4.69 -20.90 12.33
C SER A 28 -4.65 -21.32 10.87
N LYS A 29 -5.64 -20.89 10.09
CA LYS A 29 -5.79 -21.37 8.73
C LYS A 29 -4.85 -20.64 7.77
N PHE A 30 -4.83 -19.31 7.89
CA PHE A 30 -4.09 -18.48 6.95
C PHE A 30 -3.12 -17.56 7.68
N PRO A 31 -2.09 -18.14 8.32
CA PRO A 31 -1.19 -17.40 9.20
C PRO A 31 -0.12 -16.61 8.45
N GLU A 32 -0.42 -16.24 7.21
CA GLU A 32 0.52 -15.47 6.41
C GLU A 32 0.11 -14.01 6.36
N GLY A 33 -1.13 -13.73 5.97
CA GLY A 33 -1.60 -12.37 5.93
C GLY A 33 -2.90 -12.22 5.18
N PHE A 34 -3.35 -10.96 5.03
CA PHE A 34 -4.55 -10.68 4.26
C PHE A 34 -4.22 -10.59 2.78
N LYS A 35 -5.02 -11.28 1.97
CA LYS A 35 -4.82 -11.27 0.53
C LYS A 35 -5.83 -10.36 -0.15
N ALA A 36 -5.38 -9.72 -1.23
CA ALA A 36 -6.24 -8.82 -1.99
C ALA A 36 -7.20 -9.61 -2.88
N TRP A 37 -8.01 -8.90 -3.65
CA TRP A 37 -8.97 -9.53 -4.56
C TRP A 37 -8.22 -10.49 -5.48
N THR A 38 -7.23 -9.95 -6.17
CA THR A 38 -6.30 -10.76 -6.93
C THR A 38 -4.93 -10.71 -6.24
N PRO A 39 -4.65 -11.70 -5.38
CA PRO A 39 -3.46 -11.72 -4.53
C PRO A 39 -2.15 -11.70 -5.33
N LEU A 40 -1.20 -10.93 -4.84
CA LEU A 40 0.10 -10.80 -5.49
C LEU A 40 1.21 -11.09 -4.49
N ASP A 41 2.36 -11.49 -5.01
CA ASP A 41 3.48 -11.85 -4.17
C ASP A 41 4.29 -10.61 -3.82
N THR A 42 5.13 -10.71 -2.79
CA THR A 42 6.00 -9.61 -2.40
C THR A 42 6.81 -9.12 -3.60
N LYS A 43 7.26 -10.06 -4.43
CA LYS A 43 8.03 -9.74 -5.63
C LYS A 43 7.23 -8.84 -6.56
N MET A 44 5.96 -9.16 -6.73
CA MET A 44 5.09 -8.41 -7.63
C MET A 44 4.93 -6.97 -7.15
N ALA A 45 4.83 -6.81 -5.84
CA ALA A 45 4.65 -5.50 -5.24
C ALA A 45 5.88 -4.63 -5.43
N ARG A 46 7.05 -5.19 -5.15
CA ARG A 46 8.29 -4.44 -5.28
C ARG A 46 8.62 -4.15 -6.74
N GLN A 47 8.10 -4.97 -7.63
CA GLN A 47 8.25 -4.72 -9.06
C GLN A 47 7.31 -3.59 -9.50
N PHE A 48 6.11 -3.57 -8.94
CA PHE A 48 5.16 -2.52 -9.20
C PHE A 48 5.71 -1.18 -8.70
N ALA A 49 6.25 -1.19 -7.49
CA ALA A 49 6.76 0.03 -6.88
C ALA A 49 8.11 0.46 -7.48
N SER A 50 8.80 -0.47 -8.13
CA SER A 50 10.13 -0.19 -8.67
C SER A 50 10.06 0.82 -9.82
N ILE A 51 8.88 0.91 -10.44
CA ILE A 51 8.71 1.75 -11.63
C ILE A 51 8.96 3.22 -11.33
N PHE A 52 8.77 3.61 -10.08
CA PHE A 52 8.84 5.00 -9.70
C PHE A 52 10.28 5.47 -9.51
N ILE A 53 11.19 4.53 -9.28
CA ILE A 53 12.59 4.88 -9.09
C ILE A 53 13.41 4.62 -10.36
N GLY A 54 12.72 4.44 -11.48
CA GLY A 54 13.40 4.33 -12.75
C GLY A 54 13.36 2.93 -13.33
N GLN A 55 12.98 1.97 -12.52
CA GLN A 55 12.92 0.59 -12.98
C GLN A 55 11.61 0.33 -13.71
N LYS A 56 11.56 -0.72 -14.50
CA LYS A 56 10.37 -1.04 -15.26
C LYS A 56 10.06 -2.53 -15.19
N ASP A 57 10.13 -3.07 -13.98
CA ASP A 57 9.83 -4.48 -13.77
C ASP A 57 8.33 -4.74 -13.88
N THR A 58 7.83 -4.76 -15.11
CA THR A 58 6.41 -4.97 -15.36
C THR A 58 6.11 -6.41 -15.74
N SER A 59 6.92 -7.32 -15.21
CA SER A 59 6.71 -8.74 -15.42
C SER A 59 6.11 -9.34 -14.16
N ASN A 60 5.31 -10.39 -14.32
CA ASN A 60 4.62 -11.03 -13.18
C ASN A 60 3.73 -10.02 -12.47
N LEU A 61 2.93 -9.30 -13.26
CA LEU A 61 1.99 -8.32 -12.74
C LEU A 61 0.68 -8.39 -13.53
N PRO A 62 -0.46 -8.11 -12.86
CA PRO A 62 -1.78 -8.12 -13.50
C PRO A 62 -1.84 -7.23 -14.73
N LYS A 63 -2.62 -7.69 -15.72
CA LYS A 63 -2.72 -7.01 -17.00
C LYS A 63 -3.35 -5.64 -16.85
N GLU A 64 -4.18 -5.50 -15.84
CA GLU A 64 -4.84 -4.24 -15.54
C GLU A 64 -3.83 -3.24 -14.99
N THR A 65 -2.92 -3.74 -14.16
CA THR A 65 -1.93 -2.89 -13.51
C THR A 65 -0.88 -2.43 -14.50
N VAL A 66 -0.32 -3.37 -15.27
CA VAL A 66 0.75 -3.05 -16.21
C VAL A 66 0.29 -2.09 -17.29
N LYS A 67 -0.98 -2.18 -17.66
CA LYS A 67 -1.55 -1.28 -18.65
C LYS A 67 -1.55 0.14 -18.12
N ASN A 68 -1.86 0.30 -16.85
CA ASN A 68 -1.85 1.60 -16.21
C ASN A 68 -0.42 2.11 -16.03
N ILE A 69 0.47 1.20 -15.66
CA ILE A 69 1.87 1.55 -15.47
C ILE A 69 2.47 2.14 -16.74
N SER A 70 2.17 1.51 -17.86
CA SER A 70 2.74 1.92 -19.14
C SER A 70 2.06 3.17 -19.69
N THR A 71 0.88 3.48 -19.18
CA THR A 71 0.11 4.62 -19.69
C THR A 71 0.47 5.90 -18.93
N TRP A 72 1.02 5.76 -17.73
CA TRP A 72 1.42 6.92 -16.94
C TRP A 72 2.58 7.64 -17.60
N GLY A 73 3.49 6.87 -18.17
CA GLY A 73 4.62 7.45 -18.87
C GLY A 73 5.93 6.75 -18.53
N ALA A 74 7.03 7.43 -18.79
CA ALA A 74 8.34 6.88 -18.49
C ALA A 74 8.82 7.35 -17.13
N LYS A 75 8.15 8.37 -16.61
CA LYS A 75 8.49 8.96 -15.32
C LYS A 75 7.29 8.89 -14.38
N PRO A 76 6.98 7.69 -13.85
CA PRO A 76 5.85 7.50 -12.94
C PRO A 76 6.16 7.98 -11.52
N LYS A 77 5.18 8.60 -10.88
CA LYS A 77 5.35 9.10 -9.53
C LYS A 77 4.23 8.58 -8.64
N LEU A 78 4.24 8.96 -7.36
CA LEU A 78 3.23 8.50 -6.42
C LEU A 78 1.86 9.03 -6.82
N LYS A 79 1.84 10.24 -7.37
CA LYS A 79 0.58 10.88 -7.76
C LYS A 79 -0.20 10.01 -8.76
N ASP A 80 0.54 9.33 -9.62
CA ASP A 80 -0.06 8.57 -10.72
C ASP A 80 -0.91 7.42 -10.19
N LEU A 81 -0.31 6.54 -9.39
CA LEU A 81 -1.05 5.41 -8.89
C LEU A 81 -2.00 5.83 -7.78
N SER A 82 -1.75 6.97 -7.15
CA SER A 82 -2.63 7.48 -6.12
C SER A 82 -4.00 7.79 -6.71
N ASN A 83 -4.02 8.54 -7.81
CA ASN A 83 -5.27 8.90 -8.46
C ASN A 83 -5.90 7.67 -9.11
N TYR A 84 -5.05 6.74 -9.53
CA TYR A 84 -5.50 5.47 -10.05
C TYR A 84 -6.22 4.69 -8.96
N ILE A 85 -5.52 4.42 -7.87
CA ILE A 85 -6.03 3.63 -6.76
C ILE A 85 -7.26 4.28 -6.13
N LYS A 86 -7.20 5.60 -5.95
CA LYS A 86 -8.28 6.33 -5.29
C LYS A 86 -9.62 6.15 -6.01
N TYR A 87 -9.57 6.06 -7.33
CA TYR A 87 -10.79 5.95 -8.12
C TYR A 87 -11.00 4.52 -8.60
N THR A 88 -10.15 3.61 -8.16
CA THR A 88 -10.25 2.21 -8.59
C THR A 88 -10.18 1.27 -7.39
N LYS A 89 -11.32 0.71 -7.03
CA LYS A 89 -11.39 -0.29 -5.97
C LYS A 89 -12.02 -1.57 -6.50
N ASP A 90 -11.81 -1.81 -7.80
CA ASP A 90 -12.31 -3.00 -8.47
C ASP A 90 -11.60 -4.26 -7.97
N LYS A 91 -11.99 -5.40 -8.53
CA LYS A 91 -11.45 -6.68 -8.09
C LYS A 91 -10.15 -7.01 -8.82
N SER A 92 -9.84 -6.22 -9.85
CA SER A 92 -8.62 -6.41 -10.61
C SER A 92 -7.59 -5.33 -10.23
N THR A 93 -7.61 -4.94 -8.97
CA THR A 93 -6.76 -3.85 -8.50
C THR A 93 -5.40 -4.35 -8.01
N VAL A 94 -5.42 -5.45 -7.25
CA VAL A 94 -4.22 -6.13 -6.73
C VAL A 94 -3.81 -5.61 -5.35
N TRP A 95 -4.18 -4.38 -5.04
CA TRP A 95 -3.80 -3.78 -3.77
C TRP A 95 -4.88 -3.96 -2.71
N VAL A 96 -4.48 -3.77 -1.45
CA VAL A 96 -5.41 -3.83 -0.34
C VAL A 96 -5.60 -2.43 0.24
N SER A 97 -6.69 -1.78 -0.15
CA SER A 97 -6.99 -0.44 0.34
C SER A 97 -7.39 -0.47 1.82
N THR A 98 -6.58 0.17 2.65
CA THR A 98 -6.88 0.29 4.07
C THR A 98 -6.81 1.75 4.49
N ALA A 99 -7.64 2.14 5.42
CA ALA A 99 -7.69 3.53 5.83
C ALA A 99 -7.06 3.71 7.20
N ILE A 100 -6.53 4.89 7.43
CA ILE A 100 -5.97 5.26 8.73
C ILE A 100 -7.12 5.52 9.71
N ASN A 101 -8.33 5.55 9.16
CA ASN A 101 -9.54 5.74 9.93
C ASN A 101 -10.43 4.52 9.77
N THR A 102 -11.32 4.31 10.73
CA THR A 102 -12.21 3.16 10.71
C THR A 102 -13.38 3.40 9.76
N GLU A 103 -13.47 4.61 9.24
CA GLU A 103 -14.59 5.00 8.40
C GLU A 103 -14.38 4.52 6.97
N ALA A 104 -13.25 4.90 6.38
CA ALA A 104 -12.93 4.52 5.01
C ALA A 104 -12.27 3.15 4.95
N GLY A 105 -12.59 2.30 5.92
CA GLY A 105 -12.01 0.97 5.97
C GLY A 105 -12.57 0.04 4.90
N GLY A 106 -13.60 0.51 4.21
CA GLY A 106 -14.22 -0.26 3.16
C GLY A 106 -15.09 -1.38 3.69
N GLN A 107 -16.16 -1.03 4.37
CA GLN A 107 -17.04 -2.04 4.97
C GLN A 107 -17.86 -2.70 3.87
N SER A 108 -17.54 -3.95 3.59
CA SER A 108 -18.24 -4.70 2.56
C SER A 108 -19.34 -5.55 3.19
N SER A 109 -20.56 -5.02 3.20
CA SER A 109 -21.74 -5.72 3.71
C SER A 109 -21.56 -6.11 5.18
N GLY A 110 -21.15 -5.16 6.00
CA GLY A 110 -20.94 -5.42 7.41
C GLY A 110 -19.70 -6.26 7.64
N ALA A 111 -18.55 -5.63 7.50
CA ALA A 111 -17.29 -6.34 7.63
C ALA A 111 -16.49 -5.81 8.81
N PRO A 112 -16.07 -6.70 9.72
CA PRO A 112 -15.30 -6.33 10.92
C PRO A 112 -14.00 -5.61 10.58
N LEU A 113 -13.66 -4.63 11.40
CA LEU A 113 -12.47 -3.83 11.20
C LEU A 113 -11.27 -4.46 11.87
N HIS A 114 -10.22 -4.67 11.10
CA HIS A 114 -8.98 -5.22 11.62
C HIS A 114 -7.96 -4.10 11.77
N LYS A 115 -7.25 -4.10 12.89
CA LYS A 115 -6.27 -3.06 13.16
C LYS A 115 -4.90 -3.48 12.66
N ILE A 116 -4.45 -2.89 11.57
CA ILE A 116 -3.12 -3.18 11.04
C ILE A 116 -2.12 -2.24 11.70
N ASP A 117 -1.09 -2.81 12.29
CA ASP A 117 -0.07 -2.03 12.97
C ASP A 117 1.28 -2.21 12.29
N MET A 118 1.80 -1.12 11.75
CA MET A 118 3.08 -1.16 11.04
C MET A 118 3.90 0.08 11.30
N ASP A 119 5.21 -0.09 11.29
CA ASP A 119 6.13 1.01 11.28
C ASP A 119 6.77 1.08 9.91
N LEU A 120 6.41 2.08 9.15
CA LEU A 120 6.80 2.14 7.75
C LEU A 120 7.53 3.43 7.45
N TYR A 121 8.59 3.34 6.65
CA TYR A 121 9.32 4.51 6.21
C TYR A 121 8.47 5.31 5.25
N GLU A 122 8.48 6.62 5.40
CA GLU A 122 7.74 7.50 4.51
C GLU A 122 8.68 8.01 3.43
N PHE A 123 8.45 7.59 2.19
CA PHE A 123 9.31 7.97 1.09
C PHE A 123 8.58 8.82 0.05
N ALA A 124 9.35 9.61 -0.67
CA ALA A 124 8.85 10.39 -1.78
C ALA A 124 9.74 10.18 -3.00
N ILE A 125 9.14 10.19 -4.17
CA ILE A 125 9.88 9.99 -5.40
C ILE A 125 10.26 11.33 -6.01
N ASP A 126 11.54 11.62 -5.98
CA ASP A 126 12.06 12.88 -6.49
C ASP A 126 12.98 12.64 -7.68
N GLY A 127 12.42 12.69 -8.87
CA GLY A 127 13.20 12.43 -10.07
C GLY A 127 13.66 10.98 -10.14
N GLN A 128 12.71 10.07 -9.96
CA GLN A 128 12.99 8.64 -9.94
C GLN A 128 14.02 8.29 -8.87
N LYS A 129 13.90 8.95 -7.73
CA LYS A 129 14.79 8.71 -6.61
C LYS A 129 13.98 8.57 -5.34
N LEU A 130 14.30 7.55 -4.55
CA LEU A 130 13.55 7.25 -3.34
C LEU A 130 14.12 8.04 -2.16
N ASN A 131 13.42 9.11 -1.79
CA ASN A 131 13.88 9.98 -0.71
C ASN A 131 12.94 9.91 0.48
N PRO A 132 13.47 9.68 1.69
CA PRO A 132 12.63 9.63 2.90
C PRO A 132 12.13 11.01 3.30
N LEU A 133 11.01 11.02 4.00
CA LEU A 133 10.39 12.26 4.45
C LEU A 133 10.43 12.39 5.98
N PRO A 134 11.55 12.85 6.53
CA PRO A 134 11.71 12.99 7.98
C PRO A 134 10.99 14.22 8.53
N GLU A 135 10.62 15.14 7.65
CA GLU A 135 10.01 16.40 8.07
C GLU A 135 8.50 16.39 7.89
N GLY A 136 8.03 15.75 6.84
CA GLY A 136 6.60 15.75 6.56
C GLY A 136 6.11 14.39 6.11
N ARG A 137 4.80 14.26 5.92
CA ARG A 137 4.21 13.00 5.50
C ARG A 137 4.20 12.89 3.97
N THR A 138 4.24 14.03 3.31
CA THR A 138 4.24 14.09 1.86
C THR A 138 5.11 15.23 1.38
N LYS A 139 5.50 15.21 0.11
CA LYS A 139 6.33 16.27 -0.43
C LYS A 139 5.56 17.09 -1.45
N ASN A 140 5.21 18.31 -1.07
CA ASN A 140 4.44 19.23 -1.91
C ASN A 140 3.05 18.64 -2.20
N MET A 141 2.92 17.96 -3.34
CA MET A 141 1.66 17.36 -3.73
C MET A 141 1.77 15.83 -3.75
N VAL A 142 2.94 15.32 -4.09
CA VAL A 142 3.11 13.89 -4.28
C VAL A 142 2.97 13.11 -2.97
N PRO A 143 2.10 12.09 -2.97
CA PRO A 143 1.91 11.18 -1.84
C PRO A 143 3.18 10.41 -1.47
N SER A 144 3.12 9.64 -0.41
CA SER A 144 4.30 8.97 0.12
C SER A 144 4.21 7.46 -0.07
N LEU A 145 5.36 6.86 -0.34
CA LEU A 145 5.47 5.41 -0.45
C LEU A 145 5.95 4.85 0.88
N LEU A 146 5.24 3.86 1.39
CA LEU A 146 5.55 3.29 2.69
C LEU A 146 6.27 1.95 2.54
N LEU A 147 7.44 1.85 3.15
CA LEU A 147 8.25 0.64 3.08
C LEU A 147 8.72 0.23 4.47
N ASP A 148 8.76 -1.07 4.73
CA ASP A 148 9.29 -1.57 6.00
C ASP A 148 10.81 -1.66 5.91
N THR A 149 11.30 -1.75 4.69
CA THR A 149 12.72 -1.79 4.42
C THR A 149 13.07 -0.62 3.50
N PRO A 150 14.17 0.11 3.80
CA PRO A 150 14.54 1.35 3.12
C PRO A 150 14.58 1.26 1.59
N GLN A 151 14.71 0.05 1.06
CA GLN A 151 14.73 -0.12 -0.39
C GLN A 151 13.52 -0.93 -0.86
N ILE A 152 12.98 -0.57 -2.02
CA ILE A 152 11.75 -1.20 -2.51
C ILE A 152 11.91 -2.72 -2.66
N GLU A 153 12.90 -3.13 -3.44
CA GLU A 153 13.10 -4.53 -3.77
C GLU A 153 13.63 -5.34 -2.58
N THR A 154 13.80 -4.69 -1.45
CA THR A 154 14.22 -5.39 -0.25
C THR A 154 13.13 -5.33 0.82
N SER A 155 12.07 -4.59 0.54
CA SER A 155 10.99 -4.42 1.50
C SER A 155 9.93 -5.50 1.29
N SER A 156 9.45 -6.07 2.39
CA SER A 156 8.41 -7.09 2.34
C SER A 156 7.04 -6.44 2.52
N ILE A 157 7.03 -5.20 2.98
CA ILE A 157 5.81 -4.43 3.13
C ILE A 157 5.89 -3.17 2.29
N ILE A 158 4.95 -3.02 1.38
CA ILE A 158 4.91 -1.86 0.50
C ILE A 158 3.49 -1.33 0.41
N ALA A 159 3.32 -0.06 0.74
CA ALA A 159 2.01 0.56 0.69
C ALA A 159 2.10 1.97 0.12
N LEU A 160 1.04 2.40 -0.54
CA LEU A 160 1.01 3.72 -1.12
C LEU A 160 0.05 4.61 -0.34
N ASN A 161 0.60 5.53 0.43
CA ASN A 161 -0.19 6.39 1.30
C ASN A 161 -0.60 7.66 0.58
N HIS A 162 -1.90 7.81 0.35
CA HIS A 162 -2.43 9.02 -0.26
C HIS A 162 -3.81 9.31 0.31
N GLY A 163 -4.10 10.57 0.57
CA GLY A 163 -5.43 10.91 1.04
C GLY A 163 -5.62 12.40 1.19
N PRO A 164 -6.71 12.81 1.84
CA PRO A 164 -6.85 14.16 2.38
C PRO A 164 -5.95 14.38 3.58
N VAL A 165 -6.29 15.33 4.44
CA VAL A 165 -5.44 15.67 5.57
C VAL A 165 -5.40 14.55 6.63
N ASN A 166 -6.56 13.98 6.97
CA ASN A 166 -6.61 12.96 8.01
C ASN A 166 -7.29 11.69 7.53
N ASP A 167 -7.87 11.71 6.35
CA ASP A 167 -8.59 10.55 5.81
C ASP A 167 -7.68 9.73 4.90
N ALA A 168 -6.42 9.64 5.29
CA ALA A 168 -5.39 8.97 4.48
C ALA A 168 -5.80 7.56 4.06
N GLU A 169 -5.62 7.29 2.77
CA GLU A 169 -5.89 5.99 2.17
C GLU A 169 -4.56 5.28 1.91
N ILE A 170 -4.30 4.25 2.70
CA ILE A 170 -3.07 3.49 2.57
C ILE A 170 -3.36 2.17 1.88
N SER A 171 -3.05 2.11 0.60
CA SER A 171 -3.30 0.90 -0.16
C SER A 171 -2.04 0.05 -0.22
N PHE A 172 -2.11 -1.13 0.39
CA PHE A 172 -0.97 -2.03 0.43
C PHE A 172 -0.81 -2.78 -0.88
N LEU A 173 0.40 -2.75 -1.42
CA LEU A 173 0.72 -3.49 -2.62
C LEU A 173 1.22 -4.88 -2.23
N THR A 174 1.57 -5.01 -0.95
CA THR A 174 2.05 -6.28 -0.43
C THR A 174 0.97 -6.99 0.37
N THR A 175 1.11 -8.30 0.51
CA THR A 175 0.21 -9.08 1.35
C THR A 175 0.41 -8.69 2.81
N ILE A 176 -0.62 -8.10 3.41
CA ILE A 176 -0.54 -7.61 4.78
C ILE A 176 -0.20 -8.73 5.75
N PRO A 177 1.02 -8.73 6.30
CA PRO A 177 1.49 -9.80 7.17
C PRO A 177 0.60 -10.01 8.39
N LEU A 178 0.40 -11.28 8.70
CA LEU A 178 -0.44 -11.71 9.82
C LEU A 178 0.18 -11.24 11.14
N LYS A 179 1.48 -10.99 11.12
CA LYS A 179 2.19 -10.53 12.31
C LYS A 179 1.89 -9.06 12.59
N ASN A 180 1.32 -8.37 11.61
CA ASN A 180 1.06 -6.94 11.76
C ASN A 180 -0.40 -6.64 12.09
N VAL A 181 -1.28 -7.60 11.83
CA VAL A 181 -2.69 -7.40 12.15
C VAL A 181 -2.92 -7.61 13.64
N LYS A 182 -3.58 -6.65 14.26
CA LYS A 182 -3.85 -6.67 15.68
C LYS A 182 -5.36 -6.61 15.93
N PRO A 183 -5.80 -7.02 17.13
CA PRO A 183 -7.22 -7.02 17.49
C PRO A 183 -7.83 -5.62 17.52
N HIS A 184 -9.13 -5.55 17.24
CA HIS A 184 -9.87 -4.30 17.27
C HIS A 184 -11.21 -4.55 17.94
N LYS A 185 -11.80 -3.50 18.52
CA LYS A 185 -13.09 -3.60 19.21
C LYS A 185 -14.14 -4.30 18.34
N THR A 6 17.54 14.79 5.51
CA THR A 6 16.33 14.06 5.72
C THR A 6 16.53 13.09 6.88
N ASN A 7 15.46 12.43 7.30
CA ASN A 7 15.53 11.52 8.43
C ASN A 7 14.83 10.22 8.10
N LEU A 8 15.58 9.14 8.05
CA LEU A 8 15.05 7.82 7.76
C LEU A 8 14.43 7.23 9.03
N GLN A 9 13.13 7.44 9.18
CA GLN A 9 12.42 7.00 10.38
C GLN A 9 11.20 6.19 10.02
N LYS A 10 10.85 5.23 10.87
CA LYS A 10 9.63 4.47 10.71
C LYS A 10 8.52 5.06 11.57
N LYS A 11 7.37 5.25 10.97
CA LYS A 11 6.20 5.71 11.70
C LYS A 11 5.32 4.53 12.03
N SER A 12 4.85 4.48 13.27
CA SER A 12 3.94 3.45 13.69
C SER A 12 2.56 3.69 13.08
N PHE A 13 2.32 3.07 11.94
CA PHE A 13 1.06 3.21 11.24
C PHE A 13 0.04 2.24 11.78
N THR A 14 -1.13 2.76 12.11
CA THR A 14 -2.24 1.95 12.50
C THR A 14 -3.31 1.98 11.41
N LEU A 15 -3.41 0.90 10.66
CA LEU A 15 -4.31 0.86 9.52
C LEU A 15 -5.52 0.00 9.85
N TYR A 16 -6.63 0.31 9.21
CA TYR A 16 -7.84 -0.44 9.41
C TYR A 16 -8.33 -1.04 8.11
N ARG A 17 -8.39 -2.35 8.07
CA ARG A 17 -8.88 -3.07 6.90
C ARG A 17 -10.37 -3.31 7.02
N ALA A 18 -11.13 -2.66 6.15
CA ALA A 18 -12.58 -2.82 6.15
C ALA A 18 -12.99 -3.87 5.14
N ASP A 19 -13.16 -5.09 5.64
CA ASP A 19 -13.53 -6.25 4.82
C ASP A 19 -13.92 -7.36 5.76
N ASN A 20 -15.06 -8.01 5.50
CA ASN A 20 -15.56 -8.98 6.47
C ASN A 20 -14.67 -10.20 6.50
N ARG A 21 -14.11 -10.43 7.68
CA ARG A 21 -13.26 -11.57 7.98
C ARG A 21 -13.38 -11.85 9.46
N SER A 22 -13.21 -13.09 9.86
CA SER A 22 -13.07 -13.37 11.29
C SER A 22 -11.59 -13.43 11.61
N PHE A 23 -11.18 -12.99 12.80
CA PHE A 23 -9.78 -12.97 13.14
C PHE A 23 -9.25 -14.40 13.25
N GLU A 24 -10.05 -15.27 13.85
CA GLU A 24 -9.75 -16.69 13.91
C GLU A 24 -9.57 -17.24 12.51
N GLU A 25 -10.46 -16.83 11.62
CA GLU A 25 -10.41 -17.20 10.21
C GLU A 25 -9.10 -16.75 9.59
N MET A 26 -8.69 -15.53 9.89
CA MET A 26 -7.43 -14.99 9.38
C MET A 26 -6.26 -15.82 9.87
N GLN A 27 -6.36 -16.29 11.11
CA GLN A 27 -5.28 -17.08 11.70
C GLN A 27 -5.18 -18.44 11.03
N SER A 28 -6.27 -18.88 10.42
CA SER A 28 -6.35 -20.24 9.88
C SER A 28 -6.25 -20.26 8.36
N LYS A 29 -7.13 -19.52 7.68
CA LYS A 29 -7.23 -19.61 6.24
C LYS A 29 -6.20 -18.73 5.56
N PHE A 30 -5.78 -17.68 6.25
CA PHE A 30 -4.82 -16.73 5.69
C PHE A 30 -3.62 -16.57 6.61
N PRO A 31 -2.85 -17.65 6.82
CA PRO A 31 -1.74 -17.65 7.79
C PRO A 31 -0.60 -16.72 7.37
N GLU A 32 -0.62 -16.29 6.12
CA GLU A 32 0.41 -15.39 5.63
C GLU A 32 -0.03 -13.93 5.77
N GLY A 33 -1.27 -13.63 5.39
CA GLY A 33 -1.77 -12.28 5.55
C GLY A 33 -3.04 -12.00 4.77
N PHE A 34 -3.49 -10.74 4.81
CA PHE A 34 -4.65 -10.30 4.03
C PHE A 34 -4.37 -10.40 2.55
N LYS A 35 -5.40 -10.77 1.79
CA LYS A 35 -5.26 -10.89 0.35
C LYS A 35 -6.35 -10.11 -0.37
N ALA A 36 -5.96 -9.42 -1.43
CA ALA A 36 -6.91 -8.75 -2.29
C ALA A 36 -7.48 -9.73 -3.31
N TRP A 37 -8.24 -9.23 -4.28
CA TRP A 37 -8.80 -10.10 -5.31
C TRP A 37 -7.67 -10.74 -6.10
N THR A 38 -6.67 -9.95 -6.42
CA THR A 38 -5.46 -10.42 -7.06
C THR A 38 -4.26 -9.63 -6.54
N PRO A 39 -3.82 -9.92 -5.31
CA PRO A 39 -2.81 -9.14 -4.61
C PRO A 39 -1.39 -9.39 -5.13
N LEU A 40 -0.55 -8.38 -4.98
CA LEU A 40 0.86 -8.52 -5.28
C LEU A 40 1.57 -9.22 -4.13
N ASP A 41 2.41 -10.17 -4.46
CA ASP A 41 3.25 -10.81 -3.46
C ASP A 41 4.45 -9.93 -3.16
N THR A 42 5.32 -10.39 -2.25
CA THR A 42 6.48 -9.61 -1.86
C THR A 42 7.33 -9.23 -3.06
N LYS A 43 7.51 -10.20 -3.96
CA LYS A 43 8.27 -9.97 -5.17
C LYS A 43 7.50 -9.05 -6.12
N MET A 44 6.22 -9.30 -6.27
CA MET A 44 5.38 -8.56 -7.22
C MET A 44 5.27 -7.10 -6.82
N ALA A 45 5.17 -6.86 -5.52
CA ALA A 45 5.02 -5.51 -5.00
C ALA A 45 6.22 -4.64 -5.33
N ARG A 46 7.41 -5.18 -5.12
CA ARG A 46 8.64 -4.43 -5.39
C ARG A 46 8.84 -4.27 -6.88
N GLN A 47 8.34 -5.22 -7.66
CA GLN A 47 8.39 -5.11 -9.12
C GLN A 47 7.51 -3.96 -9.59
N PHE A 48 6.34 -3.84 -9.00
CA PHE A 48 5.40 -2.78 -9.34
C PHE A 48 5.87 -1.42 -8.80
N ALA A 49 6.30 -1.40 -7.55
CA ALA A 49 6.68 -0.13 -6.91
C ALA A 49 7.99 0.43 -7.46
N SER A 50 8.80 -0.42 -8.06
CA SER A 50 10.12 0.00 -8.56
C SER A 50 10.00 0.92 -9.78
N ILE A 51 8.86 0.85 -10.48
CA ILE A 51 8.69 1.60 -11.72
C ILE A 51 8.70 3.11 -11.46
N PHE A 52 8.38 3.50 -10.23
CA PHE A 52 8.21 4.91 -9.91
C PHE A 52 9.54 5.60 -9.66
N ILE A 53 10.62 4.83 -9.59
CA ILE A 53 11.95 5.42 -9.48
C ILE A 53 12.72 5.30 -10.78
N GLY A 54 12.03 4.83 -11.82
CA GLY A 54 12.63 4.79 -13.14
C GLY A 54 12.74 3.39 -13.72
N GLN A 55 12.55 2.39 -12.88
CA GLN A 55 12.67 1.00 -13.32
C GLN A 55 11.47 0.62 -14.18
N LYS A 56 11.68 -0.30 -15.10
CA LYS A 56 10.64 -0.66 -16.06
C LYS A 56 10.52 -2.17 -16.22
N ASP A 57 10.71 -2.88 -15.13
CA ASP A 57 10.58 -4.33 -15.13
C ASP A 57 9.15 -4.74 -14.83
N THR A 58 8.26 -4.41 -15.75
CA THR A 58 6.84 -4.68 -15.60
C THR A 58 6.51 -6.14 -15.93
N SER A 59 7.15 -7.05 -15.21
CA SER A 59 6.94 -8.47 -15.41
C SER A 59 6.35 -9.09 -14.15
N ASN A 60 5.60 -10.18 -14.32
CA ASN A 60 4.97 -10.91 -13.21
C ASN A 60 3.80 -10.10 -12.63
N LEU A 61 3.43 -9.04 -13.33
CA LEU A 61 2.38 -8.15 -12.88
C LEU A 61 1.10 -8.38 -13.68
N PRO A 62 -0.06 -8.43 -12.99
CA PRO A 62 -1.37 -8.63 -13.63
C PRO A 62 -1.65 -7.64 -14.77
N LYS A 63 -2.45 -8.13 -15.73
CA LYS A 63 -2.79 -7.41 -16.94
C LYS A 63 -3.41 -6.05 -16.65
N GLU A 64 -4.27 -6.02 -15.65
CA GLU A 64 -4.96 -4.79 -15.28
C GLU A 64 -3.95 -3.74 -14.82
N THR A 65 -2.99 -4.19 -14.03
CA THR A 65 -1.99 -3.30 -13.47
C THR A 65 -1.05 -2.77 -14.54
N VAL A 66 -0.51 -3.67 -15.36
CA VAL A 66 0.46 -3.28 -16.38
C VAL A 66 -0.16 -2.35 -17.42
N LYS A 67 -1.45 -2.53 -17.68
CA LYS A 67 -2.18 -1.66 -18.59
C LYS A 67 -2.18 -0.23 -18.04
N ASN A 68 -2.45 -0.11 -16.74
CA ASN A 68 -2.47 1.20 -16.10
C ASN A 68 -1.07 1.76 -15.98
N ILE A 69 -0.09 0.89 -15.83
CA ILE A 69 1.30 1.32 -15.83
C ILE A 69 1.66 1.97 -17.16
N SER A 70 1.25 1.32 -18.24
CA SER A 70 1.55 1.80 -19.58
C SER A 70 0.84 3.12 -19.86
N THR A 71 -0.33 3.31 -19.26
CA THR A 71 -1.12 4.50 -19.54
C THR A 71 -0.50 5.74 -18.87
N TRP A 72 0.27 5.52 -17.81
CA TRP A 72 0.96 6.63 -17.17
C TRP A 72 2.09 7.12 -18.05
N GLY A 73 2.74 6.18 -18.73
CA GLY A 73 3.80 6.53 -19.64
C GLY A 73 5.08 5.80 -19.32
N ALA A 74 6.19 6.32 -19.82
CA ALA A 74 7.50 5.74 -19.56
C ALA A 74 8.12 6.33 -18.30
N LYS A 75 7.43 7.32 -17.76
CA LYS A 75 7.86 7.97 -16.53
C LYS A 75 6.77 7.87 -15.46
N PRO A 76 6.62 6.70 -14.83
CA PRO A 76 5.61 6.49 -13.80
C PRO A 76 6.00 7.18 -12.49
N LYS A 77 5.07 7.92 -11.92
CA LYS A 77 5.33 8.65 -10.69
C LYS A 77 4.34 8.22 -9.61
N LEU A 78 4.69 8.53 -8.36
CA LEU A 78 3.94 8.05 -7.21
C LEU A 78 2.54 8.66 -7.16
N LYS A 79 2.41 9.86 -7.73
CA LYS A 79 1.11 10.50 -7.83
C LYS A 79 0.18 9.73 -8.76
N ASP A 80 0.76 9.11 -9.79
CA ASP A 80 -0.01 8.40 -10.80
C ASP A 80 -0.78 7.24 -10.19
N LEU A 81 -0.09 6.35 -9.48
CA LEU A 81 -0.78 5.21 -8.88
C LEU A 81 -1.62 5.67 -7.69
N SER A 82 -1.26 6.81 -7.11
CA SER A 82 -2.04 7.39 -6.04
C SER A 82 -3.44 7.71 -6.54
N ASN A 83 -3.51 8.34 -7.72
CA ASN A 83 -4.79 8.61 -8.38
C ASN A 83 -5.49 7.30 -8.68
N TYR A 84 -4.76 6.39 -9.31
CA TYR A 84 -5.26 5.07 -9.66
C TYR A 84 -5.92 4.40 -8.44
N ILE A 85 -5.18 4.32 -7.34
CA ILE A 85 -5.67 3.68 -6.13
C ILE A 85 -6.80 4.48 -5.47
N LYS A 86 -6.79 5.79 -5.68
CA LYS A 86 -7.77 6.65 -5.05
C LYS A 86 -9.15 6.46 -5.68
N TYR A 87 -9.18 6.21 -6.97
CA TYR A 87 -10.44 6.10 -7.70
C TYR A 87 -10.78 4.64 -8.02
N THR A 88 -9.82 3.75 -7.87
CA THR A 88 -10.05 2.35 -8.17
C THR A 88 -10.13 1.51 -6.90
N LYS A 89 -11.35 1.08 -6.57
CA LYS A 89 -11.57 0.15 -5.47
C LYS A 89 -12.31 -1.07 -6.00
N ASP A 90 -11.87 -1.53 -7.15
CA ASP A 90 -12.52 -2.63 -7.87
C ASP A 90 -11.84 -3.97 -7.54
N LYS A 91 -12.25 -5.03 -8.24
CA LYS A 91 -11.68 -6.35 -8.03
C LYS A 91 -10.22 -6.38 -8.43
N SER A 92 -9.95 -6.03 -9.69
CA SER A 92 -8.61 -6.09 -10.23
C SER A 92 -7.79 -4.87 -9.82
N THR A 93 -7.74 -4.62 -8.51
CA THR A 93 -6.98 -3.51 -7.97
C THR A 93 -5.51 -3.89 -7.79
N VAL A 94 -5.30 -5.11 -7.27
CA VAL A 94 -3.95 -5.69 -7.08
C VAL A 94 -3.37 -5.34 -5.71
N TRP A 95 -3.87 -4.28 -5.10
CA TRP A 95 -3.39 -3.84 -3.79
C TRP A 95 -4.42 -4.16 -2.70
N VAL A 96 -4.00 -4.06 -1.45
CA VAL A 96 -4.89 -4.24 -0.32
C VAL A 96 -5.20 -2.89 0.31
N SER A 97 -6.40 -2.38 0.05
CA SER A 97 -6.79 -1.07 0.52
C SER A 97 -7.10 -1.07 2.02
N THR A 98 -6.32 -0.31 2.76
CA THR A 98 -6.60 -0.05 4.16
C THR A 98 -6.63 1.47 4.37
N ALA A 99 -6.93 1.90 5.59
CA ALA A 99 -6.95 3.31 5.88
C ALA A 99 -6.39 3.57 7.26
N ILE A 100 -5.86 4.75 7.46
CA ILE A 100 -5.30 5.14 8.74
C ILE A 100 -6.44 5.39 9.75
N ASN A 101 -7.65 5.43 9.23
CA ASN A 101 -8.85 5.62 10.06
C ASN A 101 -9.86 4.53 9.75
N THR A 102 -10.76 4.29 10.69
CA THR A 102 -11.81 3.32 10.49
C THR A 102 -12.80 3.82 9.45
N GLU A 103 -13.19 5.08 9.59
CA GLU A 103 -14.19 5.68 8.73
C GLU A 103 -13.70 5.77 7.29
N ALA A 104 -12.43 6.09 7.13
CA ALA A 104 -11.82 6.21 5.81
C ALA A 104 -11.69 4.84 5.14
N GLY A 105 -11.77 3.79 5.95
CA GLY A 105 -11.69 2.44 5.43
C GLY A 105 -12.92 2.07 4.62
N GLY A 106 -14.07 2.61 5.04
CA GLY A 106 -15.31 2.34 4.33
C GLY A 106 -15.85 0.95 4.62
N GLN A 107 -16.59 0.82 5.71
CA GLN A 107 -17.22 -0.45 6.05
C GLN A 107 -18.49 -0.62 5.24
N SER A 108 -18.68 -1.82 4.71
CA SER A 108 -19.88 -2.14 3.96
C SER A 108 -21.05 -2.40 4.91
N SER A 109 -21.65 -1.31 5.39
CA SER A 109 -22.77 -1.36 6.33
C SER A 109 -22.30 -1.82 7.71
N GLY A 110 -21.96 -3.10 7.82
CA GLY A 110 -21.53 -3.65 9.09
C GLY A 110 -20.42 -4.66 8.92
N ALA A 111 -19.25 -4.18 8.57
CA ALA A 111 -18.10 -5.05 8.34
C ALA A 111 -17.12 -4.99 9.51
N PRO A 112 -16.64 -6.15 9.97
CA PRO A 112 -15.63 -6.23 11.03
C PRO A 112 -14.32 -5.57 10.63
N LEU A 113 -13.82 -4.70 11.47
CA LEU A 113 -12.60 -3.97 11.20
C LEU A 113 -11.39 -4.75 11.70
N HIS A 114 -10.24 -4.47 11.11
CA HIS A 114 -9.01 -5.12 11.51
C HIS A 114 -7.93 -4.07 11.65
N LYS A 115 -7.21 -4.08 12.76
CA LYS A 115 -6.22 -3.06 13.03
C LYS A 115 -4.82 -3.56 12.68
N ILE A 116 -4.27 -3.05 11.60
CA ILE A 116 -2.94 -3.43 11.16
C ILE A 116 -1.91 -2.53 11.84
N ASP A 117 -0.94 -3.16 12.49
CA ASP A 117 0.10 -2.42 13.19
C ASP A 117 1.44 -2.60 12.51
N MET A 118 2.01 -1.52 12.00
CA MET A 118 3.31 -1.58 11.37
C MET A 118 4.13 -0.34 11.68
N ASP A 119 5.43 -0.48 11.55
CA ASP A 119 6.35 0.64 11.62
C ASP A 119 7.02 0.76 10.26
N LEU A 120 6.65 1.77 9.50
CA LEU A 120 7.09 1.87 8.13
C LEU A 120 7.76 3.21 7.85
N TYR A 121 8.79 3.17 7.01
CA TYR A 121 9.48 4.38 6.60
C TYR A 121 8.59 5.22 5.71
N GLU A 122 8.66 6.52 5.88
CA GLU A 122 7.90 7.44 5.06
C GLU A 122 8.77 7.95 3.92
N PHE A 123 8.44 7.57 2.70
CA PHE A 123 9.20 7.98 1.53
C PHE A 123 8.35 8.81 0.59
N ALA A 124 9.00 9.53 -0.29
CA ALA A 124 8.33 10.27 -1.34
C ALA A 124 9.09 10.10 -2.64
N ILE A 125 8.37 10.10 -3.75
CA ILE A 125 9.01 10.00 -5.06
C ILE A 125 9.07 11.38 -5.70
N ASP A 126 10.24 11.98 -5.64
CA ASP A 126 10.43 13.31 -6.19
C ASP A 126 11.33 13.23 -7.42
N GLY A 127 10.71 13.27 -8.59
CA GLY A 127 11.47 13.12 -9.82
C GLY A 127 12.07 11.73 -9.93
N GLN A 128 11.28 10.72 -9.55
CA GLN A 128 11.71 9.32 -9.55
C GLN A 128 12.83 9.08 -8.54
N LYS A 129 12.90 9.95 -7.54
CA LYS A 129 13.88 9.80 -6.47
C LYS A 129 13.19 9.34 -5.20
N LEU A 130 13.63 8.23 -4.65
CA LEU A 130 13.08 7.70 -3.42
C LEU A 130 13.73 8.38 -2.23
N ASN A 131 13.05 9.33 -1.63
CA ASN A 131 13.60 10.09 -0.52
C ASN A 131 12.65 10.09 0.66
N PRO A 132 13.18 9.94 1.89
CA PRO A 132 12.37 9.91 3.10
C PRO A 132 11.77 11.27 3.45
N LEU A 133 10.58 11.25 4.01
CA LEU A 133 9.92 12.46 4.48
C LEU A 133 10.16 12.63 5.98
N PRO A 134 11.05 13.55 6.37
CA PRO A 134 11.44 13.71 7.76
C PRO A 134 10.36 14.35 8.63
N GLU A 135 9.67 15.34 8.09
CA GLU A 135 8.72 16.11 8.88
C GLU A 135 7.32 16.11 8.27
N GLY A 136 7.09 15.29 7.26
CA GLY A 136 5.81 15.31 6.59
C GLY A 136 5.28 13.93 6.25
N ARG A 137 3.97 13.84 6.07
CA ARG A 137 3.32 12.60 5.64
C ARG A 137 3.09 12.62 4.14
N THR A 138 3.30 13.77 3.53
CA THR A 138 3.14 13.95 2.10
C THR A 138 3.83 15.24 1.67
N LYS A 139 4.25 15.30 0.41
CA LYS A 139 4.93 16.49 -0.08
C LYS A 139 4.09 17.19 -1.15
N ASN A 140 3.21 18.08 -0.70
CA ASN A 140 2.35 18.87 -1.59
C ASN A 140 1.47 17.97 -2.47
N MET A 141 1.98 17.63 -3.64
CA MET A 141 1.26 16.77 -4.57
C MET A 141 1.75 15.33 -4.46
N VAL A 142 2.97 15.18 -3.98
CA VAL A 142 3.62 13.89 -3.92
C VAL A 142 3.17 13.11 -2.70
N PRO A 143 2.56 11.93 -2.91
CA PRO A 143 2.14 11.05 -1.83
C PRO A 143 3.33 10.34 -1.19
N SER A 144 3.08 9.58 -0.13
CA SER A 144 4.16 8.91 0.56
C SER A 144 4.15 7.41 0.27
N LEU A 145 5.34 6.86 0.15
CA LEU A 145 5.51 5.42 -0.04
C LEU A 145 6.01 4.83 1.26
N LEU A 146 5.30 3.84 1.77
CA LEU A 146 5.65 3.24 3.04
C LEU A 146 6.44 1.96 2.82
N LEU A 147 7.66 1.95 3.33
CA LEU A 147 8.55 0.82 3.14
C LEU A 147 9.07 0.31 4.48
N ASP A 148 9.21 -0.99 4.60
CA ASP A 148 9.78 -1.60 5.80
C ASP A 148 11.30 -1.64 5.67
N THR A 149 11.77 -1.41 4.46
CA THR A 149 13.19 -1.39 4.16
C THR A 149 13.48 -0.17 3.27
N PRO A 150 14.58 0.55 3.52
CA PRO A 150 14.88 1.84 2.85
C PRO A 150 14.95 1.77 1.32
N GLN A 151 14.91 0.57 0.75
CA GLN A 151 14.94 0.43 -0.69
C GLN A 151 13.82 -0.49 -1.16
N ILE A 152 13.14 -0.11 -2.23
CA ILE A 152 11.92 -0.80 -2.67
C ILE A 152 12.14 -2.30 -2.86
N GLU A 153 13.10 -2.62 -3.72
CA GLU A 153 13.37 -3.99 -4.13
C GLU A 153 13.90 -4.85 -2.99
N THR A 154 14.13 -4.24 -1.83
CA THR A 154 14.60 -4.98 -0.68
C THR A 154 13.58 -4.93 0.46
N SER A 155 12.47 -4.24 0.22
CA SER A 155 11.47 -4.03 1.25
C SER A 155 10.50 -5.19 1.32
N SER A 156 10.27 -5.70 2.52
CA SER A 156 9.38 -6.81 2.74
C SER A 156 7.93 -6.33 2.76
N ILE A 157 7.73 -5.09 3.17
CA ILE A 157 6.40 -4.48 3.18
C ILE A 157 6.41 -3.20 2.37
N ILE A 158 5.48 -3.08 1.45
CA ILE A 158 5.37 -1.91 0.59
C ILE A 158 3.93 -1.45 0.53
N ALA A 159 3.69 -0.19 0.86
CA ALA A 159 2.35 0.36 0.83
C ALA A 159 2.34 1.77 0.26
N LEU A 160 1.32 2.07 -0.53
CA LEU A 160 1.17 3.39 -1.11
C LEU A 160 0.22 4.20 -0.24
N ASN A 161 0.71 5.33 0.25
CA ASN A 161 -0.10 6.19 1.10
C ASN A 161 -0.48 7.46 0.36
N HIS A 162 -1.67 7.95 0.62
CA HIS A 162 -2.18 9.16 -0.02
C HIS A 162 -1.91 10.37 0.86
N GLY A 163 -2.17 11.57 0.36
CA GLY A 163 -1.82 12.75 1.14
C GLY A 163 -2.98 13.51 1.79
N PRO A 164 -3.92 12.83 2.49
CA PRO A 164 -4.71 13.46 3.53
C PRO A 164 -4.03 13.24 4.88
N VAL A 165 -3.59 14.33 5.50
CA VAL A 165 -2.67 14.26 6.64
C VAL A 165 -3.10 13.25 7.71
N ASN A 166 -4.39 13.25 8.08
CA ASN A 166 -4.86 12.38 9.16
C ASN A 166 -6.01 11.51 8.70
N ASP A 167 -6.26 11.48 7.40
CA ASP A 167 -7.31 10.63 6.82
C ASP A 167 -6.73 9.82 5.66
N ALA A 168 -5.47 9.48 5.79
CA ALA A 168 -4.70 8.86 4.72
C ALA A 168 -5.21 7.45 4.36
N GLU A 169 -5.30 7.19 3.06
CA GLU A 169 -5.60 5.87 2.54
C GLU A 169 -4.32 5.13 2.22
N ILE A 170 -4.03 4.11 3.01
CA ILE A 170 -2.83 3.30 2.81
C ILE A 170 -3.19 2.01 2.09
N SER A 171 -2.63 1.80 0.92
CA SER A 171 -2.90 0.60 0.16
C SER A 171 -1.64 -0.24 0.03
N PHE A 172 -1.65 -1.40 0.67
CA PHE A 172 -0.50 -2.27 0.68
C PHE A 172 -0.35 -2.99 -0.66
N LEU A 173 0.84 -2.92 -1.21
CA LEU A 173 1.17 -3.65 -2.42
C LEU A 173 1.64 -5.04 -2.04
N THR A 174 2.16 -5.16 -0.82
CA THR A 174 2.58 -6.44 -0.28
C THR A 174 1.45 -7.06 0.52
N THR A 175 1.44 -8.39 0.59
CA THR A 175 0.50 -9.11 1.43
C THR A 175 0.70 -8.69 2.88
N ILE A 176 -0.34 -8.16 3.51
CA ILE A 176 -0.27 -7.70 4.89
C ILE A 176 -0.04 -8.88 5.83
N PRO A 177 1.17 -8.99 6.42
CA PRO A 177 1.51 -10.13 7.28
C PRO A 177 0.46 -10.37 8.37
N LEU A 178 0.12 -11.64 8.53
CA LEU A 178 -0.91 -12.09 9.45
C LEU A 178 -0.49 -11.79 10.90
N LYS A 179 0.78 -11.57 11.10
CA LYS A 179 1.31 -11.24 12.43
C LYS A 179 1.05 -9.77 12.77
N ASN A 180 0.82 -8.94 11.76
CA ASN A 180 0.68 -7.51 11.97
C ASN A 180 -0.77 -7.10 12.20
N VAL A 181 -1.70 -7.97 11.80
CA VAL A 181 -3.11 -7.67 11.96
C VAL A 181 -3.59 -7.96 13.38
N LYS A 182 -4.24 -6.98 13.97
CA LYS A 182 -4.80 -7.10 15.31
C LYS A 182 -6.32 -7.02 15.25
N PRO A 183 -7.02 -7.65 16.19
CA PRO A 183 -8.48 -7.67 16.22
C PRO A 183 -9.07 -6.32 16.60
N HIS A 184 -10.15 -5.94 15.93
CA HIS A 184 -10.81 -4.67 16.18
C HIS A 184 -12.32 -4.85 16.05
N LYS A 185 -13.08 -4.05 16.79
CA LYS A 185 -14.54 -4.15 16.76
C LYS A 185 -15.09 -3.79 15.38
N THR A 6 16.89 14.64 4.83
CA THR A 6 16.13 13.40 4.74
C THR A 6 16.40 12.51 5.95
N ASN A 7 15.38 12.30 6.76
CA ASN A 7 15.50 11.46 7.95
C ASN A 7 14.94 10.08 7.67
N LEU A 8 15.82 9.09 7.65
CA LEU A 8 15.43 7.72 7.38
C LEU A 8 14.99 7.05 8.67
N GLN A 9 13.69 7.09 8.94
CA GLN A 9 13.13 6.52 10.14
C GLN A 9 11.75 5.94 9.88
N LYS A 10 11.39 4.92 10.65
CA LYS A 10 10.08 4.30 10.53
C LYS A 10 9.06 5.05 11.34
N LYS A 11 7.82 5.01 10.91
CA LYS A 11 6.73 5.58 11.65
C LYS A 11 5.68 4.51 11.92
N SER A 12 5.16 4.50 13.12
CA SER A 12 4.19 3.50 13.52
C SER A 12 2.82 3.80 12.89
N PHE A 13 2.46 2.99 11.91
CA PHE A 13 1.17 3.12 11.24
C PHE A 13 0.18 2.12 11.79
N THR A 14 -1.00 2.60 12.12
CA THR A 14 -2.10 1.73 12.47
C THR A 14 -3.20 1.90 11.43
N LEU A 15 -3.32 0.93 10.56
CA LEU A 15 -4.26 1.01 9.46
C LEU A 15 -5.51 0.21 9.78
N TYR A 16 -6.58 0.48 9.06
CA TYR A 16 -7.83 -0.21 9.29
C TYR A 16 -8.35 -0.87 8.02
N ARG A 17 -8.52 -2.17 8.09
CA ARG A 17 -9.10 -2.93 6.99
C ARG A 17 -10.46 -3.46 7.39
N ALA A 18 -11.49 -3.02 6.69
CA ALA A 18 -12.84 -3.50 6.95
C ALA A 18 -13.14 -4.69 6.05
N ASP A 19 -12.97 -5.88 6.61
CA ASP A 19 -13.12 -7.12 5.86
C ASP A 19 -13.54 -8.22 6.82
N ASN A 20 -14.67 -8.89 6.57
CA ASN A 20 -15.15 -9.85 7.54
C ASN A 20 -14.40 -11.18 7.39
N ARG A 21 -13.68 -11.52 8.45
CA ARG A 21 -12.97 -12.78 8.57
C ARG A 21 -12.82 -13.08 10.05
N SER A 22 -12.91 -14.34 10.45
CA SER A 22 -12.75 -14.67 11.85
C SER A 22 -11.28 -14.66 12.23
N PHE A 23 -10.97 -14.28 13.47
CA PHE A 23 -9.59 -14.11 13.87
C PHE A 23 -8.84 -15.43 13.81
N GLU A 24 -9.42 -16.47 14.41
CA GLU A 24 -8.81 -17.80 14.38
C GLU A 24 -8.85 -18.38 12.97
N GLU A 25 -9.80 -17.89 12.19
CA GLU A 25 -9.91 -18.28 10.78
C GLU A 25 -8.73 -17.75 10.00
N MET A 26 -8.27 -16.55 10.35
CA MET A 26 -7.08 -15.98 9.72
C MET A 26 -5.83 -16.58 10.33
N GLN A 27 -5.99 -17.31 11.42
CA GLN A 27 -4.88 -18.04 12.02
C GLN A 27 -4.74 -19.41 11.38
N SER A 28 -5.78 -19.83 10.67
CA SER A 28 -5.82 -21.16 10.07
C SER A 28 -5.88 -21.09 8.55
N LYS A 29 -6.97 -20.51 8.03
CA LYS A 29 -7.23 -20.53 6.61
C LYS A 29 -6.40 -19.47 5.89
N PHE A 30 -6.21 -18.34 6.56
CA PHE A 30 -5.49 -17.21 5.96
C PHE A 30 -4.32 -16.78 6.85
N PRO A 31 -3.39 -17.70 7.19
CA PRO A 31 -2.35 -17.42 8.16
C PRO A 31 -1.20 -16.61 7.58
N GLU A 32 -1.35 -16.21 6.33
CA GLU A 32 -0.35 -15.39 5.67
C GLU A 32 -0.71 -13.91 5.81
N GLY A 33 -1.95 -13.57 5.45
CA GLY A 33 -2.37 -12.20 5.57
C GLY A 33 -3.65 -11.90 4.82
N PHE A 34 -4.04 -10.63 4.80
CA PHE A 34 -5.16 -10.19 3.97
C PHE A 34 -4.78 -10.24 2.51
N LYS A 35 -5.63 -10.85 1.71
CA LYS A 35 -5.39 -10.93 0.29
C LYS A 35 -6.37 -10.03 -0.46
N ALA A 36 -5.87 -9.37 -1.49
CA ALA A 36 -6.72 -8.61 -2.38
C ALA A 36 -7.34 -9.56 -3.41
N TRP A 37 -8.01 -9.02 -4.42
CA TRP A 37 -8.56 -9.85 -5.48
C TRP A 37 -7.42 -10.42 -6.32
N THR A 38 -6.39 -9.60 -6.49
CA THR A 38 -5.17 -10.01 -7.16
C THR A 38 -3.97 -9.33 -6.51
N PRO A 39 -3.60 -9.78 -5.30
CA PRO A 39 -2.55 -9.13 -4.52
C PRO A 39 -1.16 -9.43 -5.05
N LEU A 40 -0.23 -8.51 -4.82
CA LEU A 40 1.14 -8.70 -5.24
C LEU A 40 1.93 -9.42 -4.16
N ASP A 41 2.64 -10.46 -4.53
CA ASP A 41 3.54 -11.15 -3.62
C ASP A 41 4.69 -10.22 -3.25
N THR A 42 5.49 -10.58 -2.26
CA THR A 42 6.55 -9.70 -1.77
C THR A 42 7.45 -9.22 -2.92
N LYS A 43 7.77 -10.14 -3.82
CA LYS A 43 8.60 -9.81 -4.98
C LYS A 43 7.84 -8.95 -5.97
N MET A 44 6.56 -9.23 -6.15
CA MET A 44 5.75 -8.52 -7.13
C MET A 44 5.49 -7.08 -6.67
N ALA A 45 5.30 -6.91 -5.37
CA ALA A 45 5.01 -5.61 -4.80
C ALA A 45 6.17 -4.64 -4.97
N ARG A 46 7.38 -5.14 -4.73
CA ARG A 46 8.57 -4.32 -4.87
C ARG A 46 8.84 -3.99 -6.34
N GLN A 47 8.42 -4.88 -7.23
CA GLN A 47 8.57 -4.65 -8.66
C GLN A 47 7.66 -3.53 -9.13
N PHE A 48 6.42 -3.55 -8.68
CA PHE A 48 5.45 -2.54 -9.06
C PHE A 48 5.87 -1.16 -8.56
N ALA A 49 6.38 -1.10 -7.33
CA ALA A 49 6.80 0.17 -6.75
C ALA A 49 8.12 0.64 -7.34
N SER A 50 8.93 -0.28 -7.85
CA SER A 50 10.26 0.05 -8.33
C SER A 50 10.23 0.83 -9.65
N ILE A 51 9.14 0.70 -10.39
CA ILE A 51 9.03 1.34 -11.70
C ILE A 51 9.08 2.87 -11.59
N PHE A 52 8.71 3.39 -10.43
CA PHE A 52 8.57 4.83 -10.24
C PHE A 52 9.93 5.49 -10.04
N ILE A 53 10.98 4.70 -9.83
CA ILE A 53 12.32 5.25 -9.71
C ILE A 53 13.09 5.07 -11.01
N GLY A 54 12.36 4.74 -12.07
CA GLY A 54 12.96 4.68 -13.39
C GLY A 54 12.99 3.27 -13.98
N GLN A 55 12.72 2.28 -13.14
CA GLN A 55 12.78 0.89 -13.59
C GLN A 55 11.56 0.51 -14.42
N LYS A 56 11.67 -0.56 -15.19
CA LYS A 56 10.61 -0.96 -16.12
C LYS A 56 10.17 -2.39 -15.85
N ASP A 57 10.21 -2.79 -14.59
CA ASP A 57 9.87 -4.16 -14.21
C ASP A 57 8.36 -4.36 -14.19
N THR A 58 7.75 -4.45 -15.36
CA THR A 58 6.32 -4.63 -15.47
C THR A 58 5.94 -6.09 -15.74
N SER A 59 6.90 -6.87 -16.20
CA SER A 59 6.65 -8.30 -16.44
C SER A 59 6.44 -9.01 -15.10
N ASN A 60 5.72 -10.14 -15.14
CA ASN A 60 5.41 -10.94 -13.94
C ASN A 60 4.28 -10.29 -13.12
N LEU A 61 4.00 -9.02 -13.39
CA LEU A 61 2.91 -8.32 -12.73
C LEU A 61 1.61 -8.52 -13.51
N PRO A 62 0.44 -8.40 -12.83
CA PRO A 62 -0.87 -8.52 -13.48
C PRO A 62 -1.00 -7.55 -14.65
N LYS A 63 -1.52 -8.07 -15.77
CA LYS A 63 -1.61 -7.31 -17.00
C LYS A 63 -2.49 -6.08 -16.83
N GLU A 64 -3.48 -6.17 -15.98
CA GLU A 64 -4.38 -5.04 -15.71
C GLU A 64 -3.59 -3.88 -15.12
N THR A 65 -2.70 -4.21 -14.20
CA THR A 65 -1.89 -3.20 -13.54
C THR A 65 -0.92 -2.56 -14.52
N VAL A 66 -0.24 -3.40 -15.30
CA VAL A 66 0.76 -2.91 -16.25
C VAL A 66 0.09 -2.15 -17.39
N LYS A 67 -1.14 -2.54 -17.72
CA LYS A 67 -1.95 -1.81 -18.68
C LYS A 67 -2.06 -0.35 -18.25
N ASN A 68 -2.35 -0.15 -16.98
CA ASN A 68 -2.44 1.19 -16.40
C ASN A 68 -1.06 1.83 -16.29
N ILE A 69 -0.03 1.02 -16.12
CA ILE A 69 1.33 1.51 -16.08
C ILE A 69 1.76 2.05 -17.44
N SER A 70 1.36 1.34 -18.48
CA SER A 70 1.75 1.66 -19.85
C SER A 70 1.25 3.04 -20.25
N THR A 71 0.10 3.45 -19.71
CA THR A 71 -0.49 4.74 -20.06
C THR A 71 0.16 5.87 -19.26
N TRP A 72 1.14 5.55 -18.43
CA TRP A 72 1.94 6.56 -17.77
C TRP A 72 3.17 6.87 -18.61
N GLY A 73 3.35 6.08 -19.67
CA GLY A 73 4.46 6.29 -20.57
C GLY A 73 5.71 5.60 -20.12
N ALA A 74 6.85 6.20 -20.44
CA ALA A 74 8.15 5.64 -20.06
C ALA A 74 8.63 6.23 -18.75
N LYS A 75 7.89 7.18 -18.23
CA LYS A 75 8.26 7.85 -17.00
C LYS A 75 7.11 7.77 -15.98
N PRO A 76 7.03 6.66 -15.24
CA PRO A 76 5.97 6.46 -14.25
C PRO A 76 6.09 7.45 -13.09
N LYS A 77 4.99 8.09 -12.75
CA LYS A 77 4.97 9.06 -11.68
C LYS A 77 4.07 8.58 -10.55
N LEU A 78 4.52 8.82 -9.33
CA LEU A 78 3.83 8.33 -8.14
C LEU A 78 2.45 8.98 -8.00
N LYS A 79 2.33 10.21 -8.50
CA LYS A 79 1.05 10.93 -8.46
C LYS A 79 0.00 10.20 -9.29
N ASP A 80 0.45 9.62 -10.40
CA ASP A 80 -0.45 8.92 -11.31
C ASP A 80 -0.93 7.63 -10.69
N LEU A 81 -0.07 7.00 -9.90
CA LEU A 81 -0.45 5.82 -9.14
C LEU A 81 -1.48 6.20 -8.08
N SER A 82 -1.25 7.32 -7.42
CA SER A 82 -2.13 7.80 -6.38
C SER A 82 -3.54 8.02 -6.93
N ASN A 83 -3.62 8.66 -8.10
CA ASN A 83 -4.90 8.90 -8.75
C ASN A 83 -5.49 7.59 -9.25
N TYR A 84 -4.65 6.73 -9.81
CA TYR A 84 -5.07 5.40 -10.23
C TYR A 84 -5.78 4.68 -9.08
N ILE A 85 -5.18 4.74 -7.90
CA ILE A 85 -5.75 4.11 -6.72
C ILE A 85 -7.05 4.78 -6.28
N LYS A 86 -7.07 6.10 -6.27
CA LYS A 86 -8.25 6.84 -5.83
C LYS A 86 -9.46 6.59 -6.72
N TYR A 87 -9.21 6.40 -8.00
CA TYR A 87 -10.28 6.22 -8.97
C TYR A 87 -10.56 4.75 -9.24
N THR A 88 -9.82 3.87 -8.58
CA THR A 88 -9.99 2.45 -8.80
C THR A 88 -10.05 1.69 -7.48
N LYS A 89 -11.25 1.25 -7.11
CA LYS A 89 -11.44 0.40 -5.94
C LYS A 89 -12.24 -0.83 -6.34
N ASP A 90 -12.01 -1.25 -7.59
CA ASP A 90 -12.69 -2.41 -8.17
C ASP A 90 -12.02 -3.69 -7.70
N LYS A 91 -12.33 -4.80 -8.36
CA LYS A 91 -11.70 -6.08 -8.08
C LYS A 91 -10.25 -6.08 -8.55
N SER A 92 -10.04 -5.69 -9.80
CA SER A 92 -8.70 -5.70 -10.39
C SER A 92 -7.90 -4.47 -9.97
N THR A 93 -7.67 -4.35 -8.67
CA THR A 93 -6.91 -3.22 -8.13
C THR A 93 -5.45 -3.59 -7.89
N VAL A 94 -5.23 -4.79 -7.36
CA VAL A 94 -3.89 -5.32 -7.05
C VAL A 94 -3.45 -4.94 -5.63
N TRP A 95 -4.01 -3.84 -5.12
CA TRP A 95 -3.67 -3.37 -3.78
C TRP A 95 -4.77 -3.68 -2.77
N VAL A 96 -4.42 -3.61 -1.50
CA VAL A 96 -5.38 -3.74 -0.42
C VAL A 96 -5.67 -2.36 0.15
N SER A 97 -6.86 -1.85 -0.12
CA SER A 97 -7.26 -0.51 0.30
C SER A 97 -7.52 -0.48 1.81
N THR A 98 -6.66 0.21 2.54
CA THR A 98 -6.83 0.42 3.97
C THR A 98 -6.77 1.91 4.28
N ALA A 99 -7.03 2.27 5.53
CA ALA A 99 -7.02 3.68 5.90
C ALA A 99 -6.38 3.86 7.27
N ILE A 100 -5.80 5.04 7.49
CA ILE A 100 -5.22 5.38 8.77
C ILE A 100 -6.33 5.76 9.76
N ASN A 101 -7.54 5.88 9.22
CA ASN A 101 -8.70 6.27 9.99
C ASN A 101 -9.83 5.28 9.74
N THR A 102 -10.63 5.05 10.77
CA THR A 102 -11.77 4.14 10.67
C THR A 102 -12.86 4.76 9.81
N GLU A 103 -12.84 6.07 9.73
CA GLU A 103 -13.84 6.83 9.00
C GLU A 103 -13.69 6.61 7.50
N ALA A 104 -12.47 6.35 7.07
CA ALA A 104 -12.19 6.09 5.67
C ALA A 104 -12.02 4.60 5.44
N GLY A 105 -12.34 3.80 6.46
CA GLY A 105 -12.18 2.37 6.37
C GLY A 105 -13.18 1.73 5.43
N GLY A 106 -14.42 2.22 5.46
CA GLY A 106 -15.45 1.69 4.60
C GLY A 106 -15.94 0.33 5.06
N GLN A 107 -16.74 0.32 6.12
CA GLN A 107 -17.25 -0.93 6.68
C GLN A 107 -18.43 -1.46 5.88
N SER A 108 -18.95 -0.60 4.99
CA SER A 108 -20.08 -0.94 4.13
C SER A 108 -21.36 -1.08 4.95
N SER A 109 -21.52 -2.20 5.63
CA SER A 109 -22.71 -2.45 6.42
C SER A 109 -22.32 -2.87 7.84
N GLY A 110 -21.62 -3.99 7.95
CA GLY A 110 -21.22 -4.48 9.25
C GLY A 110 -19.95 -5.31 9.17
N ALA A 111 -18.94 -4.78 8.49
CA ALA A 111 -17.67 -5.48 8.37
C ALA A 111 -16.75 -5.10 9.53
N PRO A 112 -16.17 -6.10 10.19
CA PRO A 112 -15.26 -5.89 11.31
C PRO A 112 -13.97 -5.20 10.87
N LEU A 113 -13.52 -4.26 11.66
CA LEU A 113 -12.31 -3.53 11.35
C LEU A 113 -11.12 -4.23 11.96
N HIS A 114 -10.17 -4.56 11.13
CA HIS A 114 -8.92 -5.14 11.58
C HIS A 114 -7.85 -4.07 11.51
N LYS A 115 -7.22 -3.76 12.63
CA LYS A 115 -6.20 -2.74 12.65
C LYS A 115 -4.84 -3.35 12.37
N ILE A 116 -4.12 -2.73 11.47
CA ILE A 116 -2.79 -3.19 11.11
C ILE A 116 -1.74 -2.32 11.79
N ASP A 117 -0.84 -2.95 12.52
CA ASP A 117 0.22 -2.21 13.19
C ASP A 117 1.57 -2.49 12.53
N MET A 118 2.15 -1.45 11.95
CA MET A 118 3.45 -1.57 11.29
C MET A 118 4.31 -0.36 11.57
N ASP A 119 5.61 -0.53 11.47
CA ASP A 119 6.54 0.59 11.50
C ASP A 119 7.13 0.77 10.12
N LEU A 120 6.63 1.75 9.39
CA LEU A 120 6.99 1.90 7.99
C LEU A 120 7.62 3.25 7.74
N TYR A 121 8.63 3.26 6.87
CA TYR A 121 9.27 4.48 6.47
C TYR A 121 8.33 5.26 5.55
N GLU A 122 8.28 6.57 5.72
CA GLU A 122 7.49 7.40 4.82
C GLU A 122 8.40 7.94 3.73
N PHE A 123 8.19 7.47 2.50
CA PHE A 123 9.02 7.87 1.37
C PHE A 123 8.21 8.65 0.36
N ALA A 124 8.91 9.31 -0.54
CA ALA A 124 8.30 9.99 -1.66
C ALA A 124 9.14 9.74 -2.91
N ILE A 125 8.51 9.75 -4.05
CA ILE A 125 9.23 9.62 -5.30
C ILE A 125 9.41 10.99 -5.94
N ASP A 126 10.59 11.55 -5.76
CA ASP A 126 10.87 12.90 -6.24
C ASP A 126 11.90 12.85 -7.36
N GLY A 127 11.43 12.99 -8.59
CA GLY A 127 12.31 12.87 -9.73
C GLY A 127 12.79 11.44 -9.91
N GLN A 128 11.86 10.51 -9.72
CA GLN A 128 12.16 9.08 -9.76
C GLN A 128 13.21 8.72 -8.72
N LYS A 129 13.13 9.36 -7.56
CA LYS A 129 14.05 9.12 -6.47
C LYS A 129 13.30 8.75 -5.21
N LEU A 130 13.75 7.69 -4.56
CA LEU A 130 13.13 7.24 -3.33
C LEU A 130 13.77 7.97 -2.15
N ASN A 131 13.06 8.95 -1.62
CA ASN A 131 13.56 9.75 -0.52
C ASN A 131 12.53 9.83 0.60
N PRO A 132 12.97 9.71 1.87
CA PRO A 132 12.07 9.78 3.01
C PRO A 132 11.60 11.20 3.27
N LEU A 133 10.36 11.32 3.74
CA LEU A 133 9.77 12.63 3.99
C LEU A 133 9.89 13.03 5.47
N PRO A 134 10.90 13.85 5.81
CA PRO A 134 11.05 14.36 7.17
C PRO A 134 10.10 15.52 7.47
N GLU A 135 9.59 16.11 6.39
CA GLU A 135 8.83 17.37 6.48
C GLU A 135 7.33 17.13 6.40
N GLY A 136 6.92 15.88 6.28
CA GLY A 136 5.51 15.57 6.20
C GLY A 136 5.25 14.11 5.92
N ARG A 137 3.98 13.76 5.83
CA ARG A 137 3.58 12.38 5.53
C ARG A 137 3.07 12.31 4.10
N THR A 138 3.20 13.43 3.41
CA THR A 138 2.80 13.59 2.02
C THR A 138 3.00 15.06 1.65
N LYS A 139 3.06 15.38 0.36
CA LYS A 139 3.37 16.75 -0.03
C LYS A 139 2.54 17.20 -1.23
N ASN A 140 1.37 17.76 -0.94
CA ASN A 140 0.48 18.36 -1.95
C ASN A 140 0.07 17.36 -3.03
N MET A 141 0.86 17.26 -4.09
CA MET A 141 0.55 16.39 -5.21
C MET A 141 1.43 15.15 -5.16
N VAL A 142 2.41 15.17 -4.26
CA VAL A 142 3.34 14.07 -4.13
C VAL A 142 2.86 13.08 -3.06
N PRO A 143 2.48 11.87 -3.50
CA PRO A 143 2.08 10.79 -2.60
C PRO A 143 3.28 10.22 -1.86
N SER A 144 3.03 9.30 -0.94
CA SER A 144 4.09 8.73 -0.14
C SER A 144 4.11 7.21 -0.25
N LEU A 145 5.30 6.65 -0.20
CA LEU A 145 5.48 5.21 -0.28
C LEU A 145 5.96 4.68 1.06
N LEU A 146 5.24 3.71 1.59
CA LEU A 146 5.58 3.12 2.87
C LEU A 146 6.35 1.83 2.67
N LEU A 147 7.52 1.76 3.28
CA LEU A 147 8.37 0.59 3.16
C LEU A 147 8.80 0.09 4.53
N ASP A 148 8.92 -1.23 4.65
CA ASP A 148 9.40 -1.86 5.88
C ASP A 148 10.93 -1.87 5.87
N THR A 149 11.49 -1.62 4.71
CA THR A 149 12.93 -1.61 4.52
C THR A 149 13.30 -0.44 3.60
N PRO A 150 14.36 0.32 3.96
CA PRO A 150 14.73 1.59 3.29
C PRO A 150 14.73 1.55 1.76
N GLN A 151 14.99 0.39 1.16
CA GLN A 151 14.96 0.29 -0.29
C GLN A 151 13.87 -0.68 -0.75
N ILE A 152 13.18 -0.32 -1.83
CA ILE A 152 12.02 -1.08 -2.30
C ILE A 152 12.34 -2.57 -2.47
N GLU A 153 13.43 -2.85 -3.19
CA GLU A 153 13.77 -4.20 -3.62
C GLU A 153 14.08 -5.15 -2.46
N THR A 154 14.14 -4.64 -1.25
CA THR A 154 14.43 -5.48 -0.10
C THR A 154 13.37 -5.30 0.98
N SER A 155 12.32 -4.55 0.67
CA SER A 155 11.24 -4.30 1.62
C SER A 155 10.27 -5.46 1.61
N SER A 156 9.87 -5.89 2.81
CA SER A 156 8.92 -6.97 2.96
C SER A 156 7.49 -6.44 2.83
N ILE A 157 7.33 -5.15 3.08
CA ILE A 157 6.02 -4.52 3.01
C ILE A 157 6.10 -3.25 2.17
N ILE A 158 5.33 -3.22 1.09
CA ILE A 158 5.26 -2.05 0.24
C ILE A 158 3.82 -1.54 0.18
N ALA A 159 3.61 -0.29 0.57
CA ALA A 159 2.29 0.30 0.52
C ALA A 159 2.34 1.73 0.01
N LEU A 160 1.33 2.13 -0.74
CA LEU A 160 1.26 3.48 -1.27
C LEU A 160 0.21 4.26 -0.49
N ASN A 161 0.62 5.34 0.14
CA ASN A 161 -0.31 6.11 0.96
C ASN A 161 -0.42 7.54 0.44
N HIS A 162 -1.60 8.10 0.60
CA HIS A 162 -1.82 9.50 0.23
C HIS A 162 -3.06 10.02 0.96
N GLY A 163 -2.99 11.24 1.43
CA GLY A 163 -4.13 11.87 2.04
C GLY A 163 -3.84 13.27 2.48
N PRO A 164 -4.78 13.93 3.15
CA PRO A 164 -4.47 15.05 4.03
C PRO A 164 -3.55 14.58 5.17
N VAL A 165 -3.06 15.51 5.97
CA VAL A 165 -2.04 15.22 6.98
C VAL A 165 -2.40 14.02 7.87
N ASN A 166 -3.66 13.93 8.30
CA ASN A 166 -4.08 12.85 9.19
C ASN A 166 -5.20 12.02 8.55
N ASP A 167 -5.29 12.08 7.23
CA ASP A 167 -6.32 11.35 6.51
C ASP A 167 -5.71 10.51 5.40
N ALA A 168 -4.53 9.99 5.68
CA ALA A 168 -3.80 9.17 4.72
C ALA A 168 -4.55 7.88 4.37
N GLU A 169 -4.75 7.69 3.08
CA GLU A 169 -5.29 6.44 2.56
C GLU A 169 -4.13 5.52 2.18
N ILE A 170 -4.04 4.37 2.82
CA ILE A 170 -2.92 3.47 2.61
C ILE A 170 -3.35 2.28 1.76
N SER A 171 -2.73 2.12 0.61
CA SER A 171 -3.02 1.00 -0.26
C SER A 171 -1.83 0.05 -0.29
N PHE A 172 -1.96 -1.07 0.43
CA PHE A 172 -0.89 -2.04 0.49
C PHE A 172 -0.75 -2.76 -0.85
N LEU A 173 0.45 -2.71 -1.40
CA LEU A 173 0.74 -3.42 -2.64
C LEU A 173 1.16 -4.83 -2.30
N THR A 174 1.47 -5.06 -1.03
CA THR A 174 1.88 -6.35 -0.55
C THR A 174 0.80 -6.96 0.33
N THR A 175 0.65 -8.27 0.26
CA THR A 175 -0.27 -9.00 1.13
C THR A 175 0.02 -8.69 2.59
N ILE A 176 -0.93 -8.03 3.25
CA ILE A 176 -0.76 -7.59 4.64
C ILE A 176 -0.53 -8.78 5.55
N PRO A 177 0.67 -8.88 6.15
CA PRO A 177 1.03 -10.00 7.04
C PRO A 177 0.03 -10.18 8.18
N LEU A 178 -0.34 -11.44 8.39
CA LEU A 178 -1.30 -11.83 9.42
C LEU A 178 -0.74 -11.50 10.81
N LYS A 179 0.58 -11.40 10.91
CA LYS A 179 1.23 -11.05 12.16
C LYS A 179 0.97 -9.59 12.54
N ASN A 180 0.64 -8.77 11.55
CA ASN A 180 0.38 -7.36 11.78
C ASN A 180 -1.11 -7.09 11.89
N VAL A 181 -1.91 -8.10 11.59
CA VAL A 181 -3.37 -7.99 11.62
C VAL A 181 -3.90 -8.18 13.03
N LYS A 182 -4.49 -7.14 13.59
CA LYS A 182 -5.03 -7.20 14.94
C LYS A 182 -6.52 -6.82 14.92
N PRO A 183 -7.27 -7.23 15.97
CA PRO A 183 -8.71 -6.96 16.07
C PRO A 183 -9.02 -5.52 16.47
N HIS A 184 -10.16 -5.02 16.01
CA HIS A 184 -10.64 -3.69 16.36
C HIS A 184 -12.16 -3.69 16.34
N LYS A 185 -12.76 -2.69 16.99
CA LYS A 185 -14.22 -2.52 16.98
C LYS A 185 -14.80 -2.64 15.57
#